data_4XEQ
#
_entry.id   4XEQ
#
_cell.length_a   83.750
_cell.length_b   73.600
_cell.length_c   100.210
_cell.angle_alpha   90.000
_cell.angle_beta   90.050
_cell.angle_gamma   90.000
#
_symmetry.space_group_name_H-M   'P 1 21 1'
#
loop_
_entity.id
_entity.type
_entity.pdbx_description
1 polymer 'TRAP dicarboxylate transporter, DctP subunit'
2 non-polymer PANTOATE
3 water water
#
_entity_poly.entity_id   1
_entity_poly.type   'polypeptide(L)'
_entity_poly.pdbx_seq_one_letter_code
;(MSE)HHHHHHSSGVDLGTENLYFQS(MSE)AEDITLAVVTKPGSAQYVCAERFAQLLAERSDKRFNVVLHHSASLGTET
DILQQVQLGAVQ(MSE)AIVTTGTLDAFVPE(MSE)AALDFPFLFTDTTTADRVLDGPVGRGLLDRLSTAGFKGLHFSEN
GFRHLTNSIRPV(MSE)TPDDVRGLKIRV(MSE)ESQVHRELWRTLGANPTP(MSE)GWPIYAELQQGTLDGQENPLWVI
AEYRLNEVQKHLSLTGHVYSTHTDLANLAWFEALPANDRRLLASC(MSE)QDAALWQRTWSRQRDAAYLEQLRTAG
(MSE)QVIERPDIATFRQRVQPLSGSALFEHKGVRKALEDL(MSE)AATRAR
;
_entity_poly.pdbx_strand_id   A,B,C,D
#
loop_
_chem_comp.id
_chem_comp.type
_chem_comp.name
_chem_comp.formula
PAF non-polymer PANTOATE 'C6 H11 O4 -1'
#
# COMPACT_ATOMS: atom_id res chain seq x y z
N ALA A 24 0.85 6.75 -9.92
CA ALA A 24 1.86 6.19 -9.02
C ALA A 24 2.05 7.10 -7.80
N GLU A 25 2.45 6.51 -6.68
CA GLU A 25 2.88 7.31 -5.55
C GLU A 25 4.38 7.49 -5.72
N ASP A 26 4.83 8.72 -5.71
CA ASP A 26 6.26 8.98 -5.80
C ASP A 26 6.86 8.81 -4.42
N ILE A 27 8.02 8.18 -4.35
CA ILE A 27 8.77 8.03 -3.12
C ILE A 27 10.15 8.65 -3.33
N THR A 28 10.54 9.60 -2.51
CA THR A 28 11.82 10.26 -2.68
C THR A 28 12.93 9.49 -1.96
N LEU A 29 13.98 9.13 -2.68
CA LEU A 29 15.10 8.44 -2.06
C LEU A 29 16.35 9.22 -2.35
N ALA A 30 17.11 9.56 -1.31
CA ALA A 30 18.34 10.31 -1.50
C ALA A 30 19.59 9.49 -1.28
N VAL A 31 20.61 9.74 -2.12
CA VAL A 31 21.97 9.30 -1.86
C VAL A 31 22.87 10.51 -2.05
N VAL A 32 24.09 10.46 -1.50
CA VAL A 32 24.99 11.61 -1.59
C VAL A 32 25.96 11.51 -2.78
N THR A 33 25.91 10.39 -3.49
CA THR A 33 26.87 10.12 -4.52
C THR A 33 26.24 10.08 -5.92
N LYS A 34 27.06 9.82 -6.93
CA LYS A 34 26.68 10.08 -8.32
C LYS A 34 26.48 8.77 -9.06
N PRO A 35 25.96 8.81 -10.30
CA PRO A 35 25.76 7.55 -11.03
C PRO A 35 27.04 6.71 -11.13
N GLY A 36 26.90 5.39 -11.08
CA GLY A 36 28.02 4.47 -11.04
C GLY A 36 28.62 4.24 -9.66
N SER A 37 28.20 5.02 -8.66
CA SER A 37 28.66 4.81 -7.28
C SER A 37 27.89 3.69 -6.60
N ALA A 38 28.48 3.07 -5.58
CA ALA A 38 27.86 1.93 -4.90
C ALA A 38 26.42 2.18 -4.41
N GLN A 39 26.17 3.22 -3.62
CA GLN A 39 24.79 3.39 -3.10
C GLN A 39 23.83 3.90 -4.18
N TYR A 40 24.35 4.57 -5.21
CA TYR A 40 23.53 4.95 -6.35
C TYR A 40 23.05 3.70 -7.07
N VAL A 41 23.94 2.76 -7.33
CA VAL A 41 23.55 1.54 -8.01
C VAL A 41 22.51 0.73 -7.19
N CYS A 42 22.71 0.65 -5.89
CA CYS A 42 21.75 -0.03 -5.04
C CYS A 42 20.38 0.64 -5.14
N ALA A 43 20.36 1.97 -5.08
CA ALA A 43 19.09 2.68 -5.14
C ALA A 43 18.39 2.46 -6.49
N GLU A 44 19.13 2.52 -7.59
CA GLU A 44 18.59 2.32 -8.92
C GLU A 44 17.97 0.95 -9.02
N ARG A 45 18.68 -0.05 -8.54
CA ARG A 45 18.19 -1.41 -8.62
C ARG A 45 16.91 -1.55 -7.80
N PHE A 46 16.88 -0.90 -6.66
CA PHE A 46 15.70 -0.90 -5.81
C PHE A 46 14.52 -0.25 -6.52
N ALA A 47 14.76 0.92 -7.10
CA ALA A 47 13.72 1.70 -7.76
C ALA A 47 13.17 0.86 -8.90
N GLN A 48 14.04 0.21 -9.65
CA GLN A 48 13.59 -0.69 -10.70
C GLN A 48 12.67 -1.80 -10.18
N LEU A 49 13.16 -2.57 -9.22
CA LEU A 49 12.41 -3.70 -8.69
C LEU A 49 11.09 -3.24 -8.11
N LEU A 50 11.10 -2.12 -7.43
CA LEU A 50 9.88 -1.63 -6.82
C LEU A 50 8.84 -1.31 -7.87
N ALA A 51 9.29 -0.69 -8.96
CA ALA A 51 8.38 -0.30 -10.03
C ALA A 51 7.79 -1.55 -10.65
N GLU A 52 8.63 -2.57 -10.85
CA GLU A 52 8.23 -3.85 -11.43
C GLU A 52 7.22 -4.58 -10.57
N ARG A 53 7.56 -4.77 -9.29
CA ARG A 53 6.76 -5.60 -8.39
C ARG A 53 5.49 -4.91 -7.94
N SER A 54 5.50 -3.58 -7.97
CA SER A 54 4.34 -2.82 -7.49
C SER A 54 3.37 -2.47 -8.63
N ASP A 55 3.62 -3.01 -9.82
CA ASP A 55 2.81 -2.68 -10.98
C ASP A 55 2.67 -1.18 -11.07
N LYS A 56 3.79 -0.49 -10.92
CA LYS A 56 3.83 0.94 -11.15
C LYS A 56 3.02 1.79 -10.18
N ARG A 57 2.60 1.19 -9.05
CA ARG A 57 1.91 1.90 -7.96
C ARG A 57 2.85 2.80 -7.17
N PHE A 58 4.13 2.51 -7.27
CA PHE A 58 5.15 3.34 -6.65
C PHE A 58 6.14 3.73 -7.69
N ASN A 59 6.69 4.90 -7.53
CA ASN A 59 7.71 5.36 -8.45
C ASN A 59 8.76 6.05 -7.65
N VAL A 60 9.98 5.49 -7.62
CA VAL A 60 11.06 6.04 -6.78
C VAL A 60 11.76 7.20 -7.48
N VAL A 61 11.88 8.30 -6.74
CA VAL A 61 12.49 9.53 -7.23
C VAL A 61 13.81 9.67 -6.51
N LEU A 62 14.89 9.34 -7.23
CA LEU A 62 16.23 9.38 -6.70
C LEU A 62 16.73 10.83 -6.65
N HIS A 63 17.20 11.26 -5.49
CA HIS A 63 17.98 12.49 -5.36
C HIS A 63 19.44 12.17 -5.03
N HIS A 64 20.37 12.78 -5.75
CA HIS A 64 21.73 12.29 -5.68
C HIS A 64 22.74 13.42 -5.69
N SER A 65 24.01 13.02 -5.73
CA SER A 65 25.14 13.95 -5.70
C SER A 65 24.92 14.93 -4.54
N ALA A 66 25.27 16.20 -4.69
CA ALA A 66 25.25 17.10 -3.52
C ALA A 66 23.97 17.94 -3.39
N SER A 67 22.92 17.51 -4.07
CA SER A 67 21.70 18.27 -4.14
C SER A 67 21.27 18.67 -2.75
N LEU A 68 21.23 17.68 -1.85
CA LEU A 68 20.59 17.83 -0.55
C LEU A 68 21.56 17.97 0.61
N GLY A 69 22.83 18.17 0.33
CA GLY A 69 23.83 18.32 1.36
C GLY A 69 24.61 17.05 1.66
N THR A 70 25.17 16.99 2.86
CA THR A 70 25.96 15.86 3.26
C THR A 70 25.03 14.70 3.61
N GLU A 71 25.60 13.51 3.85
CA GLU A 71 24.81 12.39 4.29
C GLU A 71 24.13 12.74 5.58
N THR A 72 24.73 13.61 6.36
CA THR A 72 24.15 13.96 7.63
C THR A 72 22.89 14.84 7.38
N ASP A 73 23.00 15.83 6.52
CA ASP A 73 21.83 16.63 6.13
C ASP A 73 20.72 15.72 5.61
N ILE A 74 21.08 14.81 4.72
CA ILE A 74 20.13 13.82 4.26
C ILE A 74 19.36 13.13 5.39
N LEU A 75 20.06 12.68 6.43
CA LEU A 75 19.43 11.94 7.49
C LEU A 75 18.42 12.80 8.21
N GLN A 76 18.76 14.07 8.40
CA GLN A 76 17.85 14.96 9.09
C GLN A 76 16.60 15.16 8.28
N GLN A 77 16.75 15.17 6.96
CA GLN A 77 15.63 15.35 6.06
C GLN A 77 14.74 14.11 6.08
N VAL A 78 15.35 12.94 6.11
CA VAL A 78 14.60 11.70 6.27
C VAL A 78 13.93 11.60 7.64
N GLN A 79 14.60 12.07 8.68
CA GLN A 79 14.05 12.06 10.01
C GLN A 79 12.84 13.00 10.04
N LEU A 80 12.93 14.11 9.33
CA LEU A 80 11.80 15.05 9.26
C LEU A 80 10.63 14.61 8.40
N GLY A 81 10.92 13.84 7.38
CA GLY A 81 9.88 13.27 6.57
C GLY A 81 9.83 14.00 5.26
N ALA A 82 10.72 14.97 5.05
CA ALA A 82 10.76 15.72 3.80
C ALA A 82 11.34 14.87 2.69
N VAL A 83 12.02 13.79 3.08
CA VAL A 83 12.54 12.77 2.18
C VAL A 83 12.11 11.44 2.78
N GLN A 84 11.66 10.51 1.96
CA GLN A 84 11.11 9.28 2.55
C GLN A 84 12.14 8.21 2.84
N MSE A 85 13.13 8.08 1.97
CA MSE A 85 14.09 7.00 2.07
C MSE A 85 15.47 7.49 1.72
O MSE A 85 15.63 8.44 1.03
CB MSE A 85 13.71 5.89 1.09
CG MSE A 85 12.35 5.32 1.37
SE MSE A 85 12.03 3.72 0.27
CE MSE A 85 13.46 2.50 0.95
H MSE A 85 13.27 8.61 1.31
HA MSE A 85 14.08 6.63 2.97
HB2 MSE A 85 13.70 6.26 0.20
HB3 MSE A 85 14.35 5.17 1.17
HG2 MSE A 85 12.29 5.07 2.30
HG3 MSE A 85 11.67 5.98 1.16
HE1 MSE A 85 13.40 1.67 0.48
HE2 MSE A 85 14.32 2.92 0.79
HE3 MSE A 85 13.33 2.37 1.89
N ALA A 86 16.49 6.78 2.22
CA ALA A 86 17.85 7.10 1.81
C ALA A 86 18.76 5.91 2.02
N ILE A 87 19.89 5.93 1.32
CA ILE A 87 20.96 4.97 1.54
C ILE A 87 22.20 5.79 1.88
N VAL A 88 22.72 5.59 3.08
CA VAL A 88 23.85 6.40 3.57
C VAL A 88 24.90 5.52 4.25
N THR A 89 26.15 5.96 4.23
CA THR A 89 27.18 5.25 4.94
C THR A 89 26.83 5.10 6.43
N THR A 90 26.96 3.89 6.93
CA THR A 90 26.46 3.56 8.25
C THR A 90 27.15 4.38 9.34
N GLY A 91 28.43 4.67 9.19
CA GLY A 91 29.10 5.42 10.22
C GLY A 91 28.41 6.74 10.54
N THR A 92 27.71 7.32 9.57
CA THR A 92 27.14 8.65 9.77
C THR A 92 25.96 8.59 10.78
N LEU A 93 25.42 7.39 10.97
CA LEU A 93 24.25 7.19 11.83
C LEU A 93 24.58 7.18 13.31
N ASP A 94 25.87 7.16 13.67
CA ASP A 94 26.18 7.01 15.09
C ASP A 94 25.95 8.31 15.88
N ALA A 95 25.72 9.41 15.18
CA ALA A 95 25.30 10.65 15.83
C ALA A 95 23.83 10.54 16.26
N PHE A 96 23.08 9.70 15.56
CA PHE A 96 21.65 9.53 15.76
C PHE A 96 21.35 8.39 16.72
N VAL A 97 22.16 7.34 16.67
CA VAL A 97 21.95 6.13 17.44
C VAL A 97 23.36 5.60 17.74
N PRO A 98 23.82 5.85 18.96
CA PRO A 98 25.20 5.54 19.36
C PRO A 98 25.63 4.10 19.06
N GLU A 99 24.76 3.12 19.28
CA GLU A 99 25.13 1.73 19.09
C GLU A 99 25.58 1.42 17.67
N MSE A 100 25.23 2.24 16.70
CA MSE A 100 25.66 1.97 15.33
C MSE A 100 27.19 2.05 15.16
O MSE A 100 27.74 1.45 14.24
CB MSE A 100 25.01 2.91 14.32
CG MSE A 100 23.49 2.87 14.37
SE MSE A 100 22.62 1.14 13.98
CE MSE A 100 22.95 0.99 12.04
H MSE A 100 24.75 2.95 16.80
HA MSE A 100 25.39 1.06 15.09
HB2 MSE A 100 25.29 3.82 14.50
HB3 MSE A 100 25.27 2.65 13.41
HG2 MSE A 100 23.21 3.15 15.26
HG3 MSE A 100 23.14 3.52 13.72
HE1 MSE A 100 22.57 0.17 11.71
HE2 MSE A 100 22.54 1.73 11.59
HE3 MSE A 100 23.90 0.99 11.89
N ALA A 101 27.84 2.81 16.04
CA ALA A 101 29.28 2.99 15.97
C ALA A 101 30.00 1.64 16.01
N ALA A 102 29.46 0.66 16.72
CA ALA A 102 30.18 -0.61 16.85
C ALA A 102 30.37 -1.28 15.48
N LEU A 103 29.56 -0.93 14.51
CA LEU A 103 29.63 -1.53 13.18
C LEU A 103 30.90 -1.08 12.42
N ASP A 104 31.37 0.10 12.77
CA ASP A 104 32.54 0.67 12.14
C ASP A 104 33.79 0.56 13.05
N PHE A 105 33.83 -0.47 13.90
CA PHE A 105 34.99 -0.73 14.75
C PHE A 105 36.07 -1.39 13.89
N PRO A 106 37.32 -0.95 14.04
CA PRO A 106 38.33 -1.44 13.11
C PRO A 106 38.54 -2.93 13.16
N PHE A 107 38.78 -3.56 12.01
CA PHE A 107 39.02 -5.01 11.88
C PHE A 107 37.96 -5.89 12.55
N LEU A 108 36.73 -5.40 12.58
CA LEU A 108 35.60 -6.23 13.01
C LEU A 108 35.37 -7.35 12.00
N PHE A 109 35.33 -6.97 10.73
CA PHE A 109 35.18 -7.87 9.60
C PHE A 109 36.45 -7.77 8.75
N THR A 110 36.95 -8.93 8.33
CA THR A 110 38.10 -8.99 7.44
C THR A 110 37.76 -9.80 6.18
N ASP A 111 36.54 -10.33 6.09
CA ASP A 111 36.02 -10.90 4.84
C ASP A 111 34.52 -10.63 4.68
N THR A 112 34.03 -10.59 3.44
CA THR A 112 32.61 -10.35 3.17
C THR A 112 31.67 -11.51 3.51
N THR A 113 32.17 -12.73 3.57
CA THR A 113 31.34 -13.90 3.87
C THR A 113 30.83 -13.82 5.30
N THR A 114 31.76 -13.52 6.19
CA THR A 114 31.45 -13.28 7.58
C THR A 114 30.58 -12.04 7.71
N ALA A 115 30.96 -10.95 7.06
CA ALA A 115 30.22 -9.72 7.15
C ALA A 115 28.78 -9.97 6.78
N ASP A 116 28.56 -10.61 5.64
CA ASP A 116 27.21 -10.77 5.16
C ASP A 116 26.39 -11.58 6.16
N ARG A 117 26.91 -12.70 6.60
CA ARG A 117 26.16 -13.53 7.51
C ARG A 117 25.78 -12.76 8.76
N VAL A 118 26.74 -12.03 9.32
CA VAL A 118 26.51 -11.35 10.58
C VAL A 118 25.56 -10.16 10.48
N LEU A 119 25.74 -9.34 9.44
CA LEU A 119 24.89 -8.18 9.18
C LEU A 119 23.48 -8.56 8.80
N ASP A 120 23.30 -9.67 8.11
CA ASP A 120 21.96 -10.08 7.67
C ASP A 120 21.27 -10.91 8.71
N GLY A 121 22.07 -11.36 9.69
CA GLY A 121 21.58 -12.20 10.75
C GLY A 121 21.01 -11.42 11.90
N PRO A 122 20.64 -12.11 12.98
CA PRO A 122 19.87 -11.45 14.05
C PRO A 122 20.57 -10.25 14.68
N VAL A 123 21.90 -10.21 14.71
CA VAL A 123 22.61 -9.10 15.35
C VAL A 123 22.48 -7.81 14.53
N GLY A 124 22.76 -7.90 13.24
CA GLY A 124 22.59 -6.74 12.39
C GLY A 124 21.13 -6.32 12.31
N ARG A 125 20.24 -7.29 12.23
CA ARG A 125 18.83 -6.99 12.15
C ARG A 125 18.38 -6.24 13.39
N GLY A 126 18.86 -6.62 14.56
CA GLY A 126 18.51 -5.92 15.78
C GLY A 126 19.03 -4.50 15.85
N LEU A 127 20.23 -4.28 15.30
CA LEU A 127 20.78 -2.92 15.15
C LEU A 127 19.97 -2.07 14.15
N LEU A 128 19.55 -2.66 13.03
CA LEU A 128 18.62 -1.97 12.10
C LEU A 128 17.29 -1.62 12.78
N ASP A 129 16.77 -2.53 13.59
CA ASP A 129 15.49 -2.31 14.29
C ASP A 129 15.60 -1.15 15.27
N ARG A 130 16.75 -1.00 15.88
CA ARG A 130 16.86 0.02 16.92
C ARG A 130 17.03 1.43 16.36
N LEU A 131 17.15 1.54 15.04
CA LEU A 131 17.08 2.84 14.37
C LEU A 131 15.69 3.51 14.56
N SER A 132 14.66 2.72 14.86
CA SER A 132 13.34 3.27 15.20
C SER A 132 13.40 4.29 16.33
N THR A 133 14.34 4.10 17.23
CA THR A 133 14.49 4.99 18.36
C THR A 133 14.78 6.40 17.86
N ALA A 134 15.38 6.54 16.69
CA ALA A 134 15.67 7.86 16.14
C ALA A 134 14.69 8.23 15.02
N GLY A 135 13.65 7.44 14.86
CA GLY A 135 12.64 7.75 13.87
C GLY A 135 12.96 7.19 12.50
N PHE A 136 13.84 6.19 12.40
CA PHE A 136 14.09 5.55 11.10
C PHE A 136 13.63 4.11 11.12
N LYS A 137 13.11 3.64 9.99
CA LYS A 137 12.97 2.21 9.76
C LYS A 137 14.22 1.72 9.03
N GLY A 138 14.94 0.80 9.64
CA GLY A 138 16.14 0.29 9.00
C GLY A 138 15.72 -0.90 8.17
N LEU A 139 16.05 -0.88 6.89
CA LEU A 139 15.61 -1.93 5.99
C LEU A 139 16.65 -3.01 5.75
N HIS A 140 17.88 -2.59 5.55
CA HIS A 140 18.95 -3.53 5.20
C HIS A 140 20.27 -2.78 5.23
N PHE A 141 21.34 -3.57 5.24
CA PHE A 141 22.68 -3.09 4.96
C PHE A 141 23.07 -3.38 3.52
N SER A 142 23.72 -2.42 2.88
CA SER A 142 24.25 -2.66 1.55
C SER A 142 25.74 -2.38 1.57
N GLU A 143 26.43 -2.54 0.45
CA GLU A 143 27.90 -2.48 0.56
C GLU A 143 28.49 -1.17 0.14
N ASN A 144 29.38 -0.65 0.96
CA ASN A 144 30.25 0.42 0.54
C ASN A 144 31.60 -0.23 0.24
N GLY A 145 32.24 -0.82 1.25
CA GLY A 145 33.46 -1.59 1.06
C GLY A 145 34.49 -1.48 2.18
N PHE A 146 35.54 -2.28 2.09
CA PHE A 146 36.73 -2.09 2.93
C PHE A 146 37.35 -0.72 2.66
N ARG A 147 37.56 0.06 3.73
CA ARG A 147 38.15 1.39 3.59
C ARG A 147 39.69 1.26 3.60
N HIS A 148 40.35 1.99 2.69
CA HIS A 148 41.80 2.02 2.61
C HIS A 148 42.30 3.44 2.72
N LEU A 149 43.50 3.61 3.24
CA LEU A 149 44.06 4.92 3.52
C LEU A 149 44.82 5.49 2.34
N THR A 150 44.57 6.77 2.04
CA THR A 150 45.34 7.47 1.02
C THR A 150 45.88 8.80 1.54
N ASN A 151 47.00 9.23 0.98
CA ASN A 151 47.58 10.53 1.33
C ASN A 151 48.61 11.08 0.32
N SER A 152 49.00 12.33 0.55
CA SER A 152 49.83 13.14 -0.37
C SER A 152 51.23 13.38 0.16
N ILE A 153 51.54 12.78 1.31
CA ILE A 153 52.72 13.13 2.12
C ILE A 153 53.83 12.03 2.13
N ARG A 154 53.47 10.77 2.33
CA ARG A 154 54.45 9.69 2.33
C ARG A 154 53.77 8.34 2.27
N PRO A 155 54.51 7.28 1.88
CA PRO A 155 53.91 5.96 1.96
C PRO A 155 53.57 5.59 3.39
N VAL A 156 52.59 4.70 3.58
CA VAL A 156 52.26 4.22 4.94
C VAL A 156 52.29 2.71 5.07
N MSE A 157 53.16 2.25 5.95
CA MSE A 157 53.32 0.85 6.28
C MSE A 157 52.79 0.52 7.67
O MSE A 157 52.22 -0.56 7.89
CB MSE A 157 54.79 0.53 6.33
CG MSE A 157 55.46 0.57 5.01
SE MSE A 157 55.36 -1.20 4.31
CE MSE A 157 56.78 -2.00 5.38
H MSE A 157 53.71 2.76 6.38
HA MSE A 157 52.88 0.29 5.61
HB2 MSE A 157 55.24 1.17 6.90
HB3 MSE A 157 54.91 -0.36 6.69
HG2 MSE A 157 54.98 1.18 4.41
HG3 MSE A 157 56.39 0.83 5.10
HE1 MSE A 157 56.86 -2.93 5.14
HE2 MSE A 157 57.60 -1.54 5.21
HE3 MSE A 157 56.55 -1.92 6.31
N THR A 158 53.09 1.40 8.61
CA THR A 158 52.69 1.18 10.00
C THR A 158 52.06 2.42 10.56
N PRO A 159 51.36 2.26 11.70
CA PRO A 159 50.72 3.40 12.36
C PRO A 159 51.68 4.53 12.61
N ASP A 160 52.95 4.23 12.88
CA ASP A 160 53.94 5.28 13.05
C ASP A 160 53.98 6.19 11.86
N ASP A 161 53.71 5.63 10.68
CA ASP A 161 53.79 6.41 9.43
C ASP A 161 52.69 7.46 9.30
N VAL A 162 51.62 7.30 10.07
CA VAL A 162 50.52 8.26 9.98
C VAL A 162 50.63 9.37 11.02
N ARG A 163 51.66 9.33 11.86
CA ARG A 163 51.75 10.37 12.87
C ARG A 163 51.74 11.75 12.25
N GLY A 164 50.79 12.58 12.71
CA GLY A 164 50.69 13.96 12.32
C GLY A 164 49.77 14.24 11.15
N LEU A 165 49.47 13.21 10.34
CA LEU A 165 48.83 13.45 9.04
C LEU A 165 47.42 14.01 9.21
N LYS A 166 47.04 14.96 8.38
CA LYS A 166 45.70 15.54 8.49
C LYS A 166 44.76 14.68 7.66
N ILE A 167 44.23 13.64 8.28
CA ILE A 167 43.38 12.69 7.57
C ILE A 167 41.89 13.04 7.76
N ARG A 168 41.21 13.27 6.63
CA ARG A 168 39.76 13.47 6.60
C ARG A 168 39.05 12.22 7.04
N VAL A 169 38.08 12.35 7.92
CA VAL A 169 37.23 11.22 8.26
C VAL A 169 35.78 11.67 8.10
N MSE A 170 34.85 10.72 8.00
CA MSE A 170 33.42 11.07 7.95
C MSE A 170 33.00 11.77 9.24
O MSE A 170 33.74 11.80 10.23
CB MSE A 170 32.56 9.83 7.74
CG MSE A 170 32.88 8.99 6.50
SE MSE A 170 31.55 7.54 6.22
CE MSE A 170 32.32 6.24 7.50
H MSE A 170 35.01 9.88 7.96
HA MSE A 170 33.27 11.69 7.19
HB2 MSE A 170 32.65 9.26 8.51
HB3 MSE A 170 31.63 10.13 7.66
HG2 MSE A 170 32.87 9.57 5.72
HG3 MSE A 170 33.76 8.58 6.61
HE1 MSE A 170 31.78 5.44 7.49
HE2 MSE A 170 33.21 6.03 7.24
HE3 MSE A 170 32.31 6.62 8.37
N GLU A 171 31.80 12.33 9.25
CA GLU A 171 31.26 12.91 10.45
C GLU A 171 30.68 11.76 11.24
N SER A 172 31.57 11.09 11.97
CA SER A 172 31.24 9.93 12.78
C SER A 172 32.19 9.92 13.94
N GLN A 173 31.65 9.68 15.13
CA GLN A 173 32.46 9.69 16.32
C GLN A 173 33.50 8.59 16.29
N VAL A 174 33.09 7.38 15.93
CA VAL A 174 34.01 6.26 16.01
C VAL A 174 35.23 6.49 15.10
N HIS A 175 35.01 7.10 13.92
CA HIS A 175 36.09 7.30 12.95
C HIS A 175 37.06 8.37 13.36
N ARG A 176 36.55 9.44 13.95
CA ARG A 176 37.43 10.46 14.46
C ARG A 176 38.31 9.85 15.54
N GLU A 177 37.72 9.15 16.52
CA GLU A 177 38.50 8.57 17.63
C GLU A 177 39.51 7.50 17.14
N LEU A 178 39.06 6.63 16.25
CA LEU A 178 39.90 5.64 15.58
C LEU A 178 41.20 6.29 15.08
N TRP A 179 41.07 7.35 14.29
CA TRP A 179 42.25 7.96 13.69
C TRP A 179 43.02 8.85 14.65
N ARG A 180 42.40 9.28 15.72
CA ARG A 180 43.11 9.92 16.83
C ARG A 180 43.96 8.91 17.58
N THR A 181 43.37 7.75 17.82
CA THR A 181 44.03 6.65 18.51
C THR A 181 45.30 6.20 17.77
N LEU A 182 45.25 6.15 16.43
CA LEU A 182 46.40 5.77 15.61
C LEU A 182 47.45 6.88 15.50
N GLY A 183 47.12 8.06 16.02
CA GLY A 183 48.06 9.16 16.04
C GLY A 183 47.98 10.14 14.88
N ALA A 184 46.92 10.07 14.06
CA ALA A 184 46.73 11.02 12.96
C ALA A 184 46.08 12.27 13.56
N ASN A 185 45.97 13.34 12.79
CA ASN A 185 45.11 14.47 13.18
C ASN A 185 43.84 14.47 12.34
N PRO A 186 42.82 13.74 12.77
CA PRO A 186 41.68 13.57 11.87
C PRO A 186 40.77 14.79 11.79
N THR A 187 40.15 15.00 10.64
CA THR A 187 39.15 16.06 10.56
C THR A 187 37.86 15.54 9.95
N PRO A 188 36.79 15.52 10.75
CA PRO A 188 35.49 15.05 10.27
C PRO A 188 34.92 16.01 9.26
N MSE A 189 34.36 15.48 8.20
CA MSE A 189 33.82 16.38 7.22
C MSE A 189 32.95 15.64 6.24
O MSE A 189 33.23 14.52 5.85
CB MSE A 189 35.01 17.06 6.59
CG MSE A 189 34.82 17.60 5.24
SE MSE A 189 36.50 18.43 4.77
CE MSE A 189 36.96 19.29 6.49
H MSE A 189 34.28 14.64 8.03
HA MSE A 189 33.29 17.05 7.68
HB2 MSE A 189 35.26 17.82 7.16
HB3 MSE A 189 35.74 16.43 6.56
HG2 MSE A 189 34.63 16.88 4.62
HG3 MSE A 189 34.12 18.27 5.23
HE1 MSE A 189 37.79 19.75 6.40
HE2 MSE A 189 36.26 19.91 6.71
HE3 MSE A 189 37.02 18.62 7.17
N GLY A 190 31.82 16.28 5.90
CA GLY A 190 30.86 15.76 4.95
C GLY A 190 31.46 15.60 3.55
N TRP A 191 30.90 14.68 2.77
CA TRP A 191 31.26 14.53 1.38
C TRP A 191 30.67 15.71 0.58
N PRO A 192 31.38 16.19 -0.48
CA PRO A 192 32.68 15.73 -1.04
C PRO A 192 33.87 16.43 -0.39
N ILE A 193 35.08 16.03 -0.78
CA ILE A 193 36.29 16.47 -0.10
C ILE A 193 37.43 16.81 -1.07
N TYR A 194 37.18 16.74 -2.37
CA TYR A 194 38.28 16.74 -3.35
C TYR A 194 39.08 18.04 -3.35
N ALA A 195 38.37 19.14 -3.18
CA ALA A 195 39.03 20.43 -3.21
C ALA A 195 40.03 20.56 -2.08
N GLU A 196 39.60 20.26 -0.86
CA GLU A 196 40.50 20.22 0.30
C GLU A 196 41.75 19.37 0.02
N LEU A 197 41.58 18.19 -0.54
CA LEU A 197 42.72 17.34 -0.84
C LEU A 197 43.64 18.00 -1.83
N GLN A 198 43.08 18.59 -2.89
CA GLN A 198 43.89 19.19 -3.93
C GLN A 198 44.56 20.48 -3.45
N GLN A 199 43.89 21.19 -2.56
CA GLN A 199 44.42 22.43 -2.03
C GLN A 199 45.41 22.13 -0.94
N GLY A 200 45.50 20.85 -0.56
CA GLY A 200 46.54 20.39 0.38
C GLY A 200 46.20 20.66 1.82
N THR A 201 45.04 21.26 2.05
CA THR A 201 44.55 21.58 3.37
C THR A 201 44.39 20.31 4.21
N LEU A 202 44.02 19.21 3.54
CA LEU A 202 44.08 17.88 4.15
C LEU A 202 45.14 17.05 3.46
N ASP A 203 45.87 16.21 4.19
CA ASP A 203 46.90 15.33 3.61
C ASP A 203 46.32 14.04 2.98
N GLY A 204 45.26 13.49 3.55
CA GLY A 204 44.68 12.25 3.06
C GLY A 204 43.26 12.01 3.52
N GLN A 205 42.75 10.82 3.19
CA GLN A 205 41.42 10.41 3.55
C GLN A 205 41.46 8.91 3.47
N GLU A 206 40.30 8.27 3.59
CA GLU A 206 40.24 6.82 3.56
C GLU A 206 38.85 6.38 3.10
N ASN A 207 38.79 5.33 2.30
CA ASN A 207 37.54 4.97 1.66
C ASN A 207 37.80 3.71 0.86
N PRO A 208 36.75 3.02 0.44
CA PRO A 208 36.95 1.89 -0.48
C PRO A 208 37.53 2.29 -1.85
N LEU A 209 37.98 1.29 -2.59
CA LEU A 209 38.63 1.53 -3.88
C LEU A 209 37.73 2.17 -4.92
N TRP A 210 36.45 1.80 -4.96
CA TRP A 210 35.52 2.40 -5.91
C TRP A 210 35.45 3.88 -5.71
N VAL A 211 35.41 4.32 -4.44
CA VAL A 211 35.35 5.75 -4.18
C VAL A 211 36.60 6.47 -4.70
N ILE A 212 37.77 5.95 -4.36
CA ILE A 212 39.03 6.55 -4.77
C ILE A 212 39.12 6.73 -6.30
N ALA A 213 38.72 5.69 -7.03
CA ALA A 213 38.68 5.72 -8.49
C ALA A 213 37.57 6.65 -9.02
N GLU A 214 36.31 6.35 -8.68
CA GLU A 214 35.15 7.02 -9.29
C GLU A 214 35.16 8.51 -9.01
N TYR A 215 35.76 8.93 -7.91
CA TYR A 215 35.86 10.35 -7.61
C TYR A 215 37.25 10.90 -7.90
N ARG A 216 38.07 10.11 -8.61
CA ARG A 216 39.38 10.54 -9.09
C ARG A 216 40.34 11.02 -8.01
N LEU A 217 40.30 10.39 -6.86
CA LEU A 217 41.07 10.88 -5.75
C LEU A 217 42.53 10.66 -6.06
N ASN A 218 42.85 9.71 -6.93
CA ASN A 218 44.24 9.54 -7.38
C ASN A 218 44.88 10.84 -7.90
N GLU A 219 44.06 11.76 -8.39
CA GLU A 219 44.56 13.02 -8.93
C GLU A 219 45.14 13.92 -7.86
N VAL A 220 44.76 13.66 -6.61
CA VAL A 220 45.18 14.56 -5.54
C VAL A 220 45.83 13.80 -4.38
N GLN A 221 46.14 12.53 -4.63
CA GLN A 221 46.67 11.61 -3.61
C GLN A 221 47.70 10.70 -4.26
N LYS A 222 48.93 10.83 -3.81
CA LYS A 222 50.01 10.03 -4.38
C LYS A 222 49.98 8.60 -3.85
N HIS A 223 49.59 8.45 -2.58
CA HIS A 223 49.79 7.20 -1.86
C HIS A 223 48.51 6.47 -1.49
N LEU A 224 48.56 5.14 -1.53
CA LEU A 224 47.48 4.29 -1.10
C LEU A 224 48.07 3.15 -0.33
N SER A 225 47.49 2.82 0.82
CA SER A 225 47.86 1.60 1.55
C SER A 225 46.62 0.76 1.74
N LEU A 226 46.73 -0.55 1.52
CA LEU A 226 45.57 -1.45 1.64
C LEU A 226 45.39 -1.93 3.09
N THR A 227 45.03 -0.98 3.94
CA THR A 227 44.85 -1.25 5.35
C THR A 227 43.57 -2.07 5.65
N GLY A 228 42.49 -1.79 4.92
CA GLY A 228 41.25 -2.53 5.05
C GLY A 228 40.76 -2.41 6.49
N HIS A 229 40.95 -1.21 7.04
CA HIS A 229 40.82 -0.95 8.47
C HIS A 229 39.40 -1.01 9.00
N VAL A 230 38.42 -0.65 8.17
CA VAL A 230 37.02 -0.69 8.54
C VAL A 230 36.24 -1.32 7.39
N TYR A 231 35.33 -2.22 7.67
CA TYR A 231 34.46 -2.70 6.62
C TYR A 231 33.20 -1.83 6.69
N SER A 232 33.05 -0.97 5.68
CA SER A 232 32.05 0.08 5.65
C SER A 232 30.81 -0.41 4.91
N THR A 233 29.66 -0.28 5.55
CA THR A 233 28.41 -0.57 4.90
C THR A 233 27.67 0.73 4.68
N HIS A 234 26.67 0.66 3.79
CA HIS A 234 25.56 1.58 3.75
C HIS A 234 24.37 0.99 4.52
N THR A 235 23.60 1.90 5.12
CA THR A 235 22.31 1.56 5.70
C THR A 235 21.21 2.05 4.77
N ASP A 236 20.25 1.17 4.45
CA ASP A 236 19.13 1.51 3.56
C ASP A 236 17.99 1.74 4.52
N LEU A 237 17.44 2.95 4.56
CA LEU A 237 16.40 3.22 5.57
C LEU A 237 15.25 4.09 5.06
N ALA A 238 14.24 4.27 5.90
CA ALA A 238 13.06 5.07 5.57
C ALA A 238 12.63 5.86 6.78
N ASN A 239 11.84 6.91 6.58
CA ASN A 239 11.19 7.63 7.69
C ASN A 239 10.25 6.62 8.36
N LEU A 240 10.34 6.47 9.68
CA LEU A 240 9.58 5.43 10.34
C LEU A 240 8.06 5.66 10.22
N ALA A 241 7.62 6.88 10.48
CA ALA A 241 6.18 7.15 10.46
C ALA A 241 5.59 6.93 9.07
N TRP A 242 6.31 7.35 8.04
CA TRP A 242 5.80 7.21 6.69
C TRP A 242 5.74 5.74 6.33
N PHE A 243 6.75 4.99 6.73
CA PHE A 243 6.83 3.60 6.34
C PHE A 243 5.75 2.76 7.02
N GLU A 244 5.52 3.00 8.29
CA GLU A 244 4.55 2.21 9.03
C GLU A 244 3.10 2.56 8.71
N ALA A 245 2.87 3.68 8.00
CA ALA A 245 1.52 4.09 7.60
C ALA A 245 1.11 3.45 6.30
N LEU A 246 2.08 2.85 5.61
CA LEU A 246 1.80 2.02 4.44
C LEU A 246 1.13 0.72 4.87
N PRO A 247 0.26 0.14 4.03
CA PRO A 247 -0.34 -1.16 4.29
C PRO A 247 0.73 -2.21 4.49
N ALA A 248 0.45 -3.27 5.23
CA ALA A 248 1.50 -4.24 5.56
C ALA A 248 2.05 -4.91 4.31
N ASN A 249 1.23 -5.14 3.31
CA ASN A 249 1.73 -5.81 2.13
C ASN A 249 2.72 -4.93 1.38
N ASP A 250 2.54 -3.61 1.45
CA ASP A 250 3.47 -2.69 0.81
C ASP A 250 4.74 -2.53 1.62
N ARG A 251 4.63 -2.61 2.95
CA ARG A 251 5.81 -2.59 3.79
C ARG A 251 6.64 -3.82 3.43
N ARG A 252 5.97 -4.96 3.26
CA ARG A 252 6.66 -6.17 2.86
C ARG A 252 7.29 -6.06 1.49
N LEU A 253 6.55 -5.48 0.57
CA LEU A 253 6.98 -5.26 -0.80
C LEU A 253 8.26 -4.41 -0.87
N LEU A 254 8.28 -3.30 -0.15
CA LEU A 254 9.46 -2.47 -0.10
C LEU A 254 10.67 -3.17 0.52
N ALA A 255 10.50 -3.87 1.63
CA ALA A 255 11.61 -4.57 2.23
C ALA A 255 12.16 -5.61 1.25
N SER A 256 11.26 -6.31 0.57
CA SER A 256 11.63 -7.34 -0.38
C SER A 256 12.54 -6.80 -1.49
N CYS A 257 12.12 -5.67 -2.06
CA CYS A 257 12.90 -4.97 -3.10
C CYS A 257 14.26 -4.44 -2.59
N MSE A 258 14.29 -3.83 -1.42
CA MSE A 258 15.54 -3.33 -0.89
C MSE A 258 16.44 -4.50 -0.54
O MSE A 258 17.63 -4.43 -0.71
CB MSE A 258 15.31 -2.46 0.33
CG MSE A 258 16.58 -1.81 0.84
SE MSE A 258 17.33 -0.69 -0.58
CE MSE A 258 16.25 0.92 -0.36
H MSE A 258 13.61 -3.69 -0.91
HA MSE A 258 15.97 -2.79 -1.58
HB2 MSE A 258 14.69 -1.75 0.10
HB3 MSE A 258 14.95 -3.00 1.04
HG2 MSE A 258 16.37 -1.24 1.60
HG3 MSE A 258 17.22 -2.49 1.08
HE1 MSE A 258 16.52 1.56 -1.01
HE2 MSE A 258 15.32 0.69 -0.49
HE3 MSE A 258 16.37 1.26 0.52
N GLN A 259 15.91 -5.59 -0.02
CA GLN A 259 16.79 -6.70 0.31
C GLN A 259 17.43 -7.24 -0.98
N ASP A 260 16.64 -7.42 -2.02
CA ASP A 260 17.18 -7.91 -3.29
C ASP A 260 18.14 -6.90 -3.95
N ALA A 261 17.81 -5.63 -3.89
CA ALA A 261 18.73 -4.59 -4.37
C ALA A 261 20.11 -4.63 -3.69
N ALA A 262 20.12 -4.66 -2.37
CA ALA A 262 21.35 -4.75 -1.58
C ALA A 262 22.17 -5.99 -1.93
N LEU A 263 21.51 -7.12 -2.09
CA LEU A 263 22.22 -8.35 -2.43
C LEU A 263 22.82 -8.28 -3.82
N TRP A 264 22.01 -7.80 -4.77
CA TRP A 264 22.44 -7.51 -6.15
C TRP A 264 23.65 -6.55 -6.21
N GLN A 265 23.58 -5.46 -5.47
CA GLN A 265 24.65 -4.48 -5.48
C GLN A 265 25.92 -5.00 -4.84
N ARG A 266 25.83 -5.80 -3.78
CA ARG A 266 27.04 -6.38 -3.19
C ARG A 266 27.79 -7.07 -4.29
N THR A 267 27.09 -7.88 -5.08
CA THR A 267 27.77 -8.66 -6.10
C THR A 267 28.35 -7.75 -7.17
N TRP A 268 27.58 -6.75 -7.55
CA TRP A 268 27.95 -5.81 -8.61
C TRP A 268 29.23 -5.13 -8.21
N SER A 269 29.24 -4.53 -7.04
CA SER A 269 30.43 -3.86 -6.55
C SER A 269 31.64 -4.79 -6.38
N ARG A 270 31.43 -5.98 -5.85
CA ARG A 270 32.57 -6.83 -5.53
C ARG A 270 33.22 -7.37 -6.81
N GLN A 271 32.44 -7.44 -7.88
CA GLN A 271 32.95 -7.80 -9.21
C GLN A 271 33.89 -6.75 -9.77
N ARG A 272 33.83 -5.53 -9.25
CA ARG A 272 34.56 -4.44 -9.85
C ARG A 272 35.80 -4.02 -9.07
N ASP A 273 35.92 -4.52 -7.85
CA ASP A 273 37.03 -4.16 -6.98
C ASP A 273 38.38 -4.37 -7.61
N ALA A 274 38.57 -5.56 -8.16
CA ALA A 274 39.83 -5.92 -8.81
C ALA A 274 40.19 -4.92 -9.86
N ALA A 275 39.24 -4.59 -10.74
CA ALA A 275 39.51 -3.64 -11.81
C ALA A 275 39.85 -2.26 -11.25
N TYR A 276 39.18 -1.84 -10.18
CA TYR A 276 39.51 -0.56 -9.58
C TYR A 276 40.96 -0.50 -9.15
N LEU A 277 41.42 -1.49 -8.39
CA LEU A 277 42.84 -1.52 -7.97
C LEU A 277 43.74 -1.34 -9.19
N GLU A 278 43.53 -2.13 -10.22
CA GLU A 278 44.43 -2.06 -11.36
C GLU A 278 44.31 -0.69 -12.02
N GLN A 279 43.08 -0.18 -12.15
CA GLN A 279 42.90 1.14 -12.71
C GLN A 279 43.76 2.15 -11.96
N LEU A 280 43.77 2.05 -10.65
CA LEU A 280 44.46 3.05 -9.84
C LEU A 280 45.97 2.89 -9.96
N ARG A 281 46.41 1.66 -10.11
CA ARG A 281 47.81 1.35 -10.33
C ARG A 281 48.25 1.95 -11.67
N THR A 282 47.45 1.69 -12.69
CA THR A 282 47.74 2.17 -14.03
C THR A 282 47.78 3.68 -14.02
N ALA A 283 46.98 4.28 -13.15
CA ALA A 283 46.91 5.73 -13.04
C ALA A 283 48.15 6.33 -12.33
N GLY A 284 48.97 5.47 -11.75
CA GLY A 284 50.22 5.92 -11.17
C GLY A 284 50.24 6.05 -9.67
N MSE A 285 49.21 5.57 -8.97
CA MSE A 285 49.25 5.68 -7.53
C MSE A 285 50.33 4.76 -6.99
O MSE A 285 50.53 3.67 -7.50
CB MSE A 285 47.92 5.30 -6.93
CG MSE A 285 47.11 6.48 -6.61
SE MSE A 285 45.54 5.93 -5.60
CE MSE A 285 45.54 7.29 -4.17
H MSE A 285 48.51 5.19 -9.30
HA MSE A 285 49.46 6.60 -7.27
HB2 MSE A 285 47.44 4.75 -7.56
HB3 MSE A 285 48.08 4.81 -6.11
HG2 MSE A 285 47.62 7.10 -6.08
HG3 MSE A 285 46.81 6.91 -7.44
HE1 MSE A 285 44.80 7.13 -3.58
HE2 MSE A 285 46.37 7.24 -3.68
HE3 MSE A 285 45.45 8.16 -4.57
N GLN A 286 51.06 5.22 -6.00
CA GLN A 286 51.99 4.32 -5.33
C GLN A 286 51.21 3.50 -4.33
N VAL A 287 51.16 2.18 -4.52
CA VAL A 287 50.35 1.31 -3.69
C VAL A 287 51.23 0.41 -2.81
N ILE A 288 50.95 0.48 -1.50
CA ILE A 288 51.47 -0.47 -0.54
C ILE A 288 50.38 -1.51 -0.27
N GLU A 289 50.61 -2.72 -0.77
CA GLU A 289 49.57 -3.72 -0.86
C GLU A 289 49.40 -4.56 0.42
N ARG A 290 50.42 -4.56 1.25
CA ARG A 290 50.43 -5.33 2.46
C ARG A 290 51.11 -4.45 3.49
N PRO A 291 50.39 -3.45 3.99
CA PRO A 291 51.02 -2.69 5.08
C PRO A 291 51.04 -3.52 6.38
N ASP A 292 51.69 -2.99 7.39
CA ASP A 292 51.81 -3.69 8.67
C ASP A 292 50.49 -3.82 9.42
N ILE A 293 49.68 -4.80 9.09
CA ILE A 293 48.34 -4.92 9.67
C ILE A 293 48.31 -5.35 11.16
N ALA A 294 49.20 -6.26 11.57
CA ALA A 294 49.30 -6.63 12.98
C ALA A 294 49.64 -5.46 13.88
N THR A 295 50.50 -4.58 13.43
CA THR A 295 50.79 -3.41 14.22
C THR A 295 49.68 -2.39 14.17
N PHE A 296 48.93 -2.38 13.06
CA PHE A 296 47.74 -1.55 13.00
C PHE A 296 46.74 -2.03 14.02
N ARG A 297 46.41 -3.32 13.99
CA ARG A 297 45.52 -3.87 15.00
C ARG A 297 45.96 -3.52 16.42
N GLN A 298 47.21 -3.79 16.77
CA GLN A 298 47.61 -3.47 18.14
C GLN A 298 47.35 -2.01 18.47
N ARG A 299 47.66 -1.12 17.55
CA ARG A 299 47.56 0.29 17.89
C ARG A 299 46.10 0.77 18.09
N VAL A 300 45.14 0.03 17.55
CA VAL A 300 43.73 0.42 17.69
C VAL A 300 43.13 -0.20 18.93
N GLN A 301 43.87 -1.07 19.61
CA GLN A 301 43.37 -1.77 20.81
C GLN A 301 42.72 -0.86 21.90
N PRO A 302 43.31 0.31 22.21
CA PRO A 302 42.71 1.16 23.25
C PRO A 302 41.36 1.80 22.87
N LEU A 303 40.96 1.70 21.60
CA LEU A 303 39.73 2.31 21.14
C LEU A 303 38.52 1.70 21.83
N SER A 304 38.63 0.46 22.29
CA SER A 304 37.47 -0.19 22.88
C SER A 304 37.21 0.30 24.29
N GLY A 305 38.11 1.15 24.79
CA GLY A 305 37.90 1.86 26.03
C GLY A 305 37.73 3.35 25.78
N SER A 306 37.32 3.69 24.56
CA SER A 306 37.19 5.09 24.23
C SER A 306 35.99 5.63 24.98
N ALA A 307 35.87 6.96 25.01
CA ALA A 307 34.72 7.59 25.62
C ALA A 307 33.49 6.92 25.01
N LEU A 308 33.43 6.95 23.70
CA LEU A 308 32.31 6.35 23.00
C LEU A 308 32.08 4.94 23.49
N PHE A 309 33.11 4.11 23.35
CA PHE A 309 32.93 2.67 23.59
C PHE A 309 32.72 2.23 25.04
N GLU A 310 32.88 3.14 25.98
CA GLU A 310 32.56 2.82 27.38
C GLU A 310 31.06 2.71 27.58
N HIS A 311 30.29 3.40 26.75
CA HIS A 311 28.85 3.35 26.86
C HIS A 311 28.38 1.91 26.76
N LYS A 312 27.50 1.55 27.68
CA LYS A 312 26.93 0.22 27.72
C LYS A 312 26.38 -0.28 26.38
N GLY A 313 25.34 0.38 25.90
CA GLY A 313 24.69 -0.02 24.66
C GLY A 313 25.70 -0.29 23.56
N VAL A 314 26.63 0.64 23.36
CA VAL A 314 27.65 0.56 22.31
C VAL A 314 28.57 -0.67 22.51
N ARG A 315 29.14 -0.82 23.70
CA ARG A 315 30.00 -1.96 24.00
C ARG A 315 29.29 -3.31 23.87
N LYS A 316 28.06 -3.41 24.34
CA LYS A 316 27.33 -4.66 24.18
C LYS A 316 27.06 -4.98 22.71
N ALA A 317 26.77 -3.94 21.90
CA ALA A 317 26.62 -4.09 20.44
C ALA A 317 27.95 -4.59 19.78
N LEU A 318 29.07 -4.00 20.18
CA LEU A 318 30.38 -4.48 19.73
C LEU A 318 30.62 -5.93 20.11
N GLU A 319 30.31 -6.27 21.36
CA GLU A 319 30.49 -7.64 21.83
C GLU A 319 29.60 -8.61 21.10
N ASP A 320 28.35 -8.25 20.90
CA ASP A 320 27.42 -9.13 20.17
C ASP A 320 27.92 -9.34 18.74
N LEU A 321 28.40 -8.27 18.10
CA LEU A 321 28.93 -8.38 16.74
C LEU A 321 30.15 -9.30 16.69
N MSE A 322 31.13 -9.07 17.57
CA MSE A 322 32.33 -9.89 17.55
C MSE A 322 32.03 -11.35 17.83
O MSE A 322 32.57 -12.21 17.17
CB MSE A 322 33.33 -9.36 18.56
CG MSE A 322 34.01 -8.12 18.12
SE MSE A 322 35.26 -7.63 19.47
CE MSE A 322 36.16 -6.24 18.47
H MSE A 322 31.10 -8.47 18.18
HA MSE A 322 32.74 -9.82 16.68
HB2 MSE A 322 32.86 -9.16 19.39
HB3 MSE A 322 34.00 -10.03 18.72
HG2 MSE A 322 34.49 -8.29 17.29
HG3 MSE A 322 33.37 -7.40 18.01
HE1 MSE A 322 36.86 -5.86 19.01
HE2 MSE A 322 36.54 -6.63 17.67
HE3 MSE A 322 35.53 -5.56 18.23
N ALA A 323 31.14 -11.61 18.78
CA ALA A 323 30.75 -12.98 19.10
C ALA A 323 30.22 -13.68 17.87
N ALA A 324 29.39 -12.96 17.11
CA ALA A 324 28.76 -13.51 15.92
C ALA A 324 29.80 -13.87 14.83
N THR A 325 30.92 -13.15 14.78
CA THR A 325 31.90 -13.47 13.74
C THR A 325 32.53 -14.84 14.00
N ARG A 326 32.46 -15.30 15.24
CA ARG A 326 33.07 -16.57 15.62
C ARG A 326 32.10 -17.75 15.58
N ALA B 24 -6.95 -27.07 13.68
CA ALA B 24 -6.19 -26.69 12.49
C ALA B 24 -6.49 -27.68 11.39
N GLU B 25 -6.77 -27.20 10.17
CA GLU B 25 -6.97 -28.07 9.01
C GLU B 25 -5.60 -28.46 8.46
N ASP B 26 -5.31 -29.75 8.40
CA ASP B 26 -4.10 -30.27 7.78
C ASP B 26 -4.20 -30.08 6.27
N ILE B 27 -3.18 -29.48 5.67
CA ILE B 27 -3.03 -29.43 4.23
C ILE B 27 -1.82 -30.23 3.84
N THR B 28 -2.00 -31.27 3.02
CA THR B 28 -0.87 -32.02 2.51
C THR B 28 -0.26 -31.30 1.31
N LEU B 29 1.07 -31.21 1.32
CA LEU B 29 1.83 -30.57 0.25
C LEU B 29 2.95 -31.52 -0.10
N ALA B 30 3.12 -31.80 -1.38
CA ALA B 30 4.14 -32.77 -1.82
C ALA B 30 5.25 -32.14 -2.67
N VAL B 31 6.49 -32.55 -2.41
CA VAL B 31 7.63 -32.23 -3.26
C VAL B 31 8.38 -33.52 -3.45
N VAL B 32 9.19 -33.63 -4.50
CA VAL B 32 9.87 -34.90 -4.81
C VAL B 32 11.31 -34.92 -4.25
N THR B 33 11.78 -33.79 -3.72
CA THR B 33 13.13 -33.67 -3.24
C THR B 33 13.22 -33.64 -1.70
N LYS B 34 14.44 -33.49 -1.19
CA LYS B 34 14.75 -33.71 0.21
C LYS B 34 15.01 -32.40 0.93
N PRO B 35 15.15 -32.42 2.25
CA PRO B 35 15.46 -31.15 2.91
C PRO B 35 16.72 -30.46 2.37
N GLY B 36 16.65 -29.14 2.25
CA GLY B 36 17.77 -28.37 1.74
C GLY B 36 17.62 -28.06 0.25
N SER B 37 16.72 -28.75 -0.43
CA SER B 37 16.49 -28.51 -1.85
C SER B 37 15.64 -27.24 -2.06
N ALA B 38 15.61 -26.74 -3.30
CA ALA B 38 14.88 -25.50 -3.63
C ALA B 38 13.40 -25.56 -3.30
N GLN B 39 12.70 -26.56 -3.83
CA GLN B 39 11.24 -26.61 -3.63
C GLN B 39 10.85 -26.99 -2.19
N TYR B 40 11.68 -27.81 -1.54
CA TYR B 40 11.42 -28.15 -0.15
C TYR B 40 11.53 -26.86 0.72
N VAL B 41 12.55 -26.06 0.46
CA VAL B 41 12.79 -24.82 1.17
C VAL B 41 11.65 -23.83 0.93
N CYS B 42 11.22 -23.72 -0.32
CA CYS B 42 10.04 -22.91 -0.62
C CYS B 42 8.82 -23.44 0.13
N ALA B 43 8.63 -24.75 0.15
CA ALA B 43 7.49 -25.35 0.87
C ALA B 43 7.51 -24.99 2.36
N GLU B 44 8.69 -25.02 2.96
CA GLU B 44 8.84 -24.72 4.38
C GLU B 44 8.57 -23.27 4.69
N ARG B 45 9.01 -22.39 3.83
CA ARG B 45 8.70 -21.00 4.05
C ARG B 45 7.21 -20.75 3.93
N PHE B 46 6.56 -21.50 3.02
CA PHE B 46 5.12 -21.35 2.84
C PHE B 46 4.40 -21.77 4.12
N ALA B 47 4.75 -22.95 4.63
CA ALA B 47 4.08 -23.47 5.81
C ALA B 47 4.32 -22.52 6.99
N GLN B 48 5.52 -21.99 7.11
CA GLN B 48 5.87 -21.06 8.17
C GLN B 48 5.07 -19.76 8.12
N LEU B 49 5.05 -19.11 6.96
CA LEU B 49 4.21 -17.93 6.79
C LEU B 49 2.73 -18.25 6.99
N LEU B 50 2.28 -19.39 6.45
CA LEU B 50 0.85 -19.71 6.53
C LEU B 50 0.43 -19.88 7.98
N ALA B 51 1.21 -20.62 8.74
CA ALA B 51 0.92 -20.81 10.14
C ALA B 51 0.88 -19.48 10.87
N GLU B 52 1.93 -18.68 10.75
CA GLU B 52 1.91 -17.27 11.20
C GLU B 52 0.54 -16.66 10.94
N ARG B 53 0.32 -16.38 9.66
CA ARG B 53 -0.70 -15.45 9.26
C ARG B 53 -2.11 -15.96 9.48
N SER B 54 -2.25 -17.27 9.68
CA SER B 54 -3.57 -17.85 9.80
C SER B 54 -3.91 -18.11 11.26
N ASP B 55 -2.98 -17.77 12.15
CA ASP B 55 -3.21 -17.92 13.58
C ASP B 55 -3.42 -19.39 13.86
N LYS B 56 -2.67 -20.24 13.16
CA LYS B 56 -2.77 -21.67 13.32
C LYS B 56 -4.12 -22.27 12.88
N ARG B 57 -4.79 -21.63 11.92
CA ARG B 57 -5.96 -22.26 11.35
C ARG B 57 -5.56 -23.32 10.34
N PHE B 58 -4.37 -23.18 9.79
CA PHE B 58 -3.89 -24.15 8.80
C PHE B 58 -2.56 -24.75 9.21
N ASN B 59 -2.44 -26.05 8.99
CA ASN B 59 -1.22 -26.78 9.24
C ASN B 59 -0.79 -27.52 8.00
N VAL B 60 0.36 -27.14 7.43
CA VAL B 60 0.86 -27.84 6.24
C VAL B 60 1.63 -29.10 6.63
N VAL B 61 1.26 -30.22 6.02
CA VAL B 61 1.88 -31.52 6.25
C VAL B 61 2.67 -31.87 5.04
N LEU B 62 3.99 -31.79 5.15
CA LEU B 62 4.88 -31.84 4.01
C LEU B 62 5.33 -33.27 3.72
N HIS B 63 4.95 -33.75 2.54
CA HIS B 63 5.45 -35.03 2.03
C HIS B 63 6.63 -34.76 1.10
N HIS B 64 7.76 -35.44 1.32
CA HIS B 64 8.96 -35.14 0.56
C HIS B 64 9.73 -36.37 0.10
N SER B 65 10.78 -36.12 -0.70
CA SER B 65 11.64 -37.14 -1.29
C SER B 65 10.89 -38.09 -2.26
N ALA B 66 11.15 -39.39 -2.24
CA ALA B 66 10.49 -40.27 -3.23
C ALA B 66 9.25 -40.99 -2.65
N SER B 67 8.75 -40.44 -1.54
CA SER B 67 7.70 -41.05 -0.77
C SER B 67 6.41 -41.24 -1.57
N LEU B 68 6.18 -40.39 -2.58
CA LEU B 68 4.98 -40.47 -3.40
C LEU B 68 5.33 -40.68 -4.88
N GLY B 69 6.49 -41.26 -5.14
CA GLY B 69 6.90 -41.46 -6.52
C GLY B 69 7.51 -40.22 -7.14
N THR B 70 7.35 -40.10 -8.45
CA THR B 70 7.99 -39.05 -9.23
C THR B 70 7.12 -37.79 -9.21
N GLU B 71 7.59 -36.71 -9.82
CA GLU B 71 6.76 -35.54 -9.90
C GLU B 71 5.51 -35.83 -10.73
N THR B 72 5.61 -36.72 -11.71
CA THR B 72 4.41 -37.00 -12.48
C THR B 72 3.41 -37.81 -11.61
N ASP B 73 3.88 -38.69 -10.72
CA ASP B 73 3.00 -39.37 -9.78
C ASP B 73 2.35 -38.37 -8.80
N ILE B 74 3.16 -37.46 -8.31
CA ILE B 74 2.65 -36.44 -7.46
C ILE B 74 1.55 -35.64 -8.15
N LEU B 75 1.81 -35.06 -9.31
CA LEU B 75 0.78 -34.28 -9.99
C LEU B 75 -0.54 -35.05 -10.13
N GLN B 76 -0.47 -36.34 -10.41
CA GLN B 76 -1.68 -37.16 -10.49
C GLN B 76 -2.42 -37.32 -9.16
N GLN B 77 -1.70 -37.42 -8.06
CA GLN B 77 -2.33 -37.48 -6.75
C GLN B 77 -3.02 -36.16 -6.41
N VAL B 78 -2.43 -35.03 -6.82
CA VAL B 78 -3.02 -33.73 -6.55
C VAL B 78 -4.28 -33.57 -7.41
N GLN B 79 -4.17 -34.00 -8.67
CA GLN B 79 -5.29 -33.97 -9.56
C GLN B 79 -6.47 -34.71 -8.93
N LEU B 80 -6.20 -35.88 -8.38
CA LEU B 80 -7.22 -36.69 -7.70
C LEU B 80 -7.78 -36.11 -6.42
N GLY B 81 -7.01 -35.25 -5.75
CA GLY B 81 -7.39 -34.74 -4.45
C GLY B 81 -6.80 -35.45 -3.25
N ALA B 82 -6.00 -36.48 -3.47
CA ALA B 82 -5.40 -37.23 -2.37
C ALA B 82 -4.39 -36.35 -1.67
N VAL B 83 -3.71 -35.51 -2.46
CA VAL B 83 -2.80 -34.46 -1.96
C VAL B 83 -3.40 -33.09 -2.32
N GLN B 84 -3.33 -32.14 -1.41
CA GLN B 84 -3.96 -30.83 -1.64
C GLN B 84 -3.10 -29.88 -2.43
N MSE B 85 -1.79 -29.94 -2.23
CA MSE B 85 -0.90 -29.02 -2.88
C MSE B 85 0.41 -29.70 -3.23
O MSE B 85 0.73 -30.76 -2.71
CB MSE B 85 -0.60 -27.82 -1.99
CG MSE B 85 -1.83 -27.08 -1.56
SE MSE B 85 -1.40 -25.50 -0.45
CE MSE B 85 -0.50 -24.39 -1.83
H MSE B 85 -1.41 -30.51 -1.71
HA MSE B 85 -1.32 -28.68 -3.71
HB2 MSE B 85 -0.15 -28.14 -1.18
HB3 MSE B 85 -0.03 -27.21 -2.46
HG2 MSE B 85 -2.31 -26.78 -2.35
HG3 MSE B 85 -2.40 -27.66 -1.04
HE1 MSE B 85 -0.22 -23.56 -1.43
HE2 MSE B 85 0.26 -24.86 -2.16
HE3 MSE B 85 -1.12 -24.22 -2.54
N ALA B 86 1.14 -29.09 -4.16
CA ALA B 86 2.48 -29.55 -4.50
C ALA B 86 3.31 -28.39 -5.03
N ILE B 87 4.61 -28.59 -5.05
CA ILE B 87 5.53 -27.72 -5.78
C ILE B 87 6.36 -28.65 -6.67
N VAL B 88 6.23 -28.49 -7.99
CA VAL B 88 6.91 -29.38 -8.94
C VAL B 88 7.55 -28.61 -10.10
N THR B 89 8.61 -29.18 -10.65
CA THR B 89 9.27 -28.62 -11.79
C THR B 89 8.25 -28.44 -12.92
N THR B 90 8.20 -27.25 -13.49
CA THR B 90 7.16 -26.87 -14.43
C THR B 90 7.14 -27.80 -15.61
N GLY B 91 8.32 -28.19 -16.07
CA GLY B 91 8.41 -29.07 -17.21
C GLY B 91 7.51 -30.29 -17.17
N THR B 92 7.30 -30.83 -15.98
CA THR B 92 6.49 -32.04 -15.85
C THR B 92 4.96 -31.78 -16.05
N LEU B 93 4.56 -30.53 -16.09
CA LEU B 93 3.16 -30.16 -16.28
C LEU B 93 2.73 -30.29 -17.71
N ASP B 94 3.72 -30.37 -18.60
CA ASP B 94 3.45 -30.27 -20.01
C ASP B 94 2.58 -31.45 -20.47
N ALA B 95 2.73 -32.60 -19.85
CA ALA B 95 1.89 -33.74 -20.23
C ALA B 95 0.42 -33.51 -19.90
N PHE B 96 0.16 -32.58 -18.98
CA PHE B 96 -1.18 -32.28 -18.53
C PHE B 96 -1.78 -31.07 -19.25
N VAL B 97 -0.97 -30.05 -19.46
CA VAL B 97 -1.42 -28.82 -20.06
C VAL B 97 -0.35 -28.41 -21.04
N PRO B 98 -0.53 -28.75 -22.30
CA PRO B 98 0.58 -28.52 -23.23
C PRO B 98 1.03 -27.07 -23.37
N GLU B 99 0.21 -26.05 -23.17
CA GLU B 99 0.71 -24.68 -23.28
C GLU B 99 1.93 -24.46 -22.40
N MSE B 100 2.04 -25.23 -21.33
CA MSE B 100 3.12 -25.00 -20.34
C MSE B 100 4.50 -25.19 -20.93
O MSE B 100 5.47 -24.57 -20.48
CB MSE B 100 2.98 -25.94 -19.15
CG MSE B 100 1.66 -25.81 -18.43
SE MSE B 100 1.28 -24.00 -17.78
CE MSE B 100 2.42 -23.99 -16.15
H MSE B 100 1.52 -25.89 -21.13
HA MSE B 100 3.04 -24.08 -20.01
HB2 MSE B 100 3.05 -26.85 -19.46
HB3 MSE B 100 3.68 -25.75 -18.52
HG2 MSE B 100 0.95 -26.06 -19.03
HG3 MSE B 100 1.67 -26.40 -17.66
HE1 MSE B 100 2.34 -23.14 -15.71
HE2 MSE B 100 2.13 -24.70 -15.56
HE3 MSE B 100 3.33 -24.14 -16.41
N ALA B 101 4.58 -26.03 -21.97
CA ALA B 101 5.84 -26.36 -22.59
C ALA B 101 6.61 -25.13 -23.06
N ALA B 102 5.91 -24.03 -23.37
CA ALA B 102 6.55 -22.79 -23.83
C ALA B 102 7.54 -22.24 -22.79
N LEU B 103 7.20 -22.40 -21.52
CA LEU B 103 8.03 -21.92 -20.43
C LEU B 103 9.41 -22.56 -20.43
N ASP B 104 9.48 -23.77 -20.98
CA ASP B 104 10.71 -24.52 -20.95
C ASP B 104 11.38 -24.50 -22.34
N PHE B 105 11.04 -23.48 -23.15
CA PHE B 105 11.73 -23.26 -24.42
C PHE B 105 13.19 -22.79 -24.17
N PRO B 106 14.17 -23.31 -24.94
CA PRO B 106 15.56 -22.93 -24.66
C PRO B 106 15.88 -21.46 -24.90
N PHE B 107 16.69 -20.91 -24.00
CA PHE B 107 17.15 -19.52 -24.03
C PHE B 107 15.99 -18.57 -24.13
N LEU B 108 14.86 -18.97 -23.55
CA LEU B 108 13.74 -18.06 -23.43
C LEU B 108 14.12 -16.82 -22.60
N PHE B 109 14.72 -17.04 -21.44
CA PHE B 109 15.06 -15.94 -20.52
C PHE B 109 16.58 -15.77 -20.40
N THR B 110 17.01 -14.51 -20.45
CA THR B 110 18.44 -14.21 -20.43
C THR B 110 19.01 -14.20 -19.02
N ASP B 111 18.12 -13.90 -18.08
CA ASP B 111 18.52 -13.70 -16.71
C ASP B 111 17.28 -13.82 -15.86
N THR B 112 17.46 -13.80 -14.55
CA THR B 112 16.33 -13.82 -13.59
C THR B 112 15.58 -12.50 -13.50
N THR B 113 16.23 -11.40 -13.77
CA THR B 113 15.52 -10.13 -13.68
C THR B 113 14.35 -10.22 -14.67
N THR B 114 14.67 -10.58 -15.89
CA THR B 114 13.71 -10.80 -16.95
C THR B 114 12.70 -11.88 -16.61
N ALA B 115 13.16 -13.02 -16.11
CA ALA B 115 12.27 -14.13 -15.89
C ALA B 115 11.29 -13.81 -14.79
N ASP B 116 11.74 -13.20 -13.70
CA ASP B 116 10.80 -12.89 -12.61
C ASP B 116 9.69 -11.96 -13.10
N ARG B 117 10.05 -10.91 -13.83
CA ARG B 117 9.09 -9.92 -14.31
C ARG B 117 8.03 -10.52 -15.24
N VAL B 118 8.45 -11.38 -16.14
CA VAL B 118 7.52 -12.06 -17.05
C VAL B 118 6.67 -13.10 -16.33
N LEU B 119 7.31 -13.96 -15.56
CA LEU B 119 6.62 -15.07 -14.89
C LEU B 119 5.56 -14.57 -13.91
N ASP B 120 5.83 -13.44 -13.26
CA ASP B 120 4.92 -12.90 -12.26
C ASP B 120 3.97 -11.87 -12.88
N GLY B 121 4.19 -11.55 -14.16
CA GLY B 121 3.33 -10.63 -14.87
C GLY B 121 2.16 -11.33 -15.55
N PRO B 122 1.40 -10.60 -16.37
CA PRO B 122 0.17 -11.09 -17.00
C PRO B 122 0.33 -12.42 -17.73
N VAL B 123 1.44 -12.61 -18.43
CA VAL B 123 1.60 -13.79 -19.26
C VAL B 123 1.74 -15.01 -18.39
N GLY B 124 2.67 -14.93 -17.46
CA GLY B 124 2.90 -16.00 -16.52
C GLY B 124 1.63 -16.35 -15.76
N ARG B 125 0.95 -15.32 -15.27
CA ARG B 125 -0.29 -15.56 -14.52
C ARG B 125 -1.37 -16.21 -15.38
N GLY B 126 -1.43 -15.89 -16.67
CA GLY B 126 -2.40 -16.47 -17.57
C GLY B 126 -2.11 -17.95 -17.75
N LEU B 127 -0.83 -18.30 -17.79
CA LEU B 127 -0.47 -19.70 -17.92
C LEU B 127 -0.82 -20.50 -16.66
N LEU B 128 -0.52 -19.95 -15.49
CA LEU B 128 -0.99 -20.53 -14.23
C LEU B 128 -2.54 -20.68 -14.22
N ASP B 129 -3.26 -19.65 -14.61
CA ASP B 129 -4.72 -19.80 -14.72
C ASP B 129 -5.15 -21.02 -15.57
N ARG B 130 -4.57 -21.15 -16.77
CA ARG B 130 -4.88 -22.29 -17.64
C ARG B 130 -4.67 -23.67 -17.01
N LEU B 131 -3.90 -23.77 -15.93
CA LEU B 131 -3.79 -25.03 -15.24
C LEU B 131 -5.15 -25.53 -14.76
N SER B 132 -6.12 -24.61 -14.61
CA SER B 132 -7.49 -24.97 -14.26
C SER B 132 -8.11 -26.04 -15.12
N THR B 133 -7.71 -26.06 -16.38
CA THR B 133 -8.27 -27.02 -17.32
C THR B 133 -7.81 -28.44 -16.98
N ALA B 134 -6.75 -28.60 -16.20
CA ALA B 134 -6.35 -29.95 -15.81
C ALA B 134 -6.63 -30.23 -14.32
N GLY B 135 -7.37 -29.32 -13.67
CA GLY B 135 -7.95 -29.55 -12.36
C GLY B 135 -7.04 -29.04 -11.26
N PHE B 136 -6.12 -28.15 -11.62
CA PHE B 136 -5.18 -27.53 -10.68
C PHE B 136 -5.50 -26.06 -10.53
N LYS B 137 -5.26 -25.53 -9.34
CA LYS B 137 -5.17 -24.08 -9.15
C LYS B 137 -3.68 -23.67 -9.18
N GLY B 138 -3.27 -22.88 -10.15
CA GLY B 138 -1.88 -22.48 -10.20
C GLY B 138 -1.71 -21.23 -9.37
N LEU B 139 -0.79 -21.26 -8.42
CA LEU B 139 -0.67 -20.14 -7.49
C LEU B 139 0.48 -19.21 -7.81
N HIS B 140 1.63 -19.78 -8.15
CA HIS B 140 2.83 -18.99 -8.39
C HIS B 140 3.93 -19.88 -8.99
N PHE B 141 4.93 -19.24 -9.59
CA PHE B 141 6.16 -19.92 -9.99
C PHE B 141 7.23 -19.64 -8.94
N SER B 142 8.08 -20.63 -8.70
CA SER B 142 9.23 -20.42 -7.84
C SER B 142 10.51 -20.88 -8.57
N GLU B 143 11.64 -20.77 -7.91
CA GLU B 143 12.91 -20.94 -8.59
C GLU B 143 13.44 -22.37 -8.52
N ASN B 144 13.68 -22.98 -9.68
CA ASN B 144 14.55 -24.15 -9.76
C ASN B 144 15.93 -23.65 -10.22
N GLY B 145 16.02 -22.99 -11.38
CA GLY B 145 17.23 -22.35 -11.85
C GLY B 145 17.57 -22.57 -13.34
N PHE B 146 18.64 -21.96 -13.84
CA PHE B 146 19.12 -22.31 -15.18
C PHE B 146 19.72 -23.70 -15.13
N ARG B 147 19.39 -24.52 -16.12
CA ARG B 147 19.85 -25.91 -16.15
C ARG B 147 21.17 -26.00 -16.91
N HIS B 148 22.11 -26.74 -16.34
CA HIS B 148 23.41 -26.96 -16.93
C HIS B 148 23.70 -28.44 -17.20
N LEU B 149 24.47 -28.71 -18.25
CA LEU B 149 24.74 -30.06 -18.71
C LEU B 149 25.92 -30.69 -18.00
N THR B 150 25.71 -31.90 -17.49
CA THR B 150 26.82 -32.71 -17.01
C THR B 150 26.87 -34.04 -17.78
N ASN B 151 28.07 -34.63 -17.83
CA ASN B 151 28.23 -35.96 -18.40
C ASN B 151 29.55 -36.64 -17.99
N SER B 152 29.64 -37.94 -18.30
CA SER B 152 30.73 -38.79 -17.87
C SER B 152 31.73 -38.97 -18.99
N ILE B 153 31.40 -38.51 -20.20
CA ILE B 153 32.16 -38.91 -21.37
C ILE B 153 33.20 -37.92 -21.84
N ARG B 154 32.82 -36.67 -22.01
CA ARG B 154 33.77 -35.71 -22.55
C ARG B 154 33.36 -34.27 -22.29
N PRO B 155 34.32 -33.33 -22.30
CA PRO B 155 33.89 -31.95 -22.11
C PRO B 155 32.88 -31.54 -23.15
N VAL B 156 32.09 -30.49 -22.91
CA VAL B 156 31.15 -30.02 -23.92
C VAL B 156 31.21 -28.54 -24.10
N MSE B 157 31.56 -28.16 -25.30
CA MSE B 157 31.69 -26.78 -25.66
C MSE B 157 30.65 -26.33 -26.69
O MSE B 157 30.23 -25.18 -26.69
CB MSE B 157 33.03 -26.63 -26.33
CG MSE B 157 34.14 -26.76 -25.37
SE MSE B 157 34.58 -24.96 -24.87
CE MSE B 157 35.84 -24.69 -26.32
H MSE B 157 31.75 -28.71 -25.94
HA MSE B 157 31.65 -26.22 -24.87
HB2 MSE B 157 33.14 -27.32 -27.00
HB3 MSE B 157 33.09 -25.75 -26.74
HG2 MSE B 157 33.84 -27.25 -24.58
HG3 MSE B 157 34.90 -27.18 -25.79
HE1 MSE B 157 36.20 -23.80 -26.24
HE2 MSE B 157 36.55 -25.34 -26.24
HE3 MSE B 157 35.38 -24.80 -27.15
N THR B 158 30.30 -27.25 -27.59
CA THR B 158 29.41 -26.98 -28.69
C THR B 158 28.49 -28.16 -28.88
N PRO B 159 27.36 -27.93 -29.54
CA PRO B 159 26.46 -29.06 -29.77
C PRO B 159 27.18 -30.28 -30.33
N ASP B 160 28.17 -30.09 -31.18
CA ASP B 160 28.80 -31.25 -31.79
C ASP B 160 29.25 -32.21 -30.70
N ASP B 161 29.71 -31.67 -29.60
CA ASP B 161 30.30 -32.51 -28.57
C ASP B 161 29.28 -33.41 -27.91
N VAL B 162 27.99 -33.14 -28.11
CA VAL B 162 26.96 -33.94 -27.43
C VAL B 162 26.38 -34.97 -28.34
N ARG B 163 26.88 -35.02 -29.58
CA ARG B 163 26.39 -36.00 -30.52
C ARG B 163 26.38 -37.39 -29.86
N GLY B 164 25.21 -38.02 -29.88
CA GLY B 164 25.05 -39.36 -29.41
C GLY B 164 25.18 -39.59 -27.91
N LEU B 165 25.22 -38.53 -27.12
CA LEU B 165 25.33 -38.74 -25.66
C LEU B 165 23.98 -39.15 -25.12
N LYS B 166 23.97 -40.18 -24.29
CA LYS B 166 22.73 -40.64 -23.68
C LYS B 166 22.43 -39.76 -22.47
N ILE B 167 21.62 -38.73 -22.72
CA ILE B 167 21.34 -37.70 -21.74
C ILE B 167 19.96 -37.92 -21.11
N ARG B 168 19.92 -38.05 -19.80
CA ARG B 168 18.62 -38.12 -19.14
C ARG B 168 17.94 -36.77 -19.29
N VAL B 169 16.65 -36.77 -19.59
CA VAL B 169 15.84 -35.59 -19.45
C VAL B 169 14.65 -35.88 -18.54
N MSE B 170 14.02 -34.84 -17.99
CA MSE B 170 12.76 -35.03 -17.28
C MSE B 170 11.69 -35.63 -18.20
O MSE B 170 11.84 -35.69 -19.42
CB MSE B 170 12.26 -33.70 -16.76
CG MSE B 170 13.26 -32.95 -15.91
SE MSE B 170 12.43 -31.44 -14.99
CE MSE B 170 12.51 -30.17 -16.51
H MSE B 170 14.31 -34.03 -18.02
HA MSE B 170 12.90 -35.62 -16.52
HB2 MSE B 170 12.03 -33.13 -17.51
HB3 MSE B 170 11.47 -33.85 -16.21
HG2 MSE B 170 13.63 -33.55 -15.24
HG3 MSE B 170 13.97 -32.61 -16.47
HE1 MSE B 170 12.13 -29.33 -16.24
HE2 MSE B 170 13.43 -30.05 -16.77
HE3 MSE B 170 12.01 -30.54 -17.24
N GLU B 171 10.60 -36.10 -17.61
CA GLU B 171 9.50 -36.64 -18.39
C GLU B 171 8.70 -35.46 -18.92
N SER B 172 9.20 -34.87 -19.99
CA SER B 172 8.69 -33.63 -20.59
C SER B 172 9.07 -33.70 -22.06
N GLN B 173 8.08 -33.55 -22.93
CA GLN B 173 8.32 -33.81 -24.33
C GLN B 173 9.23 -32.73 -24.97
N VAL B 174 9.00 -31.47 -24.60
CA VAL B 174 9.84 -30.38 -25.11
C VAL B 174 11.31 -30.67 -24.78
N HIS B 175 11.57 -31.24 -23.59
CA HIS B 175 12.94 -31.55 -23.20
C HIS B 175 13.51 -32.69 -24.05
N ARG B 176 12.71 -33.72 -24.30
CA ARG B 176 13.19 -34.77 -25.18
C ARG B 176 13.50 -34.18 -26.53
N GLU B 177 12.65 -33.27 -27.02
CA GLU B 177 12.81 -32.75 -28.37
C GLU B 177 14.03 -31.84 -28.46
N LEU B 178 14.20 -31.02 -27.43
CA LEU B 178 15.35 -30.16 -27.34
C LEU B 178 16.60 -30.99 -27.53
N TRP B 179 16.77 -32.03 -26.73
CA TRP B 179 18.02 -32.79 -26.78
C TRP B 179 18.13 -33.64 -28.04
N ARG B 180 17.01 -34.15 -28.54
CA ARG B 180 17.08 -34.84 -29.81
C ARG B 180 17.63 -33.85 -30.88
N THR B 181 17.08 -32.64 -30.93
CA THR B 181 17.45 -31.61 -31.90
C THR B 181 18.97 -31.29 -31.84
N LEU B 182 19.52 -31.30 -30.64
CA LEU B 182 20.94 -31.03 -30.46
C LEU B 182 21.82 -32.25 -30.81
N GLY B 183 21.20 -33.31 -31.31
CA GLY B 183 21.97 -34.43 -31.77
C GLY B 183 22.32 -35.40 -30.66
N ALA B 184 21.87 -35.13 -29.43
CA ALA B 184 22.10 -36.05 -28.32
C ALA B 184 21.09 -37.18 -28.42
N ASN B 185 21.18 -38.12 -27.50
CA ASN B 185 20.31 -39.29 -27.48
C ASN B 185 19.57 -39.37 -26.14
N PRO B 186 18.63 -38.45 -25.92
CA PRO B 186 18.02 -38.24 -24.60
C PRO B 186 17.12 -39.38 -24.15
N THR B 187 17.05 -39.59 -22.84
CA THR B 187 16.16 -40.57 -22.24
C THR B 187 15.36 -39.93 -21.13
N PRO B 188 14.01 -39.85 -21.30
CA PRO B 188 13.12 -39.35 -20.24
C PRO B 188 13.11 -40.29 -19.05
N MSE B 189 13.38 -39.74 -17.87
CA MSE B 189 13.30 -40.53 -16.66
C MSE B 189 12.87 -39.64 -15.51
O MSE B 189 13.34 -38.51 -15.41
CB MSE B 189 14.64 -41.17 -16.33
CG MSE B 189 14.58 -42.11 -15.12
SE MSE B 189 16.26 -43.00 -14.59
CE MSE B 189 17.15 -43.20 -16.34
H MSE B 189 13.62 -38.92 -17.75
HA MSE B 189 12.64 -41.25 -16.77
HB2 MSE B 189 14.94 -41.69 -17.09
HB3 MSE B 189 15.29 -40.46 -16.14
HG2 MSE B 189 14.28 -41.59 -14.35
HG3 MSE B 189 13.93 -42.80 -15.30
HE1 MSE B 189 17.99 -43.63 -16.22
HE2 MSE B 189 16.58 -43.73 -16.92
HE3 MSE B 189 17.27 -42.32 -16.72
N GLY B 190 12.00 -40.16 -14.64
CA GLY B 190 11.61 -39.44 -13.43
C GLY B 190 12.74 -39.42 -12.40
N TRP B 191 12.63 -38.53 -11.43
CA TRP B 191 13.62 -38.43 -10.36
C TRP B 191 13.37 -39.52 -9.29
N PRO B 192 14.45 -40.08 -8.68
CA PRO B 192 15.90 -39.80 -8.86
C PRO B 192 16.64 -40.68 -9.89
N ILE B 193 17.85 -40.26 -10.27
CA ILE B 193 18.60 -40.85 -11.39
C ILE B 193 20.07 -41.19 -11.07
N TYR B 194 20.48 -41.13 -9.80
CA TYR B 194 21.89 -41.28 -9.42
C TYR B 194 22.46 -42.63 -9.84
N ALA B 195 21.73 -43.70 -9.52
CA ALA B 195 22.23 -45.06 -9.76
C ALA B 195 22.53 -45.30 -11.24
N GLU B 196 21.68 -44.77 -12.11
CA GLU B 196 21.85 -44.97 -13.56
C GLU B 196 23.07 -44.21 -14.11
N LEU B 197 23.30 -43.02 -13.58
CA LEU B 197 24.53 -42.29 -13.86
C LEU B 197 25.73 -43.05 -13.28
N GLN B 198 25.55 -43.59 -12.08
CA GLN B 198 26.64 -44.20 -11.36
C GLN B 198 27.16 -45.47 -12.04
N GLN B 199 26.24 -46.21 -12.65
CA GLN B 199 26.61 -47.44 -13.33
C GLN B 199 26.99 -47.21 -14.78
N GLY B 200 26.70 -46.01 -15.29
CA GLY B 200 27.09 -45.64 -16.65
C GLY B 200 26.00 -45.84 -17.67
N THR B 201 24.85 -46.35 -17.25
CA THR B 201 23.71 -46.62 -18.08
C THR B 201 23.24 -45.33 -18.78
N LEU B 202 23.28 -44.22 -18.03
CA LEU B 202 23.12 -42.87 -18.55
C LEU B 202 24.50 -42.27 -18.74
N ASP B 203 24.70 -41.48 -19.79
CA ASP B 203 25.96 -40.72 -19.93
C ASP B 203 25.94 -39.41 -19.12
N GLY B 204 24.80 -38.71 -19.13
CA GLY B 204 24.71 -37.37 -18.57
C GLY B 204 23.30 -37.01 -18.11
N GLN B 205 23.15 -35.78 -17.65
CA GLN B 205 21.85 -35.25 -17.22
C GLN B 205 22.05 -33.75 -17.22
N GLU B 206 21.03 -32.98 -16.87
CA GLU B 206 21.15 -31.52 -16.92
C GLU B 206 20.23 -30.94 -15.86
N ASN B 207 20.70 -29.93 -15.13
CA ASN B 207 19.96 -29.45 -13.99
C ASN B 207 20.65 -28.22 -13.42
N PRO B 208 19.99 -27.46 -12.55
CA PRO B 208 20.69 -26.32 -11.97
C PRO B 208 21.82 -26.78 -11.06
N LEU B 209 22.77 -25.89 -10.73
CA LEU B 209 23.88 -26.18 -9.84
C LEU B 209 23.46 -26.75 -8.49
N TRP B 210 22.39 -26.24 -7.91
CA TRP B 210 21.99 -26.75 -6.62
C TRP B 210 21.68 -28.25 -6.66
N VAL B 211 21.17 -28.76 -7.78
CA VAL B 211 20.79 -30.16 -7.83
C VAL B 211 22.06 -30.97 -7.96
N ILE B 212 22.94 -30.51 -8.81
CA ILE B 212 24.19 -31.20 -9.06
C ILE B 212 25.02 -31.27 -7.77
N ALA B 213 25.00 -30.21 -6.99
CA ALA B 213 25.70 -30.16 -5.69
C ALA B 213 25.00 -30.93 -4.57
N GLU B 214 23.71 -30.68 -4.39
CA GLU B 214 22.98 -31.27 -3.28
C GLU B 214 22.67 -32.72 -3.48
N TYR B 215 22.60 -33.18 -4.72
CA TYR B 215 22.42 -34.63 -4.95
C TYR B 215 23.74 -35.35 -5.27
N ARG B 216 24.86 -34.64 -5.12
CA ARG B 216 26.16 -35.30 -5.16
C ARG B 216 26.47 -35.86 -6.58
N LEU B 217 25.97 -35.18 -7.62
CA LEU B 217 26.06 -35.71 -8.99
C LEU B 217 27.50 -35.61 -9.54
N ASN B 218 28.33 -34.80 -8.90
CA ASN B 218 29.73 -34.75 -9.25
C ASN B 218 30.44 -36.07 -8.92
N GLU B 219 29.87 -36.85 -8.01
CA GLU B 219 30.45 -38.15 -7.67
C GLU B 219 30.43 -39.14 -8.83
N VAL B 220 29.53 -38.88 -9.78
CA VAL B 220 29.24 -39.80 -10.88
C VAL B 220 29.13 -39.06 -12.20
N GLN B 221 29.69 -37.84 -12.25
CA GLN B 221 29.74 -37.00 -13.45
C GLN B 221 31.03 -36.19 -13.38
N LYS B 222 31.87 -36.27 -14.41
CA LYS B 222 33.18 -35.60 -14.37
C LYS B 222 33.14 -34.25 -14.99
N HIS B 223 32.16 -34.04 -15.87
CA HIS B 223 32.09 -32.83 -16.69
C HIS B 223 30.84 -31.99 -16.41
N LEU B 224 31.04 -30.67 -16.39
CA LEU B 224 30.00 -29.67 -16.23
C LEU B 224 30.22 -28.54 -17.22
N SER B 225 29.20 -28.25 -18.04
CA SER B 225 29.25 -27.13 -18.97
C SER B 225 28.15 -26.17 -18.62
N LEU B 226 28.49 -24.92 -18.36
CA LEU B 226 27.46 -23.96 -17.97
C LEU B 226 26.67 -23.46 -19.20
N THR B 227 25.91 -24.38 -19.78
CA THR B 227 25.07 -24.11 -20.93
C THR B 227 23.86 -23.21 -20.62
N GLY B 228 23.24 -23.41 -19.46
CA GLY B 228 22.14 -22.55 -19.02
C GLY B 228 21.02 -22.58 -20.04
N HIS B 229 20.82 -23.75 -20.63
CA HIS B 229 19.98 -23.88 -21.82
C HIS B 229 18.48 -23.67 -21.56
N VAL B 230 18.00 -24.03 -20.38
CA VAL B 230 16.62 -23.79 -20.02
C VAL B 230 16.55 -23.12 -18.68
N TYR B 231 15.76 -22.06 -18.55
CA TYR B 231 15.42 -21.54 -17.23
C TYR B 231 14.22 -22.30 -16.63
N SER B 232 14.54 -23.13 -15.65
CA SER B 232 13.59 -24.00 -15.00
C SER B 232 12.97 -23.32 -13.80
N THR B 233 11.64 -23.38 -13.74
CA THR B 233 10.87 -22.97 -12.59
C THR B 233 10.24 -24.21 -11.99
N HIS B 234 9.72 -24.08 -10.77
CA HIS B 234 8.70 -24.97 -10.24
C HIS B 234 7.38 -24.25 -10.27
N THR B 235 6.31 -25.03 -10.39
CA THR B 235 4.96 -24.51 -10.29
C THR B 235 4.40 -24.85 -8.91
N ASP B 236 3.89 -23.82 -8.23
CA ASP B 236 3.27 -23.99 -6.93
C ASP B 236 1.77 -24.06 -7.17
N LEU B 237 1.16 -25.22 -6.93
CA LEU B 237 -0.26 -25.39 -7.25
C LEU B 237 -1.08 -26.12 -6.16
N ALA B 238 -2.39 -26.19 -6.36
CA ALA B 238 -3.27 -26.97 -5.48
C ALA B 238 -4.31 -27.78 -6.26
N ASN B 239 -5.06 -28.65 -5.60
CA ASN B 239 -6.24 -29.24 -6.23
C ASN B 239 -7.28 -28.16 -6.45
N LEU B 240 -7.71 -27.97 -7.69
CA LEU B 240 -8.64 -26.88 -8.01
C LEU B 240 -9.90 -26.94 -7.15
N ALA B 241 -10.59 -28.09 -7.15
CA ALA B 241 -11.83 -28.23 -6.40
C ALA B 241 -11.64 -27.98 -4.90
N TRP B 242 -10.59 -28.53 -4.30
CA TRP B 242 -10.31 -28.29 -2.89
C TRP B 242 -10.06 -26.79 -2.60
N PHE B 243 -9.18 -26.18 -3.38
CA PHE B 243 -8.84 -24.78 -3.21
C PHE B 243 -10.07 -23.88 -3.31
N GLU B 244 -10.89 -24.08 -4.33
CA GLU B 244 -11.97 -23.13 -4.57
C GLU B 244 -13.16 -23.35 -3.61
N ALA B 245 -13.12 -24.37 -2.76
CA ALA B 245 -14.16 -24.61 -1.73
C ALA B 245 -13.82 -23.90 -0.43
N LEU B 246 -12.60 -23.40 -0.34
CA LEU B 246 -12.20 -22.53 0.76
C LEU B 246 -12.85 -21.15 0.67
N PRO B 247 -13.10 -20.53 1.83
CA PRO B 247 -13.55 -19.13 1.84
C PRO B 247 -12.60 -18.23 1.06
N ALA B 248 -13.08 -17.20 0.38
CA ALA B 248 -12.20 -16.34 -0.43
C ALA B 248 -11.08 -15.71 0.37
N ASN B 249 -11.30 -15.37 1.64
CA ASN B 249 -10.22 -14.79 2.42
C ASN B 249 -9.11 -15.79 2.67
N ASP B 250 -9.46 -17.07 2.77
CA ASP B 250 -8.44 -18.10 2.92
C ASP B 250 -7.72 -18.36 1.58
N ARG B 251 -8.45 -18.34 0.47
CA ARG B 251 -7.82 -18.51 -0.84
C ARG B 251 -6.83 -17.39 -1.03
N ARG B 252 -7.15 -16.18 -0.56
CA ARG B 252 -6.19 -15.08 -0.67
C ARG B 252 -4.97 -15.19 0.24
N LEU B 253 -5.15 -15.73 1.43
CA LEU B 253 -4.06 -15.86 2.37
C LEU B 253 -3.07 -16.92 1.90
N LEU B 254 -3.56 -18.07 1.45
CA LEU B 254 -2.67 -19.10 0.94
C LEU B 254 -1.89 -18.58 -0.27
N ALA B 255 -2.55 -17.85 -1.15
CA ALA B 255 -1.90 -17.41 -2.36
C ALA B 255 -0.91 -16.34 -2.04
N SER B 256 -1.23 -15.52 -1.06
CA SER B 256 -0.38 -14.44 -0.64
C SER B 256 0.86 -15.05 0.03
N CYS B 257 0.63 -16.02 0.89
CA CYS B 257 1.71 -16.75 1.52
C CYS B 257 2.60 -17.49 0.51
N MSE B 258 2.02 -18.11 -0.49
CA MSE B 258 2.84 -18.82 -1.46
C MSE B 258 3.61 -17.82 -2.29
O MSE B 258 4.77 -18.06 -2.62
CB MSE B 258 1.99 -19.71 -2.34
CG MSE B 258 2.79 -20.48 -3.37
SE MSE B 258 4.00 -21.82 -2.53
CE MSE B 258 2.58 -23.04 -2.00
H MSE B 258 1.18 -18.14 -0.65
HA MSE B 258 3.46 -19.39 -0.97
HB2 MSE B 258 1.52 -20.35 -1.78
HB3 MSE B 258 1.33 -19.15 -2.81
HG2 MSE B 258 2.19 -20.96 -3.97
HG3 MSE B 258 3.33 -19.87 -3.88
HE1 MSE B 258 2.96 -23.80 -1.55
HE2 MSE B 258 1.97 -22.59 -1.41
HE3 MSE B 258 2.11 -23.34 -2.79
N GLN B 259 3.00 -16.70 -2.65
CA GLN B 259 3.72 -15.64 -3.36
C GLN B 259 4.97 -15.20 -2.58
N ASP B 260 4.79 -14.89 -1.30
CA ASP B 260 5.88 -14.39 -0.48
C ASP B 260 6.95 -15.46 -0.31
N ALA B 261 6.49 -16.70 -0.20
CA ALA B 261 7.37 -17.88 -0.10
C ALA B 261 8.27 -18.11 -1.33
N ALA B 262 7.73 -17.86 -2.52
CA ALA B 262 8.49 -17.95 -3.77
C ALA B 262 9.55 -16.86 -3.87
N LEU B 263 9.16 -15.62 -3.63
CA LEU B 263 10.09 -14.50 -3.76
C LEU B 263 11.24 -14.75 -2.81
N TRP B 264 10.90 -15.19 -1.60
CA TRP B 264 11.88 -15.43 -0.55
C TRP B 264 12.80 -16.57 -0.91
N GLN B 265 12.26 -17.61 -1.53
CA GLN B 265 13.09 -18.75 -1.92
C GLN B 265 13.99 -18.44 -3.12
N ARG B 266 13.54 -17.59 -4.04
CA ARG B 266 14.38 -17.12 -5.15
C ARG B 266 15.59 -16.39 -4.60
N THR B 267 15.34 -15.51 -3.64
CA THR B 267 16.41 -14.82 -2.92
C THR B 267 17.38 -15.79 -2.25
N TRP B 268 16.80 -16.75 -1.52
CA TRP B 268 17.58 -17.67 -0.72
C TRP B 268 18.47 -18.47 -1.63
N SER B 269 17.88 -19.12 -2.63
CA SER B 269 18.66 -19.94 -3.57
C SER B 269 19.70 -19.16 -4.38
N ARG B 270 19.38 -17.96 -4.81
CA ARG B 270 20.33 -17.24 -5.68
C ARG B 270 21.58 -16.88 -4.87
N GLN B 271 21.43 -16.64 -3.58
CA GLN B 271 22.58 -16.34 -2.73
C GLN B 271 23.62 -17.49 -2.77
N ARG B 272 23.14 -18.71 -3.02
CA ARG B 272 23.91 -19.93 -2.79
C ARG B 272 24.63 -20.52 -4.00
N ASP B 273 24.34 -19.98 -5.18
CA ASP B 273 24.81 -20.57 -6.44
C ASP B 273 26.26 -20.36 -6.76
N ALA B 274 26.82 -19.22 -6.38
CA ALA B 274 28.29 -19.04 -6.44
C ALA B 274 28.98 -20.12 -5.64
N ALA B 275 28.46 -20.35 -4.44
CA ALA B 275 29.05 -21.28 -3.50
C ALA B 275 28.86 -22.72 -3.96
N TYR B 276 27.73 -22.99 -4.60
CA TYR B 276 27.50 -24.29 -5.21
C TYR B 276 28.49 -24.58 -6.34
N LEU B 277 28.80 -23.56 -7.14
CA LEU B 277 29.77 -23.70 -8.23
C LEU B 277 31.18 -23.93 -7.67
N GLU B 278 31.53 -23.21 -6.64
CA GLU B 278 32.84 -23.34 -6.03
C GLU B 278 32.97 -24.71 -5.43
N GLN B 279 31.90 -25.16 -4.82
CA GLN B 279 31.83 -26.45 -4.19
C GLN B 279 32.11 -27.55 -5.22
N LEU B 280 31.50 -27.45 -6.38
CA LEU B 280 31.71 -28.47 -7.40
C LEU B 280 33.12 -28.41 -7.97
N ARG B 281 33.67 -27.19 -8.07
CA ARG B 281 35.04 -27.02 -8.52
C ARG B 281 35.99 -27.72 -7.55
N THR B 282 35.86 -27.38 -6.28
CA THR B 282 36.69 -27.96 -5.23
C THR B 282 36.57 -29.47 -5.19
N ALA B 283 35.40 -30.01 -5.47
CA ALA B 283 35.18 -31.45 -5.47
C ALA B 283 35.72 -32.14 -6.73
N GLY B 284 36.26 -31.39 -7.66
CA GLY B 284 36.92 -32.01 -8.80
C GLY B 284 36.17 -32.08 -10.10
N MSE B 285 35.10 -31.32 -10.29
CA MSE B 285 34.45 -31.36 -11.60
C MSE B 285 35.25 -30.50 -12.56
O MSE B 285 35.79 -29.47 -12.18
CB MSE B 285 33.01 -30.86 -11.57
CG MSE B 285 32.04 -31.88 -11.08
SE MSE B 285 30.19 -31.23 -11.31
CE MSE B 285 29.47 -32.56 -12.61
H MSE B 285 34.73 -30.81 -9.70
HA MSE B 285 34.44 -32.28 -11.94
HB2 MSE B 285 32.96 -30.10 -10.97
HB3 MSE B 285 32.75 -30.60 -12.46
HG2 MSE B 285 32.14 -32.69 -11.60
HG3 MSE B 285 32.19 -32.05 -10.14
HE1 MSE B 285 28.56 -32.34 -12.80
HE2 MSE B 285 29.99 -32.53 -13.42
HE3 MSE B 285 29.52 -33.44 -12.21
N GLN B 286 35.34 -30.95 -13.80
CA GLN B 286 35.96 -30.18 -14.87
C GLN B 286 34.93 -29.28 -15.52
N VAL B 287 34.98 -28.00 -15.19
CA VAL B 287 33.88 -27.10 -15.54
C VAL B 287 34.22 -26.26 -16.73
N ILE B 288 33.35 -26.29 -17.73
CA ILE B 288 33.43 -25.36 -18.85
C ILE B 288 32.46 -24.22 -18.62
N GLU B 289 33.02 -23.08 -18.25
CA GLU B 289 32.25 -21.93 -17.82
C GLU B 289 31.55 -21.15 -18.92
N ARG B 290 32.10 -21.20 -20.13
CA ARG B 290 31.55 -20.43 -21.26
C ARG B 290 31.52 -21.30 -22.50
N PRO B 291 30.57 -22.24 -22.55
CA PRO B 291 30.36 -23.04 -23.75
C PRO B 291 29.91 -22.15 -24.92
N ASP B 292 30.15 -22.63 -26.13
CA ASP B 292 29.81 -21.88 -27.30
C ASP B 292 28.32 -21.76 -27.36
N ILE B 293 27.80 -20.75 -26.68
CA ILE B 293 26.37 -20.60 -26.54
C ILE B 293 25.77 -20.32 -27.90
N ALA B 294 26.38 -19.39 -28.64
CA ALA B 294 25.94 -19.13 -30.02
C ALA B 294 25.64 -20.39 -30.80
N THR B 295 26.56 -21.35 -30.86
CA THR B 295 26.26 -22.57 -31.61
C THR B 295 24.97 -23.18 -31.07
N PHE B 296 24.91 -23.39 -29.76
CA PHE B 296 23.70 -23.93 -29.15
C PHE B 296 22.42 -23.18 -29.54
N ARG B 297 22.42 -21.85 -29.47
CA ARG B 297 21.25 -21.10 -29.87
C ARG B 297 20.90 -21.40 -31.31
N GLN B 298 21.91 -21.47 -32.16
CA GLN B 298 21.65 -21.70 -33.55
C GLN B 298 20.98 -23.05 -33.73
N ARG B 299 21.53 -24.09 -33.12
CA ARG B 299 21.10 -25.45 -33.40
C ARG B 299 19.69 -25.74 -32.88
N VAL B 300 19.28 -25.00 -31.86
CA VAL B 300 18.00 -25.27 -31.21
C VAL B 300 16.87 -24.56 -31.92
N GLN B 301 17.17 -23.63 -32.82
CA GLN B 301 16.12 -22.79 -33.39
C GLN B 301 15.03 -23.60 -34.13
N PRO B 302 15.41 -24.65 -34.91
CA PRO B 302 14.37 -25.45 -35.56
C PRO B 302 13.28 -25.94 -34.62
N LEU B 303 13.58 -26.06 -33.33
CA LEU B 303 12.59 -26.54 -32.36
C LEU B 303 11.27 -25.77 -32.41
N SER B 304 11.34 -24.47 -32.64
CA SER B 304 10.12 -23.69 -32.76
C SER B 304 9.13 -24.37 -33.73
N GLY B 305 9.67 -25.11 -34.70
CA GLY B 305 8.84 -25.71 -35.73
C GLY B 305 8.58 -27.20 -35.51
N SER B 306 8.96 -27.72 -34.37
CA SER B 306 8.62 -29.10 -34.12
C SER B 306 7.08 -29.17 -34.00
N ALA B 307 6.52 -30.38 -34.09
CA ALA B 307 5.07 -30.55 -34.06
C ALA B 307 4.52 -30.17 -32.70
N LEU B 308 5.32 -30.41 -31.68
CA LEU B 308 4.97 -29.98 -30.35
C LEU B 308 4.62 -28.48 -30.44
N PHE B 309 5.56 -27.68 -30.92
CA PHE B 309 5.40 -26.25 -30.91
C PHE B 309 4.59 -25.67 -32.07
N GLU B 310 4.29 -26.50 -33.07
CA GLU B 310 3.44 -26.05 -34.17
C GLU B 310 1.96 -26.06 -33.82
N HIS B 311 1.61 -26.58 -32.64
CA HIS B 311 0.25 -26.46 -32.12
C HIS B 311 0.06 -25.04 -31.73
N LYS B 312 -1.06 -24.49 -32.18
CA LYS B 312 -1.28 -23.07 -32.13
C LYS B 312 -1.19 -22.51 -30.70
N GLY B 313 -1.85 -23.19 -29.74
CA GLY B 313 -1.84 -22.78 -28.33
C GLY B 313 -0.46 -22.70 -27.69
N VAL B 314 0.35 -23.76 -27.78
CA VAL B 314 1.73 -23.67 -27.31
C VAL B 314 2.58 -22.62 -28.08
N ARG B 315 2.41 -22.51 -29.39
CA ARG B 315 3.09 -21.47 -30.16
C ARG B 315 2.70 -20.08 -29.65
N LYS B 316 1.43 -19.89 -29.32
CA LYS B 316 0.94 -18.58 -28.94
C LYS B 316 1.43 -18.20 -27.55
N ALA B 317 1.40 -19.16 -26.63
CA ALA B 317 2.05 -18.97 -25.33
C ALA B 317 3.53 -18.54 -25.51
N LEU B 318 4.28 -19.24 -26.36
CA LEU B 318 5.71 -18.95 -26.50
C LEU B 318 5.93 -17.56 -27.08
N GLU B 319 5.12 -17.20 -28.08
CA GLU B 319 5.13 -15.86 -28.64
C GLU B 319 4.89 -14.81 -27.57
N ASP B 320 3.87 -15.05 -26.76
CA ASP B 320 3.52 -14.14 -25.64
C ASP B 320 4.69 -13.99 -24.66
N LEU B 321 5.38 -15.09 -24.34
CA LEU B 321 6.49 -14.98 -23.42
C LEU B 321 7.68 -14.22 -24.04
N MSE B 322 7.98 -14.47 -25.31
CA MSE B 322 9.10 -13.77 -25.92
C MSE B 322 8.83 -12.26 -26.04
O MSE B 322 9.71 -11.44 -25.81
CB MSE B 322 9.42 -14.36 -27.27
CG MSE B 322 9.66 -15.84 -27.24
SE MSE B 322 10.29 -16.53 -28.97
CE MSE B 322 8.60 -16.56 -29.92
H MSE B 322 7.58 -15.02 -25.81
HA MSE B 322 9.90 -13.90 -25.35
HB2 MSE B 322 8.67 -14.20 -27.87
HB3 MSE B 322 10.22 -13.94 -27.62
HG2 MSE B 322 10.34 -16.05 -26.57
HG3 MSE B 322 8.83 -16.29 -27.02
HE1 MSE B 322 8.75 -16.88 -30.81
HE2 MSE B 322 7.99 -17.15 -29.46
HE3 MSE B 322 8.24 -15.68 -29.96
N ALA B 323 7.59 -11.91 -26.35
CA ALA B 323 7.21 -10.51 -26.50
C ALA B 323 7.37 -9.79 -25.15
N ALA B 324 6.94 -10.45 -24.09
CA ALA B 324 7.09 -9.91 -22.76
C ALA B 324 8.53 -9.73 -22.37
N THR B 325 9.41 -10.64 -22.77
CA THR B 325 10.81 -10.49 -22.44
C THR B 325 11.31 -9.20 -23.04
N ARG B 326 10.73 -8.78 -24.17
CA ARG B 326 11.35 -7.68 -24.91
C ARG B 326 10.63 -6.36 -24.66
N ALA B 327 9.41 -6.45 -24.16
CA ALA B 327 8.62 -5.31 -23.76
C ALA B 327 9.37 -4.38 -22.81
N GLU C 25 11.00 -8.41 28.94
CA GLU C 25 10.94 -7.12 29.62
C GLU C 25 9.56 -6.92 30.23
N ASP C 26 9.44 -5.92 31.09
CA ASP C 26 8.14 -5.42 31.54
C ASP C 26 7.57 -4.47 30.51
N ILE C 27 6.33 -4.71 30.14
CA ILE C 27 5.62 -3.81 29.27
C ILE C 27 4.48 -3.21 30.06
N THR C 28 4.46 -1.88 30.14
CA THR C 28 3.36 -1.16 30.79
C THR C 28 2.23 -0.89 29.81
N LEU C 29 1.02 -1.25 30.19
CA LEU C 29 -0.15 -1.01 29.33
C LEU C 29 -1.22 -0.35 30.15
N ALA C 30 -1.75 0.76 29.67
CA ALA C 30 -2.64 1.58 30.51
C ALA C 30 -4.07 1.55 29.97
N VAL C 31 -5.04 1.44 30.88
CA VAL C 31 -6.45 1.66 30.54
C VAL C 31 -7.01 2.66 31.57
N VAL C 32 -8.12 3.32 31.23
CA VAL C 32 -8.69 4.31 32.13
C VAL C 32 -9.72 3.66 33.08
N THR C 33 -10.12 2.42 32.79
CA THR C 33 -11.19 1.77 33.54
C THR C 33 -10.70 0.70 34.52
N LYS C 34 -11.63 0.23 35.36
CA LYS C 34 -11.31 -0.62 36.48
C LYS C 34 -11.51 -2.08 36.16
N PRO C 35 -11.07 -2.94 37.08
CA PRO C 35 -11.25 -4.37 36.83
C PRO C 35 -12.67 -4.71 36.51
N GLY C 36 -12.87 -5.61 35.55
CA GLY C 36 -14.19 -6.00 35.12
C GLY C 36 -14.73 -5.21 33.95
N SER C 37 -14.02 -4.15 33.55
CA SER C 37 -14.47 -3.31 32.45
C SER C 37 -14.02 -3.89 31.12
N ALA C 38 -14.66 -3.49 30.04
CA ALA C 38 -14.37 -4.05 28.72
C ALA C 38 -12.91 -3.93 28.33
N GLN C 39 -12.33 -2.72 28.34
CA GLN C 39 -10.94 -2.64 27.90
C GLN C 39 -10.00 -3.27 28.96
N TYR C 40 -10.37 -3.24 30.23
CA TYR C 40 -9.54 -3.86 31.24
C TYR C 40 -9.47 -5.35 30.95
N VAL C 41 -10.62 -5.97 30.67
CA VAL C 41 -10.67 -7.39 30.39
C VAL C 41 -9.84 -7.71 29.15
N CYS C 42 -9.89 -6.84 28.15
CA CYS C 42 -9.08 -7.05 26.95
C CYS C 42 -7.58 -7.04 27.28
N ALA C 43 -7.16 -6.07 28.08
CA ALA C 43 -5.79 -5.89 28.46
C ALA C 43 -5.30 -7.11 29.24
N GLU C 44 -6.15 -7.61 30.12
CA GLU C 44 -5.79 -8.73 30.98
C GLU C 44 -5.74 -10.06 30.19
N ARG C 45 -6.57 -10.21 29.19
CA ARG C 45 -6.50 -11.41 28.35
C ARG C 45 -5.22 -11.41 27.51
N PHE C 46 -4.92 -10.26 26.90
CA PHE C 46 -3.65 -10.01 26.26
C PHE C 46 -2.49 -10.36 27.24
N ALA C 47 -2.47 -9.76 28.42
CA ALA C 47 -1.33 -10.01 29.31
C ALA C 47 -1.16 -11.48 29.53
N GLN C 48 -2.27 -12.20 29.64
CA GLN C 48 -2.24 -13.65 29.85
C GLN C 48 -1.69 -14.48 28.66
N LEU C 49 -2.17 -14.20 27.47
CA LEU C 49 -1.72 -14.95 26.32
C LEU C 49 -0.22 -14.72 26.04
N LEU C 50 0.25 -13.51 26.32
CA LEU C 50 1.59 -13.12 25.92
C LEU C 50 2.65 -13.69 26.87
N ALA C 51 2.30 -13.84 28.14
CA ALA C 51 3.18 -14.50 29.08
C ALA C 51 3.43 -15.93 28.57
N GLU C 52 2.36 -16.72 28.44
CA GLU C 52 2.50 -18.08 27.93
C GLU C 52 3.35 -18.12 26.69
N ARG C 53 2.86 -17.43 25.67
CA ARG C 53 3.43 -17.49 24.32
C ARG C 53 4.79 -16.84 24.21
N SER C 54 5.13 -15.96 25.13
CA SER C 54 6.48 -15.42 25.16
C SER C 54 7.38 -16.28 26.05
N ASP C 55 6.80 -17.29 26.68
CA ASP C 55 7.52 -18.10 27.65
C ASP C 55 8.04 -17.17 28.70
N LYS C 56 7.18 -16.24 29.08
CA LYS C 56 7.48 -15.33 30.16
C LYS C 56 8.64 -14.43 29.82
N ARG C 57 8.89 -14.23 28.53
CA ARG C 57 9.88 -13.24 28.16
C ARG C 57 9.33 -11.82 28.34
N PHE C 58 8.01 -11.71 28.25
CA PHE C 58 7.37 -10.42 28.38
C PHE C 58 6.44 -10.54 29.52
N ASN C 59 6.45 -9.48 30.31
CA ASN C 59 5.53 -9.33 31.41
C ASN C 59 4.77 -8.00 31.24
N VAL C 60 3.45 -8.10 31.12
CA VAL C 60 2.60 -6.92 30.98
C VAL C 60 2.11 -6.39 32.34
N VAL C 61 2.40 -5.12 32.61
CA VAL C 61 2.02 -4.46 33.86
C VAL C 61 0.86 -3.51 33.59
N LEU C 62 -0.34 -3.84 34.10
CA LEU C 62 -1.52 -3.05 33.84
C LEU C 62 -1.62 -1.85 34.75
N HIS C 63 -1.65 -0.66 34.15
CA HIS C 63 -1.99 0.55 34.87
C HIS C 63 -3.42 0.84 34.58
N HIS C 64 -4.18 1.21 35.61
CA HIS C 64 -5.61 1.40 35.44
C HIS C 64 -6.21 2.59 36.21
N SER C 65 -7.54 2.67 36.13
CA SER C 65 -8.31 3.82 36.60
C SER C 65 -7.70 5.19 36.25
N ALA C 66 -7.71 6.12 37.21
CA ALA C 66 -7.40 7.53 36.92
C ALA C 66 -5.99 7.94 37.33
N SER C 67 -5.17 6.94 37.66
CA SER C 67 -3.86 7.20 38.27
C SER C 67 -3.00 8.00 37.29
N LEU C 68 -3.25 7.75 36.00
CA LEU C 68 -2.57 8.43 34.92
C LEU C 68 -3.45 9.48 34.26
N GLY C 69 -4.68 9.62 34.71
CA GLY C 69 -5.54 10.69 34.23
C GLY C 69 -6.54 10.17 33.21
N THR C 70 -6.88 11.03 32.25
CA THR C 70 -7.91 10.71 31.27
C THR C 70 -7.32 9.89 30.14
N GLU C 71 -8.15 9.36 29.24
CA GLU C 71 -7.60 8.58 28.15
C GLU C 71 -6.76 9.47 27.24
N THR C 72 -7.08 10.75 27.20
CA THR C 72 -6.30 11.67 26.39
C THR C 72 -4.94 11.84 27.08
N ASP C 73 -4.94 11.88 28.42
CA ASP C 73 -3.69 11.96 29.18
C ASP C 73 -2.87 10.71 28.92
N ILE C 74 -3.50 9.56 29.05
CA ILE C 74 -2.86 8.29 28.75
C ILE C 74 -2.23 8.28 27.36
N LEU C 75 -2.98 8.69 26.34
CA LEU C 75 -2.45 8.74 24.97
C LEU C 75 -1.18 9.59 24.83
N GLN C 76 -1.14 10.69 25.54
CA GLN C 76 -0.01 11.57 25.47
C GLN C 76 1.21 10.90 26.07
N GLN C 77 0.97 10.09 27.10
CA GLN C 77 2.03 9.37 27.77
C GLN C 77 2.59 8.25 26.90
N VAL C 78 1.71 7.62 26.14
CA VAL C 78 2.12 6.62 25.15
C VAL C 78 2.88 7.29 24.01
N GLN C 79 2.36 8.38 23.50
CA GLN C 79 3.06 9.10 22.46
C GLN C 79 4.48 9.39 22.92
N LEU C 80 4.61 10.00 24.08
CA LEU C 80 5.91 10.27 24.68
C LEU C 80 6.82 9.06 24.91
N GLY C 81 6.27 7.92 25.28
CA GLY C 81 7.05 6.74 25.53
C GLY C 81 7.18 6.42 27.01
N ALA C 82 6.54 7.20 27.85
CA ALA C 82 6.53 6.91 29.29
C ALA C 82 5.71 5.64 29.60
N VAL C 83 4.74 5.34 28.72
CA VAL C 83 3.88 4.15 28.81
C VAL C 83 3.97 3.42 27.47
N GLN C 84 4.11 2.10 27.46
CA GLN C 84 4.36 1.42 26.19
C GLN C 84 3.13 1.11 25.35
N MSE C 85 2.01 0.79 26.00
CA MSE C 85 0.83 0.34 25.29
C MSE C 85 -0.39 0.89 25.99
O MSE C 85 -0.32 1.31 27.14
CB MSE C 85 0.79 -1.16 25.27
CG MSE C 85 1.99 -1.77 24.58
SE MSE C 85 1.79 -3.69 24.26
CE MSE C 85 0.20 -3.70 23.07
H MSE C 85 1.91 0.84 26.85
HA MSE C 85 0.85 0.67 24.37
HB2 MSE C 85 0.77 -1.50 26.18
HB3 MSE C 85 0.00 -1.45 24.79
HG2 MSE C 85 2.11 -1.34 23.72
HG3 MSE C 85 2.78 -1.63 25.13
HE1 MSE C 85 -0.01 -4.60 22.84
HE2 MSE C 85 -0.55 -3.29 23.54
HE3 MSE C 85 0.39 -3.19 22.28
N ALA C 86 -1.51 0.89 25.29
CA ALA C 86 -2.77 1.23 25.95
C ALA C 86 -3.94 0.72 25.12
N ILE C 87 -5.10 0.64 25.76
CA ILE C 87 -6.37 0.38 25.09
C ILE C 87 -7.33 1.53 25.47
N VAL C 88 -7.68 2.38 24.48
CA VAL C 88 -8.51 3.55 24.73
C VAL C 88 -9.69 3.66 23.78
N THR C 89 -10.75 4.33 24.21
CA THR C 89 -11.93 4.50 23.36
C THR C 89 -11.54 5.27 22.10
N THR C 90 -11.90 4.72 20.96
CA THR C 90 -11.37 5.22 19.70
C THR C 90 -11.69 6.70 19.47
N GLY C 91 -12.85 7.16 19.94
CA GLY C 91 -13.25 8.54 19.74
C GLY C 91 -12.26 9.55 20.26
N THR C 92 -11.51 9.17 21.28
CA THR C 92 -10.54 10.06 21.90
C THR C 92 -9.31 10.30 21.00
N LEU C 93 -9.12 9.46 19.97
CA LEU C 93 -7.95 9.58 19.07
C LEU C 93 -8.15 10.65 18.01
N ASP C 94 -9.38 11.13 17.81
CA ASP C 94 -9.61 12.00 16.66
C ASP C 94 -8.87 13.36 16.84
N ALA C 95 -8.46 13.66 18.06
CA ALA C 95 -7.73 14.88 18.36
C ALA C 95 -6.28 14.73 17.92
N PHE C 96 -5.87 13.49 17.68
CA PHE C 96 -4.50 13.18 17.28
C PHE C 96 -4.47 12.87 15.79
N VAL C 97 -5.47 12.15 15.33
CA VAL C 97 -5.55 11.72 13.96
C VAL C 97 -7.00 11.90 13.51
N PRO C 98 -7.31 13.08 12.95
CA PRO C 98 -8.68 13.43 12.62
C PRO C 98 -9.43 12.38 11.84
N GLU C 99 -8.80 11.67 10.90
CA GLU C 99 -9.50 10.61 10.17
C GLU C 99 -10.17 9.62 11.11
N MSE C 100 -9.67 9.47 12.32
CA MSE C 100 -10.25 8.49 13.21
C MSE C 100 -11.74 8.76 13.49
O MSE C 100 -12.47 7.86 13.85
CB MSE C 100 -9.49 8.41 14.53
CG MSE C 100 -8.04 8.02 14.35
SE MSE C 100 -7.79 6.35 13.32
CE MSE C 100 -8.23 5.01 14.70
H MSE C 100 -9.00 9.92 12.64
HA MSE C 100 -10.18 7.62 12.78
HB2 MSE C 100 -9.51 9.28 14.97
HB3 MSE C 100 -9.90 7.74 15.10
HG2 MSE C 100 -7.59 8.73 13.87
HG3 MSE C 100 -7.64 7.90 15.22
HE1 MSE C 100 -8.14 4.13 14.31
HE2 MSE C 100 -7.62 5.11 15.44
HE3 MSE C 100 -9.13 5.15 14.99
N ALA C 101 -12.17 10.01 13.33
CA ALA C 101 -13.50 10.42 13.77
C ALA C 101 -14.58 9.65 13.01
N ALA C 102 -14.27 9.22 11.78
CA ALA C 102 -15.28 8.57 10.96
C ALA C 102 -15.72 7.22 11.52
N LEU C 103 -14.87 6.59 12.33
CA LEU C 103 -15.21 5.34 12.96
C LEU C 103 -16.36 5.49 13.97
N ASP C 104 -16.54 6.71 14.46
CA ASP C 104 -17.57 6.96 15.47
C ASP C 104 -18.79 7.71 14.89
N PHE C 105 -18.90 7.76 13.56
CA PHE C 105 -20.01 8.48 12.91
C PHE C 105 -21.31 7.73 13.25
N PRO C 106 -22.43 8.44 13.51
CA PRO C 106 -23.65 7.78 14.01
C PRO C 106 -24.22 6.74 13.05
N PHE C 107 -24.64 5.59 13.56
CA PHE C 107 -25.28 4.58 12.73
C PHE C 107 -24.42 4.09 11.55
N LEU C 108 -23.12 4.12 11.71
CA LEU C 108 -22.21 3.51 10.74
C LEU C 108 -22.42 2.01 10.74
N PHE C 109 -22.30 1.41 11.93
CA PHE C 109 -22.60 0.00 12.09
C PHE C 109 -23.82 -0.12 13.01
N THR C 110 -24.72 -1.01 12.64
CA THR C 110 -25.82 -1.31 13.53
C THR C 110 -25.83 -2.80 13.84
N ASP C 111 -24.69 -3.48 13.60
CA ASP C 111 -24.52 -4.85 14.06
C ASP C 111 -23.05 -5.16 14.05
N THR C 112 -22.68 -6.15 14.86
CA THR C 112 -21.27 -6.50 15.12
C THR C 112 -20.63 -7.37 14.05
N THR C 113 -21.44 -8.13 13.32
CA THR C 113 -20.91 -8.96 12.27
C THR C 113 -20.34 -8.06 11.13
N THR C 114 -21.02 -6.97 10.85
CA THR C 114 -20.54 -6.00 9.87
C THR C 114 -19.42 -5.16 10.45
N ALA C 115 -19.54 -4.78 11.71
CA ALA C 115 -18.49 -3.98 12.30
C ALA C 115 -17.19 -4.80 12.36
N ASP C 116 -17.25 -6.06 12.80
CA ASP C 116 -16.05 -6.91 12.89
C ASP C 116 -15.41 -7.06 11.51
N ARG C 117 -16.23 -7.28 10.48
CA ARG C 117 -15.69 -7.53 9.17
C ARG C 117 -15.01 -6.28 8.62
N VAL C 118 -15.63 -5.12 8.85
CA VAL C 118 -15.13 -3.90 8.27
C VAL C 118 -13.91 -3.44 9.05
N LEU C 119 -14.04 -3.38 10.37
CA LEU C 119 -12.92 -3.04 11.27
C LEU C 119 -11.70 -3.94 11.10
N ASP C 120 -11.90 -5.24 10.93
CA ASP C 120 -10.76 -6.14 10.82
C ASP C 120 -10.20 -6.26 9.40
N GLY C 121 -10.94 -5.75 8.43
CA GLY C 121 -10.51 -5.79 7.05
C GLY C 121 -9.63 -4.62 6.65
N PRO C 122 -9.42 -4.44 5.33
CA PRO C 122 -8.49 -3.45 4.78
C PRO C 122 -8.77 -2.00 5.19
N VAL C 123 -10.04 -1.62 5.37
CA VAL C 123 -10.37 -0.22 5.60
C VAL C 123 -10.02 0.14 7.05
N GLY C 124 -10.40 -0.72 7.99
CA GLY C 124 -10.02 -0.55 9.38
C GLY C 124 -8.51 -0.65 9.62
N ARG C 125 -7.89 -1.67 9.05
CA ARG C 125 -6.47 -1.84 9.19
C ARG C 125 -5.67 -0.61 8.68
N GLY C 126 -6.09 -0.01 7.57
CA GLY C 126 -5.42 1.19 7.06
C GLY C 126 -5.56 2.40 7.99
N LEU C 127 -6.69 2.47 8.71
CA LEU C 127 -6.88 3.50 9.75
C LEU C 127 -5.98 3.28 10.99
N LEU C 128 -5.76 2.03 11.36
CA LEU C 128 -4.77 1.70 12.39
C LEU C 128 -3.33 2.06 11.96
N ASP C 129 -2.95 1.75 10.74
CA ASP C 129 -1.59 2.05 10.28
C ASP C 129 -1.42 3.55 10.29
N ARG C 130 -2.50 4.25 9.96
CA ARG C 130 -2.44 5.69 9.88
C ARG C 130 -2.11 6.36 11.21
N LEU C 131 -2.34 5.65 12.29
CA LEU C 131 -1.96 6.17 13.59
C LEU C 131 -0.46 6.41 13.70
N SER C 132 0.31 5.79 12.79
CA SER C 132 1.78 5.95 12.80
C SER C 132 2.17 7.40 12.71
N THR C 133 1.28 8.20 12.12
CA THR C 133 1.53 9.60 11.82
C THR C 133 1.53 10.45 13.09
N ALA C 134 0.90 9.97 14.15
CA ALA C 134 0.95 10.68 15.42
C ALA C 134 1.82 9.92 16.45
N GLY C 135 2.54 8.91 15.99
CA GLY C 135 3.52 8.23 16.83
C GLY C 135 3.05 6.96 17.52
N PHE C 136 1.97 6.36 16.98
CA PHE C 136 1.42 5.14 17.54
C PHE C 136 1.49 4.00 16.56
N LYS C 137 1.73 2.80 17.08
CA LYS C 137 1.51 1.59 16.32
C LYS C 137 0.08 1.10 16.64
N GLY C 138 -0.78 1.09 15.63
CA GLY C 138 -2.12 0.63 15.84
C GLY C 138 -2.14 -0.87 15.59
N LEU C 139 -2.66 -1.62 16.56
CA LEU C 139 -2.60 -3.08 16.49
C LEU C 139 -3.95 -3.73 16.16
N HIS C 140 -5.00 -3.29 16.83
CA HIS C 140 -6.32 -3.87 16.60
C HIS C 140 -7.41 -2.98 17.14
N PHE C 141 -8.64 -3.25 16.73
CA PHE C 141 -9.81 -2.73 17.40
C PHE C 141 -10.38 -3.78 18.38
N SER C 142 -10.90 -3.31 19.51
CA SER C 142 -11.60 -4.17 20.44
C SER C 142 -12.94 -3.49 20.79
N GLU C 143 -13.79 -4.16 21.57
CA GLU C 143 -15.14 -3.64 21.75
C GLU C 143 -15.36 -2.81 22.99
N ASN C 144 -15.95 -1.65 22.79
CA ASN C 144 -16.50 -0.89 23.88
C ASN C 144 -17.97 -1.24 23.88
N GLY C 145 -18.71 -0.84 22.84
CA GLY C 145 -20.08 -1.30 22.64
C GLY C 145 -20.97 -0.26 21.97
N PHE C 146 -22.24 -0.59 21.76
CA PHE C 146 -23.21 0.42 21.33
C PHE C 146 -23.46 1.39 22.47
N ARG C 147 -23.46 2.68 22.17
CA ARG C 147 -23.63 3.75 23.12
C ARG C 147 -25.10 4.11 23.16
N HIS C 148 -25.64 4.20 24.38
CA HIS C 148 -27.05 4.48 24.62
C HIS C 148 -27.13 5.67 25.54
N LEU C 149 -28.19 6.43 25.39
CA LEU C 149 -28.35 7.68 26.11
C LEU C 149 -29.00 7.47 27.48
N THR C 150 -28.44 8.12 28.51
CA THR C 150 -29.08 8.20 29.83
C THR C 150 -29.20 9.65 30.27
N ASN C 151 -30.21 9.94 31.10
CA ASN C 151 -30.37 11.28 31.64
C ASN C 151 -31.27 11.29 32.88
N SER C 152 -31.27 12.41 33.59
CA SER C 152 -32.00 12.48 34.83
C SER C 152 -33.19 13.41 34.75
N ILE C 153 -33.50 13.91 33.56
CA ILE C 153 -34.54 14.91 33.38
C ILE C 153 -35.87 14.34 32.81
N ARG C 154 -35.82 13.55 31.74
CA ARG C 154 -37.06 13.04 31.16
C ARG C 154 -36.78 11.89 30.25
N PRO C 155 -37.81 11.07 29.96
CA PRO C 155 -37.59 9.96 29.04
C PRO C 155 -37.24 10.52 27.68
N VAL C 156 -36.46 9.78 26.88
CA VAL C 156 -36.12 10.25 25.55
C VAL C 156 -36.66 9.32 24.45
N MSE C 157 -37.58 9.86 23.68
CA MSE C 157 -38.18 9.18 22.53
C MSE C 157 -37.56 9.61 21.19
O MSE C 157 -37.25 8.79 20.34
CB MSE C 157 -39.67 9.53 22.48
CG MSE C 157 -40.52 8.72 23.40
SE MSE C 157 -40.44 6.83 22.84
CE MSE C 157 -42.04 6.77 21.75
H MSE C 157 -37.90 10.66 23.79
HA MSE C 157 -38.08 8.21 22.64
HB2 MSE C 157 -39.78 10.45 22.71
HB3 MSE C 157 -39.99 9.38 21.57
HG2 MSE C 157 -40.19 8.79 24.31
HG3 MSE C 157 -41.44 9.02 23.34
HE1 MSE C 157 -42.15 5.89 21.40
HE2 MSE C 157 -42.80 7.00 22.30
HE3 MSE C 157 -41.96 7.41 21.04
N THR C 158 -37.43 10.91 21.02
CA THR C 158 -37.03 11.48 19.76
C THR C 158 -36.06 12.56 20.11
N PRO C 159 -35.39 13.11 19.10
CA PRO C 159 -34.39 14.14 19.34
C PRO C 159 -34.94 15.44 19.88
N ASP C 160 -36.24 15.65 19.79
CA ASP C 160 -36.83 16.81 20.41
C ASP C 160 -36.62 16.67 21.90
N ASP C 161 -36.70 15.43 22.38
CA ASP C 161 -36.61 15.15 23.80
C ASP C 161 -35.26 15.52 24.38
N VAL C 162 -34.23 15.52 23.55
CA VAL C 162 -32.90 15.82 24.03
C VAL C 162 -32.63 17.33 24.00
N ARG C 163 -33.54 18.10 23.41
CA ARG C 163 -33.28 19.52 23.22
C ARG C 163 -32.93 20.28 24.51
N GLY C 164 -31.75 20.88 24.52
CA GLY C 164 -31.30 21.58 25.70
C GLY C 164 -30.56 20.76 26.74
N LEU C 165 -30.66 19.43 26.70
CA LEU C 165 -30.10 18.59 27.76
C LEU C 165 -28.59 18.72 27.80
N LYS C 166 -28.04 18.80 28.99
CA LYS C 166 -26.62 19.00 29.13
C LYS C 166 -25.97 17.63 29.24
N ILE C 167 -25.68 17.10 28.06
CA ILE C 167 -25.15 15.76 27.92
C ILE C 167 -23.65 15.85 27.93
N ARG C 168 -23.03 14.96 28.68
CA ARG C 168 -21.57 14.82 28.65
C ARG C 168 -21.22 13.98 27.45
N VAL C 169 -20.19 14.41 26.74
CA VAL C 169 -19.64 13.58 25.66
C VAL C 169 -18.16 13.36 25.92
N MSE C 170 -17.56 12.37 25.26
CA MSE C 170 -16.10 12.19 25.33
C MSE C 170 -15.37 13.37 24.77
O MSE C 170 -15.95 14.20 24.08
CB MSE C 170 -15.68 10.96 24.57
CG MSE C 170 -16.11 9.70 25.25
SE MSE C 170 -15.35 8.19 24.30
CE MSE C 170 -16.25 8.39 22.55
H MSE C 170 -17.97 11.80 24.77
HA MSE C 170 -15.85 12.07 26.27
HB2 MSE C 170 -16.08 10.97 23.68
HB3 MSE C 170 -14.72 10.94 24.49
HG2 MSE C 170 -15.78 9.69 26.16
HG3 MSE C 170 -17.08 9.63 25.23
HE1 MSE C 170 -15.97 7.69 21.97
HE2 MSE C 170 -17.20 8.34 22.68
HE3 MSE C 170 -16.02 9.24 22.18
N GLU C 171 -14.07 13.44 25.07
CA GLU C 171 -13.25 14.51 24.52
C GLU C 171 -12.90 14.11 23.08
N SER C 172 -13.90 14.33 22.22
CA SER C 172 -13.91 13.89 20.83
C SER C 172 -14.68 14.91 20.00
N GLN C 173 -14.05 15.32 18.90
CA GLN C 173 -14.67 16.27 18.00
C GLN C 173 -15.96 15.71 17.43
N VAL C 174 -15.91 14.54 16.84
CA VAL C 174 -17.12 14.03 16.21
C VAL C 174 -18.26 13.87 17.24
N HIS C 175 -17.97 13.57 18.52
CA HIS C 175 -19.05 13.34 19.49
C HIS C 175 -19.68 14.64 19.93
N ARG C 176 -18.87 15.68 20.08
CA ARG C 176 -19.40 16.98 20.45
C ARG C 176 -20.37 17.51 19.40
N GLU C 177 -19.99 17.35 18.13
CA GLU C 177 -20.82 17.85 17.01
C GLU C 177 -22.08 17.03 16.87
N LEU C 178 -21.95 15.71 16.99
CA LEU C 178 -23.08 14.80 16.91
C LEU C 178 -24.18 15.22 17.85
N TRP C 179 -23.84 15.41 19.12
CA TRP C 179 -24.82 15.77 20.10
C TRP C 179 -25.27 17.20 19.94
N ARG C 180 -24.36 18.04 19.51
CA ARG C 180 -24.72 19.41 19.18
C ARG C 180 -25.79 19.34 18.09
N THR C 181 -25.51 18.56 17.05
CA THR C 181 -26.41 18.41 15.90
C THR C 181 -27.80 17.95 16.34
N LEU C 182 -27.88 17.09 17.36
CA LEU C 182 -29.15 16.57 17.83
C LEU C 182 -29.95 17.55 18.73
N GLY C 183 -29.33 18.68 19.07
CA GLY C 183 -30.04 19.73 19.78
C GLY C 183 -29.78 19.76 21.27
N ALA C 184 -29.00 18.80 21.76
CA ALA C 184 -28.60 18.81 23.16
C ALA C 184 -27.53 19.85 23.28
N ASN C 185 -27.11 20.08 24.50
CA ASN C 185 -26.02 21.00 24.80
C ASN C 185 -24.86 20.20 25.38
N PRO C 186 -23.96 19.68 24.51
CA PRO C 186 -22.95 18.71 24.94
C PRO C 186 -21.79 19.33 25.70
N THR C 187 -21.29 18.62 26.71
CA THR C 187 -20.10 19.00 27.44
C THR C 187 -19.06 17.91 27.30
N PRO C 188 -17.94 18.18 26.59
CA PRO C 188 -16.82 17.25 26.54
C PRO C 188 -16.10 17.16 27.88
N MSE C 189 -15.96 15.95 28.42
CA MSE C 189 -15.33 15.79 29.71
C MSE C 189 -14.71 14.41 29.78
O MSE C 189 -15.31 13.42 29.40
CB MSE C 189 -16.35 15.99 30.84
CG MSE C 189 -15.71 15.87 32.22
SE MSE C 189 -16.98 15.93 33.70
CE MSE C 189 -17.75 17.71 33.43
H MSE C 189 -16.23 15.22 28.06
HA MSE C 189 -14.64 16.46 29.81
HB2 MSE C 189 -16.73 16.88 30.77
HB3 MSE C 189 -17.05 15.32 30.78
HG2 MSE C 189 -15.25 15.02 32.26
HG3 MSE C 189 -15.08 16.60 32.33
HE1 MSE C 189 -18.41 17.88 34.12
HE2 MSE C 189 -17.05 18.37 33.49
HE3 MSE C 189 -18.16 17.75 32.57
N GLY C 190 -13.45 14.36 30.23
CA GLY C 190 -12.76 13.10 30.30
C GLY C 190 -13.36 12.24 31.38
N TRP C 191 -13.03 10.96 31.36
CA TRP C 191 -13.50 10.06 32.39
C TRP C 191 -12.64 10.24 33.65
N PRO C 192 -13.26 10.15 34.83
CA PRO C 192 -14.66 9.81 35.18
C PRO C 192 -15.64 10.98 35.30
N ILE C 193 -16.94 10.65 35.44
CA ILE C 193 -18.01 11.65 35.40
C ILE C 193 -19.16 11.49 36.44
N TYR C 194 -19.07 10.47 37.30
CA TYR C 194 -20.14 10.20 38.27
C TYR C 194 -20.50 11.39 39.15
N ALA C 195 -19.50 12.02 39.73
CA ALA C 195 -19.76 13.15 40.63
C ALA C 195 -20.60 14.25 39.96
N GLU C 196 -20.33 14.52 38.68
CA GLU C 196 -21.05 15.59 37.97
C GLU C 196 -22.49 15.23 37.58
N LEU C 197 -22.75 13.95 37.34
CA LEU C 197 -24.13 13.46 37.16
C LEU C 197 -24.87 13.50 38.49
N GLN C 198 -24.18 13.06 39.53
CA GLN C 198 -24.76 13.00 40.85
C GLN C 198 -25.19 14.41 41.27
N GLN C 199 -24.31 15.37 41.06
CA GLN C 199 -24.56 16.76 41.44
C GLN C 199 -25.57 17.49 40.55
N GLY C 200 -25.92 16.90 39.41
CA GLY C 200 -26.82 17.55 38.46
C GLY C 200 -26.09 18.55 37.57
N THR C 201 -24.77 18.61 37.68
CA THR C 201 -23.96 19.50 36.86
C THR C 201 -24.13 19.16 35.36
N LEU C 202 -24.26 17.89 35.07
CA LEU C 202 -24.69 17.48 33.75
C LEU C 202 -25.97 16.67 33.90
N ASP C 203 -26.86 16.78 32.90
CA ASP C 203 -28.12 16.05 32.88
C ASP C 203 -27.94 14.59 32.48
N GLY C 204 -27.06 14.32 31.52
CA GLY C 204 -26.95 12.95 31.03
C GLY C 204 -25.58 12.61 30.48
N GLN C 205 -25.48 11.41 29.93
CA GLN C 205 -24.26 10.96 29.26
C GLN C 205 -24.69 9.80 28.39
N GLU C 206 -23.74 9.16 27.71
CA GLU C 206 -24.07 8.07 26.79
C GLU C 206 -22.89 7.11 26.68
N ASN C 207 -23.20 5.82 26.60
CA ASN C 207 -22.20 4.81 26.80
C ASN C 207 -22.84 3.44 26.65
N PRO C 208 -22.02 2.41 26.46
CA PRO C 208 -22.57 1.04 26.40
C PRO C 208 -23.16 0.61 27.73
N LEU C 209 -24.03 -0.38 27.68
CA LEU C 209 -24.68 -0.89 28.88
C LEU C 209 -23.63 -1.25 29.96
N TRP C 210 -22.54 -1.92 29.57
CA TRP C 210 -21.55 -2.34 30.55
C TRP C 210 -21.06 -1.17 31.40
N VAL C 211 -20.83 -0.01 30.79
CA VAL C 211 -20.36 1.15 31.55
C VAL C 211 -21.44 1.60 32.55
N ILE C 212 -22.69 1.60 32.10
CA ILE C 212 -23.76 2.12 32.91
C ILE C 212 -23.95 1.25 34.15
N ALA C 213 -23.86 -0.05 33.97
CA ALA C 213 -23.95 -1.02 35.05
C ALA C 213 -22.72 -1.01 35.96
N GLU C 214 -21.55 -1.24 35.35
CA GLU C 214 -20.31 -1.35 36.08
C GLU C 214 -19.96 -0.10 36.85
N TYR C 215 -20.27 1.08 36.35
CA TYR C 215 -19.95 2.25 37.14
C TYR C 215 -21.16 2.80 37.88
N ARG C 216 -22.21 1.98 38.01
CA ARG C 216 -23.35 2.33 38.86
C ARG C 216 -24.01 3.64 38.44
N LEU C 217 -24.06 3.90 37.13
CA LEU C 217 -24.58 5.17 36.66
C LEU C 217 -26.06 5.23 36.91
N ASN C 218 -26.70 4.08 37.17
CA ASN C 218 -28.13 4.07 37.45
C ASN C 218 -28.42 4.82 38.73
N GLU C 219 -27.45 4.88 39.62
CA GLU C 219 -27.64 5.52 40.91
C GLU C 219 -27.86 7.02 40.77
N VAL C 220 -27.45 7.57 39.62
CA VAL C 220 -27.53 9.01 39.41
C VAL C 220 -28.14 9.40 38.07
N GLN C 221 -28.82 8.44 37.42
CA GLN C 221 -29.51 8.63 36.15
C GLN C 221 -30.78 7.81 36.14
N LYS C 222 -31.93 8.44 35.99
CA LYS C 222 -33.17 7.64 36.05
C LYS C 222 -33.60 6.99 34.73
N HIS C 223 -33.19 7.61 33.61
CA HIS C 223 -33.71 7.25 32.31
C HIS C 223 -32.65 6.62 31.40
N LEU C 224 -33.01 5.55 30.70
CA LEU C 224 -32.15 4.94 29.70
C LEU C 224 -32.93 4.81 28.41
N SER C 225 -32.33 5.23 27.29
CA SER C 225 -32.91 4.99 25.96
C SER C 225 -31.93 4.23 25.10
N LEU C 226 -32.37 3.13 24.51
CA LEU C 226 -31.49 2.31 23.68
C LEU C 226 -31.38 2.88 22.25
N THR C 227 -30.71 4.03 22.16
CA THR C 227 -30.50 4.70 20.89
C THR C 227 -29.48 3.94 20.00
N GLY C 228 -28.42 3.41 20.61
CA GLY C 228 -27.47 2.58 19.89
C GLY C 228 -26.85 3.46 18.84
N HIS C 229 -26.64 4.72 19.17
CA HIS C 229 -26.29 5.78 18.22
C HIS C 229 -24.88 5.72 17.62
N VAL C 230 -23.96 5.08 18.31
CA VAL C 230 -22.59 4.96 17.85
C VAL C 230 -22.15 3.57 18.22
N TYR C 231 -21.47 2.90 17.32
CA TYR C 231 -20.80 1.69 17.72
C TYR C 231 -19.39 2.06 18.14
N SER C 232 -19.13 1.93 19.43
CA SER C 232 -17.90 2.45 20.02
C SER C 232 -16.86 1.33 20.11
N THR C 233 -15.69 1.56 19.52
CA THR C 233 -14.60 0.62 19.67
C THR C 233 -13.56 1.20 20.60
N HIS C 234 -12.67 0.33 21.03
CA HIS C 234 -11.43 0.78 21.63
C HIS C 234 -10.33 0.54 20.59
N THR C 235 -9.27 1.34 20.66
CA THR C 235 -8.08 1.08 19.85
C THR C 235 -6.99 0.54 20.74
N ASP C 236 -6.39 -0.57 20.30
CA ASP C 236 -5.27 -1.21 20.96
C ASP C 236 -4.00 -0.78 20.23
N LEU C 237 -3.07 -0.17 20.95
CA LEU C 237 -1.95 0.53 20.31
C LEU C 237 -0.71 0.55 21.20
N ALA C 238 0.42 0.92 20.62
CA ALA C 238 1.70 1.04 21.32
C ALA C 238 2.42 2.30 20.86
N ASN C 239 3.37 2.78 21.66
CA ASN C 239 4.31 3.79 21.20
C ASN C 239 5.01 3.25 19.97
N LEU C 240 5.13 4.05 18.91
CA LEU C 240 5.63 3.53 17.65
C LEU C 240 7.12 3.15 17.73
N ALA C 241 7.94 4.03 18.29
CA ALA C 241 9.38 3.81 18.27
C ALA C 241 9.67 2.59 19.07
N TRP C 242 8.99 2.45 20.21
CA TRP C 242 9.24 1.32 21.09
C TRP C 242 8.92 0.01 20.38
N PHE C 243 7.74 -0.05 19.76
CA PHE C 243 7.26 -1.27 19.17
C PHE C 243 8.16 -1.71 18.01
N GLU C 244 8.57 -0.75 17.18
CA GLU C 244 9.33 -1.08 15.96
C GLU C 244 10.80 -1.39 16.21
N ALA C 245 11.26 -1.19 17.47
CA ALA C 245 12.61 -1.55 17.88
C ALA C 245 12.69 -3.00 18.36
N LEU C 246 11.54 -3.61 18.54
CA LEU C 246 11.47 -5.00 18.94
C LEU C 246 11.78 -5.87 17.73
N PRO C 247 12.27 -7.09 17.96
CA PRO C 247 12.55 -7.95 16.81
C PRO C 247 11.28 -8.33 16.09
N ALA C 248 11.35 -8.49 14.78
CA ALA C 248 10.17 -8.74 13.98
C ALA C 248 9.35 -9.90 14.52
N ASN C 249 10.00 -10.93 15.04
CA ASN C 249 9.28 -12.03 15.67
C ASN C 249 8.46 -11.60 16.87
N ASP C 250 9.03 -10.76 17.71
CA ASP C 250 8.31 -10.28 18.89
C ASP C 250 7.17 -9.33 18.50
N ARG C 251 7.33 -8.59 17.41
CA ARG C 251 6.28 -7.71 16.92
C ARG C 251 5.10 -8.55 16.42
N ARG C 252 5.36 -9.63 15.68
CA ARG C 252 4.26 -10.50 15.25
C ARG C 252 3.61 -11.09 16.46
N LEU C 253 4.41 -11.49 17.44
CA LEU C 253 3.88 -12.15 18.62
C LEU C 253 2.92 -11.22 19.36
N LEU C 254 3.37 -10.00 19.64
CA LEU C 254 2.52 -9.08 20.39
C LEU C 254 1.23 -8.80 19.61
N ALA C 255 1.35 -8.56 18.32
CA ALA C 255 0.20 -8.29 17.49
C ALA C 255 -0.73 -9.48 17.54
N SER C 256 -0.16 -10.68 17.45
CA SER C 256 -0.95 -11.91 17.45
C SER C 256 -1.80 -12.07 18.73
N CYS C 257 -1.15 -11.88 19.86
CA CYS C 257 -1.83 -11.95 21.17
C CYS C 257 -2.87 -10.84 21.34
N MSE C 258 -2.61 -9.63 20.86
CA MSE C 258 -3.57 -8.57 21.03
C MSE C 258 -4.78 -8.85 20.14
O MSE C 258 -5.93 -8.57 20.49
CB MSE C 258 -2.95 -7.20 20.73
CG MSE C 258 -3.89 -6.04 20.93
SE MSE C 258 -4.63 -5.92 22.78
CE MSE C 258 -3.18 -4.87 23.56
H MSE C 258 -1.89 -9.41 20.44
HA MSE C 258 -3.87 -8.56 21.97
HB2 MSE C 258 -2.18 -7.08 21.31
HB3 MSE C 258 -2.66 -7.20 19.79
HG2 MSE C 258 -3.41 -5.21 20.75
HG3 MSE C 258 -4.64 -6.13 20.31
HE1 MSE C 258 -3.38 -4.72 24.49
HE2 MSE C 258 -2.36 -5.37 23.48
HE3 MSE C 258 -3.11 -4.04 23.09
N GLN C 259 -4.54 -9.43 18.97
CA GLN C 259 -5.66 -9.81 18.12
C GLN C 259 -6.54 -10.89 18.78
N ASP C 260 -5.91 -11.91 19.34
CA ASP C 260 -6.65 -12.97 20.01
C ASP C 260 -7.37 -12.46 21.27
N ALA C 261 -6.74 -11.54 21.99
CA ALA C 261 -7.36 -10.89 23.15
C ALA C 261 -8.60 -10.11 22.77
N ALA C 262 -8.52 -9.36 21.67
CA ALA C 262 -9.64 -8.57 21.19
C ALA C 262 -10.78 -9.47 20.71
N LEU C 263 -10.44 -10.55 20.02
CA LEU C 263 -11.47 -11.45 19.52
C LEU C 263 -12.20 -12.07 20.71
N TRP C 264 -11.43 -12.46 21.72
CA TRP C 264 -11.98 -13.07 22.94
C TRP C 264 -12.87 -12.12 23.76
N GLN C 265 -12.40 -10.88 23.95
CA GLN C 265 -13.14 -9.90 24.71
C GLN C 265 -14.40 -9.45 23.98
N ARG C 266 -14.37 -9.41 22.65
CA ARG C 266 -15.62 -9.19 21.93
C ARG C 266 -16.71 -10.18 22.38
N THR C 267 -16.39 -11.47 22.39
CA THR C 267 -17.38 -12.49 22.70
C THR C 267 -17.78 -12.32 24.14
N TRP C 268 -16.78 -12.14 24.99
CA TRP C 268 -16.96 -12.01 26.43
C TRP C 268 -17.96 -10.89 26.75
N SER C 269 -17.71 -9.70 26.22
CA SER C 269 -18.58 -8.53 26.44
C SER C 269 -19.98 -8.68 25.83
N ARG C 270 -20.04 -9.28 24.66
CA ARG C 270 -21.30 -9.43 23.96
C ARG C 270 -22.20 -10.38 24.71
N GLN C 271 -21.60 -11.39 25.32
CA GLN C 271 -22.36 -12.41 26.04
C GLN C 271 -22.94 -11.88 27.34
N ARG C 272 -22.61 -10.65 27.71
CA ARG C 272 -23.09 -10.11 28.98
C ARG C 272 -24.01 -8.90 28.79
N ASP C 273 -24.28 -8.53 27.55
CA ASP C 273 -25.01 -7.30 27.31
C ASP C 273 -26.45 -7.44 27.80
N ALA C 274 -27.07 -8.59 27.51
CA ALA C 274 -28.43 -8.88 28.00
C ALA C 274 -28.49 -8.85 29.52
N ALA C 275 -27.64 -9.61 30.18
CA ALA C 275 -27.58 -9.57 31.63
C ALA C 275 -27.41 -8.16 32.14
N TYR C 276 -26.65 -7.33 31.42
CA TYR C 276 -26.43 -5.95 31.84
C TYR C 276 -27.71 -5.10 31.73
N LEU C 277 -28.50 -5.33 30.70
CA LEU C 277 -29.77 -4.63 30.59
C LEU C 277 -30.71 -5.05 31.74
N GLU C 278 -30.92 -6.34 31.90
CA GLU C 278 -31.84 -6.79 32.92
C GLU C 278 -31.39 -6.32 34.31
N GLN C 279 -30.08 -6.26 34.54
CA GLN C 279 -29.55 -5.74 35.81
C GLN C 279 -30.04 -4.33 36.06
N LEU C 280 -29.99 -3.49 35.02
CA LEU C 280 -30.35 -2.09 35.18
C LEU C 280 -31.86 -1.92 35.40
N ARG C 281 -32.62 -2.78 34.77
CA ARG C 281 -34.06 -2.81 34.95
C ARG C 281 -34.39 -3.07 36.41
N THR C 282 -34.03 -4.27 36.85
CA THR C 282 -34.18 -4.65 38.23
C THR C 282 -33.75 -3.51 39.15
N ALA C 283 -32.72 -2.78 38.78
CA ALA C 283 -32.25 -1.67 39.61
C ALA C 283 -33.21 -0.47 39.58
N GLY C 284 -34.28 -0.56 38.79
CA GLY C 284 -35.29 0.48 38.74
C GLY C 284 -35.00 1.58 37.76
N MSE C 285 -34.24 1.27 36.73
CA MSE C 285 -34.02 2.26 35.68
C MSE C 285 -35.23 2.25 34.74
O MSE C 285 -35.74 1.22 34.39
CB MSE C 285 -32.73 1.98 34.89
CG MSE C 285 -31.87 3.19 34.79
SE MSE C 285 -30.13 2.92 33.92
CE MSE C 285 -29.51 4.79 34.00
H MSE C 285 -33.84 0.52 36.60
HA MSE C 285 -33.94 3.15 36.08
HB2 MSE C 285 -32.22 1.29 35.36
HB3 MSE C 285 -32.96 1.68 34.00
HG2 MSE C 285 -32.36 3.85 34.26
HG3 MSE C 285 -31.72 3.54 35.67
HE1 MSE C 285 -28.63 4.85 33.62
HE2 MSE C 285 -30.12 5.34 33.52
HE3 MSE C 285 -29.47 5.07 34.93
N GLN C 286 -35.68 3.44 34.35
CA GLN C 286 -36.78 3.57 33.40
C GLN C 286 -36.31 3.45 31.95
N VAL C 287 -36.63 2.35 31.27
CA VAL C 287 -36.02 2.05 29.99
C VAL C 287 -36.96 2.24 28.80
N ILE C 288 -36.64 3.20 27.94
CA ILE C 288 -37.24 3.29 26.61
C ILE C 288 -36.45 2.38 25.69
N GLU C 289 -36.93 1.18 25.43
CA GLU C 289 -36.18 0.25 24.59
C GLU C 289 -36.30 0.44 23.07
N ARG C 290 -37.24 1.23 22.60
CA ARG C 290 -37.37 1.45 21.16
C ARG C 290 -37.59 2.94 20.90
N PRO C 291 -36.53 3.74 21.05
CA PRO C 291 -36.74 5.16 20.73
C PRO C 291 -36.97 5.35 19.22
N ASP C 292 -37.28 6.56 18.81
CA ASP C 292 -37.60 6.81 17.41
C ASP C 292 -36.32 6.88 16.63
N ILE C 293 -35.72 5.73 16.34
CA ILE C 293 -34.42 5.67 15.67
C ILE C 293 -34.47 6.43 14.35
N ALA C 294 -35.61 6.35 13.67
CA ALA C 294 -35.77 7.02 12.39
C ALA C 294 -35.51 8.51 12.50
N THR C 295 -36.06 9.15 13.53
CA THR C 295 -35.92 10.60 13.67
C THR C 295 -34.55 10.98 14.21
N PHE C 296 -33.91 10.03 14.86
CA PHE C 296 -32.49 10.19 15.16
C PHE C 296 -31.69 10.10 13.87
N ARG C 297 -31.92 9.05 13.09
CA ARG C 297 -31.20 8.91 11.83
C ARG C 297 -31.29 10.17 10.99
N GLN C 298 -32.43 10.84 11.05
CA GLN C 298 -32.67 11.97 10.19
C GLN C 298 -31.96 13.15 10.74
N ARG C 299 -31.92 13.28 12.04
CA ARG C 299 -31.38 14.49 12.61
C ARG C 299 -29.86 14.52 12.50
N VAL C 300 -29.22 13.37 12.28
CA VAL C 300 -27.74 13.36 12.25
C VAL C 300 -27.23 13.56 10.85
N GLN C 301 -28.13 13.57 9.88
CA GLN C 301 -27.76 13.58 8.47
C GLN C 301 -26.88 14.76 8.05
N PRO C 302 -27.10 15.98 8.61
CA PRO C 302 -26.19 17.10 8.37
C PRO C 302 -24.74 16.94 8.85
N LEU C 303 -24.45 15.97 9.72
CA LEU C 303 -23.13 15.90 10.38
C LEU C 303 -21.97 15.57 9.43
N SER C 304 -22.24 14.76 8.40
CA SER C 304 -21.23 14.42 7.40
C SER C 304 -20.84 15.68 6.64
N GLY C 305 -21.65 16.72 6.80
CA GLY C 305 -21.37 18.03 6.24
C GLY C 305 -20.61 18.94 7.17
N SER C 306 -20.22 18.44 8.33
CA SER C 306 -19.55 19.33 9.25
C SER C 306 -18.18 19.67 8.69
N ALA C 307 -17.67 20.80 9.14
CA ALA C 307 -16.32 21.21 8.83
C ALA C 307 -15.38 20.09 9.17
N LEU C 308 -15.54 19.51 10.36
CA LEU C 308 -14.75 18.36 10.74
C LEU C 308 -14.74 17.39 9.58
N PHE C 309 -15.95 17.07 9.11
CA PHE C 309 -16.15 16.13 8.00
C PHE C 309 -16.14 16.75 6.61
N GLU C 310 -15.49 17.90 6.43
CA GLU C 310 -15.21 18.37 5.07
C GLU C 310 -13.74 18.22 4.75
N HIS C 311 -12.97 17.76 5.73
CA HIS C 311 -11.59 17.42 5.42
C HIS C 311 -11.55 16.17 4.57
N LYS C 312 -10.66 16.19 3.58
CA LYS C 312 -10.63 15.11 2.60
C LYS C 312 -10.28 13.78 3.23
N GLY C 313 -9.27 13.78 4.10
CA GLY C 313 -8.86 12.54 4.74
C GLY C 313 -10.04 11.90 5.46
N VAL C 314 -10.75 12.70 6.27
CA VAL C 314 -11.90 12.28 7.09
C VAL C 314 -13.09 11.81 6.26
N ARG C 315 -13.55 12.63 5.30
CA ARG C 315 -14.65 12.21 4.45
C ARG C 315 -14.29 10.97 3.64
N LYS C 316 -13.05 10.88 3.18
CA LYS C 316 -12.60 9.72 2.41
C LYS C 316 -12.71 8.47 3.25
N ALA C 317 -12.28 8.56 4.51
CA ALA C 317 -12.35 7.43 5.43
C ALA C 317 -13.79 6.95 5.70
N LEU C 318 -14.71 7.89 5.92
CA LEU C 318 -16.13 7.57 6.14
C LEU C 318 -16.74 6.83 4.94
N GLU C 319 -16.57 7.45 3.77
CA GLU C 319 -17.01 6.88 2.51
C GLU C 319 -16.49 5.47 2.29
N ASP C 320 -15.23 5.24 2.65
CA ASP C 320 -14.61 3.91 2.51
C ASP C 320 -15.24 2.93 3.49
N LEU C 321 -15.49 3.39 4.71
CA LEU C 321 -16.13 2.57 5.73
C LEU C 321 -17.60 2.26 5.40
N MSE C 322 -18.35 3.22 4.84
CA MSE C 322 -19.71 2.94 4.43
C MSE C 322 -19.71 1.97 3.26
O MSE C 322 -20.48 1.00 3.27
CB MSE C 322 -20.41 4.24 4.02
CG MSE C 322 -20.53 5.19 5.17
SE MSE C 322 -21.64 6.73 4.86
CE MSE C 322 -20.52 7.83 3.70
H MSE C 322 -18.09 4.03 4.72
HA MSE C 322 -20.21 2.55 5.18
HB2 MSE C 322 -19.90 4.66 3.32
HB3 MSE C 322 -21.31 4.02 3.70
HG2 MSE C 322 -20.89 4.71 5.92
HG3 MSE C 322 -19.64 5.51 5.39
HE1 MSE C 322 -21.00 8.64 3.48
HE2 MSE C 322 -19.70 8.04 4.16
HE3 MSE C 322 -20.32 7.35 2.89
N ALA C 323 -18.86 2.22 2.28
CA ALA C 323 -18.72 1.31 1.14
C ALA C 323 -18.51 -0.07 1.67
N ALA C 324 -17.47 -0.23 2.49
CA ALA C 324 -17.12 -1.54 3.06
C ALA C 324 -18.31 -2.25 3.68
N THR C 325 -19.23 -1.54 4.32
CA THR C 325 -20.31 -2.23 5.03
C THR C 325 -21.20 -2.95 4.04
N ARG C 326 -21.13 -2.58 2.76
CA ARG C 326 -22.00 -3.16 1.74
C ARG C 326 -21.18 -3.96 0.76
N GLU D 25 -45.17 17.78 8.44
CA GLU D 25 -45.31 17.10 7.15
C GLU D 25 -43.95 16.74 6.51
N ASP D 26 -43.81 15.48 6.10
CA ASP D 26 -42.59 14.96 5.48
C ASP D 26 -42.55 15.17 3.97
N ILE D 27 -41.59 15.96 3.52
CA ILE D 27 -41.34 16.16 2.10
C ILE D 27 -40.16 15.32 1.71
N THR D 28 -40.34 14.42 0.75
CA THR D 28 -39.20 13.63 0.31
C THR D 28 -38.47 14.37 -0.78
N LEU D 29 -37.22 14.72 -0.54
CA LEU D 29 -36.45 15.41 -1.57
C LEU D 29 -35.29 14.50 -1.99
N ALA D 30 -35.15 14.29 -3.30
CA ALA D 30 -34.15 13.36 -3.80
C ALA D 30 -33.07 14.08 -4.60
N VAL D 31 -31.85 13.57 -4.48
CA VAL D 31 -30.74 13.98 -5.31
C VAL D 31 -29.94 12.71 -5.62
N VAL D 32 -29.09 12.73 -6.66
CA VAL D 32 -28.41 11.51 -7.07
C VAL D 32 -27.02 11.38 -6.46
N THR D 33 -26.54 12.46 -5.85
CA THR D 33 -25.17 12.51 -5.40
C THR D 33 -25.05 12.32 -3.88
N LYS D 34 -23.81 12.39 -3.39
CA LYS D 34 -23.54 12.03 -2.02
C LYS D 34 -23.30 13.28 -1.21
N PRO D 35 -23.26 13.15 0.13
CA PRO D 35 -23.04 14.34 0.93
C PRO D 35 -21.76 15.03 0.54
N GLY D 36 -21.82 16.35 0.48
CA GLY D 36 -20.68 17.16 0.08
C GLY D 36 -20.72 17.60 -1.37
N SER D 37 -21.51 16.91 -2.19
CA SER D 37 -21.70 17.28 -3.59
C SER D 37 -22.51 18.55 -3.72
N ALA D 38 -22.43 19.22 -4.86
CA ALA D 38 -23.13 20.49 -5.06
C ALA D 38 -24.63 20.42 -4.76
N GLN D 39 -25.36 19.46 -5.32
CA GLN D 39 -26.81 19.51 -5.16
C GLN D 39 -27.23 18.97 -3.81
N TYR D 40 -26.41 18.11 -3.20
CA TYR D 40 -26.69 17.68 -1.84
C TYR D 40 -26.58 18.88 -0.89
N VAL D 41 -25.52 19.66 -1.06
CA VAL D 41 -25.32 20.89 -0.28
C VAL D 41 -26.49 21.86 -0.43
N CYS D 42 -27.03 22.00 -1.64
CA CYS D 42 -28.18 22.89 -1.85
C CYS D 42 -29.43 22.39 -1.10
N ALA D 43 -29.74 21.11 -1.29
CA ALA D 43 -30.84 20.45 -0.65
C ALA D 43 -30.75 20.53 0.87
N GLU D 44 -29.56 20.32 1.39
CA GLU D 44 -29.41 20.35 2.83
C GLU D 44 -29.65 21.76 3.37
N ARG D 45 -29.23 22.76 2.62
CA ARG D 45 -29.39 24.10 3.12
C ARG D 45 -30.86 24.51 3.07
N PHE D 46 -31.52 24.20 1.97
CA PHE D 46 -32.97 24.29 1.86
C PHE D 46 -33.63 23.63 3.09
N ALA D 47 -33.28 22.39 3.38
CA ALA D 47 -33.94 21.72 4.50
C ALA D 47 -33.71 22.51 5.77
N GLN D 48 -32.52 23.07 5.91
CA GLN D 48 -32.17 23.87 7.08
C GLN D 48 -33.05 25.12 7.22
N LEU D 49 -33.10 25.92 6.18
CA LEU D 49 -33.87 27.14 6.22
C LEU D 49 -35.34 26.81 6.38
N LEU D 50 -35.79 25.73 5.74
CA LEU D 50 -37.19 25.41 5.77
C LEU D 50 -37.55 24.99 7.18
N ALA D 51 -36.57 24.47 7.90
CA ALA D 51 -36.75 24.08 9.28
C ALA D 51 -36.66 25.31 10.15
N GLU D 52 -35.69 26.16 9.87
CA GLU D 52 -35.53 27.40 10.61
C GLU D 52 -36.73 28.31 10.49
N ARG D 53 -37.57 28.11 9.47
CA ARG D 53 -38.59 29.10 9.13
C ARG D 53 -40.01 28.63 9.28
N SER D 54 -40.29 27.34 9.06
CA SER D 54 -41.67 26.89 9.05
C SER D 54 -42.13 26.44 10.42
N ASP D 55 -41.34 26.76 11.44
CA ASP D 55 -41.46 26.08 12.73
C ASP D 55 -41.01 24.62 12.60
N LYS D 56 -41.96 23.70 12.68
CA LYS D 56 -41.68 22.29 12.41
C LYS D 56 -42.84 21.73 11.58
N ARG D 57 -43.38 22.58 10.70
CA ARG D 57 -44.51 22.19 9.87
C ARG D 57 -44.10 21.31 8.68
N PHE D 58 -42.80 21.26 8.39
CA PHE D 58 -42.29 20.41 7.32
C PHE D 58 -41.01 19.75 7.78
N ASN D 59 -40.87 18.49 7.40
CA ASN D 59 -39.67 17.70 7.65
C ASN D 59 -39.18 17.13 6.32
N VAL D 60 -38.08 17.66 5.81
CA VAL D 60 -37.60 17.16 4.54
C VAL D 60 -36.83 15.87 4.80
N VAL D 61 -37.21 14.78 4.15
CA VAL D 61 -36.45 13.54 4.21
C VAL D 61 -35.57 13.51 2.98
N LEU D 62 -34.27 13.65 3.17
CA LEU D 62 -33.32 13.71 2.08
C LEU D 62 -32.92 12.29 1.63
N HIS D 63 -33.24 11.94 0.39
CA HIS D 63 -32.77 10.67 -0.21
C HIS D 63 -31.68 10.94 -1.20
N HIS D 64 -30.59 10.18 -1.13
CA HIS D 64 -29.43 10.56 -1.93
C HIS D 64 -28.59 9.39 -2.42
N SER D 65 -27.47 9.74 -3.05
CA SER D 65 -26.60 8.78 -3.74
C SER D 65 -27.45 7.96 -4.71
N ALA D 66 -27.37 6.63 -4.67
CA ALA D 66 -28.09 5.86 -5.66
C ALA D 66 -29.36 5.26 -5.08
N SER D 67 -29.79 5.81 -3.96
CA SER D 67 -31.04 5.42 -3.31
C SER D 67 -32.15 5.13 -4.35
N LEU D 68 -32.40 6.11 -5.23
CA LEU D 68 -33.56 6.05 -6.11
C LEU D 68 -33.26 5.99 -7.61
N GLY D 69 -32.17 5.35 -8.02
CA GLY D 69 -31.88 5.19 -9.43
C GLY D 69 -31.24 6.44 -10.00
N THR D 70 -31.14 6.54 -11.31
CA THR D 70 -30.44 7.66 -11.93
C THR D 70 -31.25 8.95 -11.69
N GLU D 71 -30.73 10.10 -12.12
CA GLU D 71 -31.48 11.36 -12.05
C GLU D 71 -32.75 11.26 -12.90
N THR D 72 -32.75 10.37 -13.87
CA THR D 72 -33.85 10.32 -14.80
C THR D 72 -34.93 9.48 -14.15
N ASP D 73 -34.52 8.46 -13.43
CA ASP D 73 -35.45 7.67 -12.63
C ASP D 73 -36.10 8.55 -11.58
N ILE D 74 -35.27 9.36 -10.92
CA ILE D 74 -35.75 10.33 -9.94
C ILE D 74 -36.87 11.22 -10.49
N LEU D 75 -36.73 11.73 -11.71
CA LEU D 75 -37.68 12.69 -12.26
C LEU D 75 -39.03 12.06 -12.54
N GLN D 76 -39.01 10.79 -12.89
CA GLN D 76 -40.22 10.08 -13.21
C GLN D 76 -40.97 9.73 -11.95
N GLN D 77 -40.22 9.65 -10.87
CA GLN D 77 -40.73 9.30 -9.56
C GLN D 77 -41.38 10.53 -8.95
N VAL D 78 -40.74 11.69 -9.13
CA VAL D 78 -41.35 12.96 -8.77
C VAL D 78 -42.56 13.30 -9.67
N GLN D 79 -42.54 12.82 -10.91
CA GLN D 79 -43.63 13.09 -11.86
C GLN D 79 -44.88 12.28 -11.46
N LEU D 80 -44.71 11.06 -10.97
CA LEU D 80 -45.79 10.27 -10.37
C LEU D 80 -46.19 10.69 -8.95
N GLY D 81 -45.40 11.51 -8.29
CA GLY D 81 -45.74 11.97 -6.96
C GLY D 81 -45.19 11.17 -5.80
N ALA D 82 -44.48 10.10 -6.10
CA ALA D 82 -43.85 9.29 -5.04
C ALA D 82 -42.73 10.04 -4.34
N VAL D 83 -42.18 11.04 -4.99
CA VAL D 83 -41.18 11.91 -4.40
C VAL D 83 -41.70 13.32 -4.60
N GLN D 84 -41.65 14.15 -3.57
CA GLN D 84 -42.24 15.47 -3.66
C GLN D 84 -41.34 16.42 -4.38
N MSE D 85 -40.05 16.35 -4.12
CA MSE D 85 -39.13 17.35 -4.62
C MSE D 85 -37.84 16.72 -5.09
O MSE D 85 -37.57 15.55 -4.82
CB MSE D 85 -38.83 18.37 -3.54
CG MSE D 85 -40.06 19.04 -3.00
SE MSE D 85 -39.61 20.57 -1.86
CE MSE D 85 -38.39 21.60 -3.02
H MSE D 85 -39.68 15.73 -3.64
HA MSE D 85 -39.55 17.81 -5.37
HB2 MSE D 85 -38.39 17.92 -2.79
HB3 MSE D 85 -38.25 19.05 -3.90
HG2 MSE D 85 -40.60 19.37 -3.75
HG3 MSE D 85 -40.57 18.40 -2.48
HE1 MSE D 85 -38.09 22.38 -2.56
HE2 MSE D 85 -37.63 21.05 -3.25
HE3 MSE D 85 -38.85 21.85 -3.82
N ALA D 86 -37.04 17.50 -5.79
CA ALA D 86 -35.74 17.02 -6.22
C ALA D 86 -34.89 18.14 -6.80
N ILE D 87 -33.57 17.97 -6.73
CA ILE D 87 -32.62 18.82 -7.44
C ILE D 87 -31.76 17.97 -8.37
N VAL D 88 -31.80 18.27 -9.67
CA VAL D 88 -31.19 17.41 -10.69
C VAL D 88 -30.53 18.25 -11.76
N THR D 89 -29.48 17.73 -12.36
CA THR D 89 -28.80 18.40 -13.47
C THR D 89 -29.81 18.70 -14.57
N THR D 90 -29.81 19.95 -15.01
CA THR D 90 -30.84 20.45 -15.90
C THR D 90 -30.90 19.67 -17.22
N GLY D 91 -29.76 19.34 -17.79
CA GLY D 91 -29.74 18.62 -19.04
C GLY D 91 -30.56 17.35 -19.04
N THR D 92 -30.75 16.72 -17.87
CA THR D 92 -31.55 15.48 -17.77
C THR D 92 -33.05 15.71 -18.00
N LEU D 93 -33.47 16.97 -17.91
CA LEU D 93 -34.87 17.34 -18.10
C LEU D 93 -35.28 17.37 -19.57
N ASP D 94 -34.28 17.41 -20.48
CA ASP D 94 -34.56 17.62 -21.90
C ASP D 94 -35.53 16.59 -22.46
N ALA D 95 -35.40 15.34 -22.02
CA ALA D 95 -36.32 14.29 -22.43
C ALA D 95 -37.78 14.65 -22.13
N PHE D 96 -38.04 15.37 -21.02
CA PHE D 96 -39.41 15.63 -20.56
C PHE D 96 -39.96 16.93 -21.16
N VAL D 97 -39.09 17.92 -21.29
CA VAL D 97 -39.43 19.20 -21.84
C VAL D 97 -38.27 19.59 -22.71
N PRO D 98 -38.42 19.46 -24.02
CA PRO D 98 -37.23 19.59 -24.85
C PRO D 98 -36.65 20.99 -24.86
N GLU D 99 -37.46 22.03 -24.63
CA GLU D 99 -36.96 23.39 -24.67
C GLU D 99 -35.83 23.58 -23.68
N MSE D 100 -35.76 22.70 -22.69
CA MSE D 100 -34.76 22.86 -21.66
C MSE D 100 -33.38 22.64 -22.20
O MSE D 100 -32.43 23.15 -21.64
CB MSE D 100 -34.98 21.88 -20.50
CG MSE D 100 -36.34 22.06 -19.81
SE MSE D 100 -36.65 23.85 -18.98
CE MSE D 100 -35.53 23.63 -17.34
H MSE D 100 -36.28 22.03 -22.60
HA MSE D 100 -34.82 23.77 -21.29
HB2 MSE D 100 -34.93 20.98 -20.83
HB3 MSE D 100 -34.29 22.02 -19.83
HG2 MSE D 100 -37.03 21.92 -20.47
HG3 MSE D 100 -36.42 21.40 -19.11
HE1 MSE D 100 -35.59 24.44 -16.82
HE2 MSE D 100 -35.86 22.89 -16.82
HE3 MSE D 100 -34.62 23.47 -17.60
N ALA D 101 -33.27 21.86 -23.28
CA ALA D 101 -31.97 21.59 -23.91
C ALA D 101 -31.20 22.88 -24.20
N ALA D 102 -31.92 23.97 -24.41
CA ALA D 102 -31.31 25.24 -24.78
C ALA D 102 -30.30 25.70 -23.72
N LEU D 103 -30.64 25.47 -22.47
CA LEU D 103 -29.84 25.91 -21.35
C LEU D 103 -28.46 25.23 -21.38
N ASP D 104 -28.37 24.02 -21.94
CA ASP D 104 -27.11 23.26 -21.96
C ASP D 104 -26.34 23.39 -23.29
N PHE D 105 -26.55 24.51 -23.98
CA PHE D 105 -25.89 24.75 -25.26
C PHE D 105 -24.46 25.22 -25.04
N PRO D 106 -23.49 24.66 -25.78
CA PRO D 106 -22.08 24.99 -25.52
C PRO D 106 -21.79 26.48 -25.54
N PHE D 107 -21.04 26.95 -24.54
CA PHE D 107 -20.54 28.32 -24.51
C PHE D 107 -21.61 29.40 -24.44
N LEU D 108 -22.81 29.01 -24.06
CA LEU D 108 -23.90 29.97 -23.89
C LEU D 108 -23.52 31.05 -22.89
N PHE D 109 -22.94 30.62 -21.77
CA PHE D 109 -22.54 31.48 -20.67
C PHE D 109 -21.03 31.38 -20.43
N THR D 110 -20.34 32.51 -20.47
CA THR D 110 -18.91 32.49 -20.15
C THR D 110 -18.58 33.04 -18.77
N ASP D 111 -19.58 33.53 -18.06
CA ASP D 111 -19.34 33.80 -16.64
C ASP D 111 -20.62 33.68 -15.84
N THR D 112 -20.46 33.59 -14.53
CA THR D 112 -21.59 33.36 -13.62
C THR D 112 -22.37 34.64 -13.37
N THR D 113 -21.76 35.79 -13.59
CA THR D 113 -22.49 37.04 -13.43
C THR D 113 -23.52 37.17 -14.54
N THR D 114 -23.19 36.67 -15.71
CA THR D 114 -24.16 36.65 -16.77
C THR D 114 -25.17 35.56 -16.46
N ALA D 115 -24.69 34.33 -16.29
CA ALA D 115 -25.57 33.22 -16.05
C ALA D 115 -26.61 33.53 -14.98
N ASP D 116 -26.20 34.02 -13.81
CA ASP D 116 -27.19 34.29 -12.75
C ASP D 116 -28.27 35.24 -13.21
N ARG D 117 -27.87 36.33 -13.85
CA ARG D 117 -28.83 37.37 -14.18
C ARG D 117 -29.86 36.83 -15.12
N VAL D 118 -29.39 36.11 -16.13
CA VAL D 118 -30.24 35.54 -17.15
C VAL D 118 -31.07 34.38 -16.64
N LEU D 119 -30.44 33.44 -15.93
CA LEU D 119 -31.18 32.29 -15.38
C LEU D 119 -32.22 32.69 -14.36
N ASP D 120 -31.94 33.73 -13.59
CA ASP D 120 -32.87 34.18 -12.57
C ASP D 120 -33.86 35.22 -13.13
N GLY D 121 -33.57 35.73 -14.32
CA GLY D 121 -34.47 36.66 -15.00
C GLY D 121 -35.69 36.01 -15.64
N PRO D 122 -36.47 36.80 -16.43
CA PRO D 122 -37.71 36.33 -17.04
C PRO D 122 -37.55 35.20 -18.06
N VAL D 123 -36.40 35.10 -18.73
CA VAL D 123 -36.17 33.98 -19.67
C VAL D 123 -35.94 32.68 -18.91
N GLY D 124 -35.08 32.74 -17.91
CA GLY D 124 -34.86 31.58 -17.06
C GLY D 124 -36.13 31.17 -16.35
N ARG D 125 -36.84 32.15 -15.79
CA ARG D 125 -38.07 31.87 -15.10
C ARG D 125 -39.10 31.30 -16.05
N GLY D 126 -39.09 31.74 -17.31
CA GLY D 126 -40.05 31.26 -18.29
C GLY D 126 -39.87 29.76 -18.52
N LEU D 127 -38.62 29.35 -18.64
CA LEU D 127 -38.34 27.94 -18.84
C LEU D 127 -38.74 27.10 -17.61
N LEU D 128 -38.47 27.65 -16.43
CA LEU D 128 -38.86 26.98 -15.21
C LEU D 128 -40.38 26.86 -15.22
N ASP D 129 -41.06 27.92 -15.66
CA ASP D 129 -42.51 27.87 -15.77
C ASP D 129 -42.92 26.75 -16.72
N ARG D 130 -42.22 26.63 -17.84
CA ARG D 130 -42.57 25.64 -18.86
C ARG D 130 -42.62 24.19 -18.35
N LEU D 131 -41.91 23.88 -17.27
CA LEU D 131 -41.84 22.52 -16.72
C LEU D 131 -43.21 21.98 -16.29
N SER D 132 -44.15 22.88 -16.02
N SER D 132 -44.14 22.89 -16.02
CA SER D 132 -45.50 22.51 -15.60
CA SER D 132 -45.50 22.53 -15.61
C SER D 132 -46.23 21.66 -16.62
C SER D 132 -46.22 21.66 -16.64
N THR D 133 -45.91 21.86 -17.90
CA THR D 133 -46.46 21.00 -18.95
C THR D 133 -46.01 19.55 -18.73
N ALA D 134 -44.90 19.32 -18.04
CA ALA D 134 -44.45 17.96 -17.76
C ALA D 134 -44.81 17.54 -16.34
N GLY D 135 -45.49 18.42 -15.62
CA GLY D 135 -46.02 18.06 -14.30
C GLY D 135 -45.10 18.40 -13.17
N PHE D 136 -44.16 19.30 -13.42
CA PHE D 136 -43.26 19.76 -12.36
C PHE D 136 -43.50 21.23 -12.03
N LYS D 137 -43.17 21.60 -10.81
CA LYS D 137 -43.06 23.00 -10.46
C LYS D 137 -41.59 23.34 -10.43
N GLY D 138 -41.14 24.15 -11.39
CA GLY D 138 -39.74 24.55 -11.40
C GLY D 138 -39.59 25.72 -10.46
N LEU D 139 -38.79 25.54 -9.40
CA LEU D 139 -38.63 26.56 -8.36
C LEU D 139 -37.45 27.47 -8.64
N HIS D 140 -36.32 26.88 -9.01
CA HIS D 140 -35.15 27.69 -9.19
C HIS D 140 -34.04 26.89 -9.83
N PHE D 141 -33.05 27.62 -10.32
CA PHE D 141 -31.81 27.05 -10.79
C PHE D 141 -30.74 27.15 -9.69
N SER D 142 -29.92 26.12 -9.59
CA SER D 142 -28.79 26.14 -8.68
C SER D 142 -27.56 25.66 -9.45
N GLU D 143 -26.43 25.49 -8.77
CA GLU D 143 -25.15 25.37 -9.46
C GLU D 143 -24.57 23.98 -9.54
N ASN D 144 -24.28 23.55 -10.75
CA ASN D 144 -23.48 22.37 -10.93
C ASN D 144 -22.09 22.90 -11.28
N GLY D 145 -21.98 23.72 -12.31
CA GLY D 145 -20.70 24.32 -12.69
C GLY D 145 -20.33 24.23 -14.18
N PHE D 146 -19.24 24.90 -14.57
CA PHE D 146 -18.63 24.73 -15.90
C PHE D 146 -18.03 23.32 -16.07
N ARG D 147 -18.54 22.59 -17.06
CA ARG D 147 -18.15 21.21 -17.30
C ARG D 147 -16.82 21.15 -18.06
N HIS D 148 -15.89 20.30 -17.59
CA HIS D 148 -14.56 20.14 -18.20
C HIS D 148 -14.34 18.69 -18.59
N LEU D 149 -13.54 18.49 -19.62
CA LEU D 149 -13.31 17.18 -20.20
C LEU D 149 -12.15 16.44 -19.56
N THR D 150 -12.38 15.18 -19.19
CA THR D 150 -11.31 14.29 -18.75
C THR D 150 -11.29 13.03 -19.59
N ASN D 151 -10.13 12.41 -19.66
CA ASN D 151 -10.03 11.14 -20.37
C ASN D 151 -8.74 10.41 -19.99
N SER D 152 -8.70 9.12 -20.31
CA SER D 152 -7.52 8.31 -20.03
C SER D 152 -6.68 7.94 -21.27
N ILE D 153 -6.95 8.54 -22.43
CA ILE D 153 -6.24 8.18 -23.66
C ILE D 153 -5.11 9.18 -24.05
N ARG D 154 -5.38 10.47 -24.00
CA ARG D 154 -4.40 11.45 -24.42
C ARG D 154 -4.80 12.85 -23.98
N PRO D 155 -3.86 13.80 -24.02
CA PRO D 155 -4.22 15.19 -23.71
C PRO D 155 -5.15 15.77 -24.76
N VAL D 156 -6.02 16.72 -24.41
CA VAL D 156 -6.90 17.37 -25.39
C VAL D 156 -6.74 18.88 -25.42
N MSE D 157 -6.33 19.39 -26.58
CA MSE D 157 -6.23 20.83 -26.84
C MSE D 157 -7.35 21.36 -27.71
O MSE D 157 -7.87 22.45 -27.48
CB MSE D 157 -4.97 21.10 -27.64
CG MSE D 157 -3.74 20.54 -27.07
SE MSE D 157 -2.70 22.00 -26.31
CE MSE D 157 -2.18 22.99 -27.89
H MSE D 157 -6.10 18.91 -27.26
HA MSE D 157 -6.18 21.32 -25.99
HB2 MSE D 157 -5.08 20.73 -28.53
HB3 MSE D 157 -4.84 22.06 -27.70
HG2 MSE D 157 -3.94 19.91 -26.38
HG3 MSE D 157 -3.21 20.13 -27.78
HE1 MSE D 157 -1.65 23.74 -27.61
HE2 MSE D 157 -1.66 22.41 -28.45
HE3 MSE D 157 -2.97 23.28 -28.34
N THR D 158 -7.64 20.59 -28.75
CA THR D 158 -8.60 20.96 -29.76
C THR D 158 -9.47 19.78 -30.11
N PRO D 159 -10.60 20.07 -30.73
CA PRO D 159 -11.63 19.10 -31.08
C PRO D 159 -11.11 17.94 -31.87
N ASP D 160 -10.00 18.15 -32.56
CA ASP D 160 -9.49 17.06 -33.34
C ASP D 160 -8.89 16.04 -32.40
N ASP D 161 -8.41 16.51 -31.25
CA ASP D 161 -7.85 15.63 -30.22
C ASP D 161 -8.90 14.74 -29.56
N VAL D 162 -10.18 15.00 -29.80
CA VAL D 162 -11.20 14.11 -29.21
C VAL D 162 -11.83 13.21 -30.23
N ARG D 163 -11.29 13.20 -31.46
CA ARG D 163 -11.77 12.31 -32.50
C ARG D 163 -11.77 10.85 -32.00
N GLY D 164 -12.94 10.22 -31.98
CA GLY D 164 -13.07 8.80 -31.68
C GLY D 164 -13.02 8.38 -30.22
N LEU D 165 -12.97 9.37 -29.31
CA LEU D 165 -12.96 9.07 -27.88
C LEU D 165 -14.35 8.69 -27.42
N LYS D 166 -14.40 7.58 -26.68
CA LYS D 166 -15.63 7.09 -26.09
C LYS D 166 -15.92 7.89 -24.84
N ILE D 167 -16.63 8.99 -25.05
CA ILE D 167 -16.90 9.93 -23.97
C ILE D 167 -18.32 9.76 -23.45
N ARG D 168 -18.45 9.38 -22.19
CA ARG D 168 -19.75 9.30 -21.54
C ARG D 168 -20.41 10.67 -21.50
N VAL D 169 -21.68 10.72 -21.90
CA VAL D 169 -22.46 11.94 -21.70
C VAL D 169 -23.63 11.62 -20.81
N MSE D 170 -24.24 12.65 -20.23
CA MSE D 170 -25.52 12.49 -19.51
C MSE D 170 -26.61 11.99 -20.44
O MSE D 170 -26.44 12.00 -21.66
CB MSE D 170 -25.97 13.82 -18.89
CG MSE D 170 -25.04 14.25 -17.81
SE MSE D 170 -25.75 15.74 -16.78
CE MSE D 170 -25.37 17.22 -18.05
H MSE D 170 -23.95 13.46 -20.23
HA MSE D 170 -25.40 11.84 -18.79
HB2 MSE D 170 -25.97 14.50 -19.58
HB3 MSE D 170 -26.85 13.70 -18.51
HG2 MSE D 170 -24.89 13.52 -17.20
HG3 MSE D 170 -24.20 14.54 -18.20
HE1 MSE D 170 -25.67 18.04 -17.65
HE2 MSE D 170 -24.43 17.26 -18.19
HE3 MSE D 170 -25.83 17.05 -18.87
N GLU D 171 -27.73 11.56 -19.88
CA GLU D 171 -28.84 11.05 -20.68
C GLU D 171 -29.65 12.22 -21.28
N SER D 172 -28.96 13.05 -22.07
CA SER D 172 -29.48 14.33 -22.50
C SER D 172 -29.13 14.53 -23.97
N GLN D 173 -30.16 14.68 -24.80
CA GLN D 173 -29.97 14.63 -26.25
C GLN D 173 -28.98 15.68 -26.75
N VAL D 174 -29.01 16.89 -26.20
CA VAL D 174 -28.08 17.92 -26.64
C VAL D 174 -26.62 17.52 -26.32
N HIS D 175 -26.39 16.87 -25.19
CA HIS D 175 -25.04 16.44 -24.83
C HIS D 175 -24.49 15.38 -25.77
N ARG D 176 -25.34 14.42 -26.14
CA ARG D 176 -24.97 13.44 -27.17
C ARG D 176 -24.65 14.15 -28.48
N GLU D 177 -25.55 15.00 -28.96
CA GLU D 177 -25.34 15.69 -30.23
C GLU D 177 -24.11 16.56 -30.13
N LEU D 178 -23.89 17.19 -28.99
CA LEU D 178 -22.71 18.01 -28.78
C LEU D 178 -21.42 17.26 -29.02
N TRP D 179 -21.27 16.09 -28.40
CA TRP D 179 -20.01 15.39 -28.48
C TRP D 179 -19.86 14.63 -29.78
N ARG D 180 -20.96 14.23 -30.36
CA ARG D 180 -20.96 13.64 -31.68
C ARG D 180 -20.48 14.70 -32.69
N THR D 181 -20.96 15.93 -32.52
CA THR D 181 -20.58 17.05 -33.39
C THR D 181 -19.08 17.40 -33.31
N LEU D 182 -18.52 17.36 -32.10
CA LEU D 182 -17.11 17.64 -31.84
C LEU D 182 -16.24 16.52 -32.33
N GLY D 183 -16.88 15.42 -32.69
CA GLY D 183 -16.21 14.34 -33.38
C GLY D 183 -15.89 13.18 -32.49
N ALA D 184 -16.48 13.14 -31.30
CA ALA D 184 -16.25 12.04 -30.36
C ALA D 184 -17.29 10.95 -30.54
N ASN D 185 -17.15 9.90 -29.74
CA ASN D 185 -18.05 8.77 -29.78
C ASN D 185 -18.83 8.73 -28.48
N PRO D 186 -19.85 9.60 -28.35
CA PRO D 186 -20.48 9.77 -27.04
C PRO D 186 -21.34 8.58 -26.66
N THR D 187 -21.35 8.27 -25.36
CA THR D 187 -22.18 7.21 -24.80
C THR D 187 -23.06 7.77 -23.69
N PRO D 188 -24.38 7.81 -23.88
CA PRO D 188 -25.16 8.41 -22.79
C PRO D 188 -25.27 7.44 -21.63
N MSE D 189 -25.24 7.93 -20.41
CA MSE D 189 -25.35 7.01 -19.30
C MSE D 189 -25.55 7.71 -17.98
O MSE D 189 -24.99 8.76 -17.71
CB MSE D 189 -24.12 6.13 -19.24
CG MSE D 189 -24.25 5.01 -18.24
SE MSE D 189 -23.52 3.33 -18.90
CE MSE D 189 -24.41 3.11 -20.62
H MSE D 189 -25.15 8.76 -20.20
HA MSE D 189 -26.11 6.43 -19.46
HB2 MSE D 189 -23.97 5.72 -20.11
HB3 MSE D 189 -23.35 6.66 -19.00
HG2 MSE D 189 -23.77 5.25 -17.43
HG3 MSE D 189 -25.19 4.88 -18.04
HE1 MSE D 189 -24.12 2.30 -21.03
HE2 MSE D 189 -25.37 3.07 -20.47
HE3 MSE D 189 -24.20 3.86 -21.18
N GLY D 190 -26.38 7.09 -17.13
CA GLY D 190 -26.77 7.70 -15.88
C GLY D 190 -25.70 7.60 -14.83
N TRP D 191 -25.77 8.47 -13.84
CA TRP D 191 -24.82 8.45 -12.75
C TRP D 191 -25.09 7.23 -11.92
N PRO D 192 -24.07 6.67 -11.26
CA PRO D 192 -22.61 6.87 -11.36
C PRO D 192 -21.95 6.03 -12.46
N ILE D 193 -20.67 6.28 -12.76
CA ILE D 193 -20.05 5.77 -13.98
C ILE D 193 -18.66 5.15 -13.80
N TYR D 194 -18.10 5.25 -12.58
CA TYR D 194 -16.70 4.91 -12.28
C TYR D 194 -16.22 3.56 -12.85
N ALA D 195 -17.03 2.52 -12.68
CA ALA D 195 -16.62 1.16 -13.03
C ALA D 195 -16.43 1.01 -14.53
N GLU D 196 -17.26 1.74 -15.28
CA GLU D 196 -17.11 1.77 -16.73
C GLU D 196 -15.77 2.43 -17.10
N LEU D 197 -15.46 3.55 -16.45
CA LEU D 197 -14.20 4.24 -16.62
C LEU D 197 -13.00 3.41 -16.14
N GLN D 198 -13.15 2.70 -15.03
CA GLN D 198 -12.05 1.94 -14.49
C GLN D 198 -11.69 0.72 -15.33
N GLN D 199 -12.67 0.24 -16.07
CA GLN D 199 -12.44 -0.85 -16.99
C GLN D 199 -11.86 -0.30 -18.31
N GLY D 200 -12.02 1.01 -18.52
CA GLY D 200 -11.61 1.66 -19.75
C GLY D 200 -12.62 1.46 -20.85
N THR D 201 -13.76 0.88 -20.49
CA THR D 201 -14.86 0.66 -21.40
C THR D 201 -15.22 2.01 -22.05
N LEU D 202 -15.33 3.02 -21.19
CA LEU D 202 -15.36 4.41 -21.64
C LEU D 202 -13.96 4.98 -21.52
N ASP D 203 -13.60 5.88 -22.45
CA ASP D 203 -12.33 6.59 -22.43
C ASP D 203 -12.33 7.83 -21.52
N GLY D 204 -13.48 8.50 -21.37
CA GLY D 204 -13.53 9.68 -20.52
C GLY D 204 -14.94 10.10 -20.22
N GLN D 205 -15.09 11.30 -19.69
CA GLN D 205 -16.39 11.88 -19.32
C GLN D 205 -16.14 13.35 -19.20
N GLU D 206 -17.14 14.11 -18.78
CA GLU D 206 -17.02 15.56 -18.60
C GLU D 206 -17.97 16.01 -17.49
N ASN D 207 -17.50 16.90 -16.63
CA ASN D 207 -18.26 17.34 -15.50
C ASN D 207 -17.55 18.51 -14.87
N PRO D 208 -18.18 19.18 -13.91
CA PRO D 208 -17.45 20.21 -13.17
C PRO D 208 -16.31 19.64 -12.29
N LEU D 209 -15.36 20.46 -11.88
CA LEU D 209 -14.22 20.00 -11.07
C LEU D 209 -14.63 19.33 -9.76
N TRP D 210 -15.68 19.82 -9.12
CA TRP D 210 -16.15 19.18 -7.89
C TRP D 210 -16.51 17.72 -8.11
N VAL D 211 -17.11 17.38 -9.24
CA VAL D 211 -17.50 16.00 -9.48
C VAL D 211 -16.23 15.15 -9.62
N ILE D 212 -15.27 15.68 -10.37
CA ILE D 212 -14.04 14.97 -10.67
C ILE D 212 -13.26 14.73 -9.38
N ALA D 213 -13.23 15.74 -8.54
CA ALA D 213 -12.59 15.63 -7.22
C ALA D 213 -13.37 14.70 -6.25
N GLU D 214 -14.64 15.00 -6.01
CA GLU D 214 -15.43 14.31 -4.98
C GLU D 214 -15.76 12.86 -5.31
N TYR D 215 -15.64 12.49 -6.57
CA TYR D 215 -15.94 11.12 -6.93
C TYR D 215 -14.64 10.44 -7.35
N ARG D 216 -13.52 11.07 -7.02
CA ARG D 216 -12.18 10.48 -7.15
C ARG D 216 -11.94 10.05 -8.60
N LEU D 217 -12.38 10.88 -9.53
CA LEU D 217 -12.29 10.52 -10.93
C LEU D 217 -10.86 10.57 -11.43
N ASN D 218 -9.98 11.28 -10.70
CA ASN D 218 -8.53 11.21 -10.96
C ASN D 218 -7.90 9.82 -10.79
N GLU D 219 -8.62 8.90 -10.15
CA GLU D 219 -8.14 7.53 -10.01
C GLU D 219 -8.27 6.77 -11.30
N VAL D 220 -9.19 7.18 -12.15
CA VAL D 220 -9.44 6.47 -13.39
C VAL D 220 -9.33 7.37 -14.65
N GLN D 221 -8.85 8.60 -14.46
CA GLN D 221 -8.69 9.57 -15.54
C GLN D 221 -7.32 10.23 -15.39
N LYS D 222 -6.56 10.25 -16.47
CA LYS D 222 -5.20 10.76 -16.42
C LYS D 222 -5.11 12.23 -16.83
N HIS D 223 -6.05 12.63 -17.70
CA HIS D 223 -6.03 13.93 -18.34
C HIS D 223 -7.30 14.76 -18.00
N LEU D 224 -7.11 16.08 -17.90
CA LEU D 224 -8.18 17.05 -17.63
C LEU D 224 -7.91 18.23 -18.56
N SER D 225 -8.96 18.75 -19.18
CA SER D 225 -8.85 19.96 -19.98
C SER D 225 -9.90 20.93 -19.52
N LEU D 226 -9.49 22.16 -19.21
CA LEU D 226 -10.45 23.18 -18.78
C LEU D 226 -11.16 23.79 -19.98
N THR D 227 -11.94 22.94 -20.66
CA THR D 227 -12.73 23.33 -21.82
C THR D 227 -13.98 24.17 -21.50
N GLY D 228 -14.55 23.97 -20.31
CA GLY D 228 -15.67 24.77 -19.82
C GLY D 228 -16.76 24.90 -20.86
N HIS D 229 -17.02 23.78 -21.54
CA HIS D 229 -17.85 23.79 -22.72
C HIS D 229 -19.33 24.12 -22.46
N VAL D 230 -19.89 23.56 -21.40
CA VAL D 230 -21.25 23.86 -20.98
C VAL D 230 -21.21 24.41 -19.57
N TYR D 231 -21.97 25.45 -19.30
CA TYR D 231 -22.20 25.82 -17.92
C TYR D 231 -23.42 25.05 -17.41
N SER D 232 -23.19 24.10 -16.49
CA SER D 232 -24.24 23.18 -16.05
C SER D 232 -24.98 23.68 -14.81
N THR D 233 -26.31 23.78 -14.87
CA THR D 233 -27.08 24.05 -13.65
C THR D 233 -27.73 22.80 -13.15
N HIS D 234 -28.28 22.90 -11.94
CA HIS D 234 -29.33 21.97 -11.51
C HIS D 234 -30.66 22.70 -11.55
N THR D 235 -31.72 21.93 -11.72
CA THR D 235 -33.06 22.45 -11.53
C THR D 235 -33.59 21.95 -10.20
N ASP D 236 -34.15 22.89 -9.44
CA ASP D 236 -34.76 22.65 -8.14
C ASP D 236 -36.27 22.64 -8.39
N LEU D 237 -36.90 21.49 -8.26
CA LEU D 237 -38.31 21.39 -8.66
C LEU D 237 -39.16 20.53 -7.69
N ALA D 238 -40.48 20.59 -7.84
CA ALA D 238 -41.43 19.81 -7.03
C ALA D 238 -42.45 19.14 -7.92
N ASN D 239 -43.14 18.13 -7.42
CA ASN D 239 -44.32 17.58 -8.08
C ASN D 239 -45.37 18.69 -8.15
N LEU D 240 -45.84 19.00 -9.36
CA LEU D 240 -46.75 20.12 -9.57
C LEU D 240 -48.02 20.06 -8.72
N ALA D 241 -48.68 18.90 -8.72
CA ALA D 241 -49.97 18.73 -8.08
C ALA D 241 -49.81 18.88 -6.59
N TRP D 242 -48.82 18.20 -6.04
CA TRP D 242 -48.57 18.29 -4.62
C TRP D 242 -48.21 19.72 -4.18
N PHE D 243 -47.35 20.38 -4.94
CA PHE D 243 -46.95 21.74 -4.59
C PHE D 243 -48.16 22.69 -4.60
N GLU D 244 -48.97 22.64 -5.66
CA GLU D 244 -50.07 23.58 -5.81
C GLU D 244 -51.25 23.32 -4.85
N ALA D 245 -51.29 22.13 -4.23
CA ALA D 245 -52.30 21.78 -3.22
C ALA D 245 -51.94 22.38 -1.87
N LEU D 246 -50.70 22.86 -1.72
CA LEU D 246 -50.28 23.49 -0.49
C LEU D 246 -50.87 24.87 -0.41
N PRO D 247 -51.06 25.37 0.81
CA PRO D 247 -51.48 26.76 0.99
C PRO D 247 -50.46 27.71 0.38
N ALA D 248 -50.96 28.81 -0.15
CA ALA D 248 -50.09 29.79 -0.80
C ALA D 248 -48.94 30.23 0.08
N ASN D 249 -49.20 30.56 1.34
CA ASN D 249 -48.12 30.86 2.28
C ASN D 249 -47.05 29.80 2.29
N ASP D 250 -47.43 28.55 2.14
CA ASP D 250 -46.42 27.51 2.15
C ASP D 250 -45.74 27.47 0.79
N ARG D 251 -46.49 27.64 -0.29
CA ARG D 251 -45.87 27.69 -1.61
C ARG D 251 -44.85 28.81 -1.66
N ARG D 252 -45.17 29.96 -1.09
CA ARG D 252 -44.19 31.04 -1.05
C ARG D 252 -43.01 30.69 -0.13
N LEU D 253 -43.28 30.13 1.04
CA LEU D 253 -42.21 29.79 1.97
C LEU D 253 -41.23 28.78 1.36
N LEU D 254 -41.75 27.73 0.74
CA LEU D 254 -40.88 26.73 0.14
C LEU D 254 -40.01 27.35 -0.95
N ALA D 255 -40.60 28.17 -1.79
CA ALA D 255 -39.93 28.77 -2.93
C ALA D 255 -38.95 29.83 -2.47
N SER D 256 -39.19 30.40 -1.29
CA SER D 256 -38.24 31.33 -0.70
C SER D 256 -37.04 30.61 -0.09
N CYS D 257 -37.29 29.50 0.59
CA CYS D 257 -36.21 28.73 1.18
C CYS D 257 -35.33 28.13 0.08
N MSE D 258 -35.98 27.73 -1.00
CA MSE D 258 -35.23 27.14 -2.10
C MSE D 258 -34.47 28.22 -2.85
O MSE D 258 -33.33 27.98 -3.26
CB MSE D 258 -36.15 26.37 -3.03
CG MSE D 258 -35.38 25.74 -4.18
SE MSE D 258 -34.16 24.37 -3.54
CE MSE D 258 -35.53 22.98 -3.45
H MSE D 258 -36.83 27.78 -1.12
HA MSE D 258 -34.59 26.50 -1.73
HB2 MSE D 258 -36.59 25.66 -2.53
HB3 MSE D 258 -36.81 26.98 -3.41
HG2 MSE D 258 -36.01 25.34 -4.80
HG3 MSE D 258 -34.87 26.43 -4.62
HE1 MSE D 258 -35.13 22.17 -3.14
HE2 MSE D 258 -36.21 23.27 -2.84
HE3 MSE D 258 -35.90 22.85 -4.33
N GLN D 259 -35.05 29.41 -3.01
CA GLN D 259 -34.31 30.49 -3.66
C GLN D 259 -33.08 30.88 -2.84
N ASP D 260 -33.23 31.02 -1.53
CA ASP D 260 -32.07 31.37 -0.70
C ASP D 260 -31.00 30.26 -0.62
N ALA D 261 -31.43 29.00 -0.69
CA ALA D 261 -30.48 27.90 -0.68
C ALA D 261 -29.66 27.86 -1.96
N ALA D 262 -30.30 28.20 -3.08
CA ALA D 262 -29.62 28.20 -4.37
C ALA D 262 -28.57 29.27 -4.44
N LEU D 263 -28.90 30.47 -3.94
CA LEU D 263 -27.97 31.62 -3.93
C LEU D 263 -26.74 31.39 -3.03
N TRP D 264 -27.01 30.85 -1.85
CA TRP D 264 -25.97 30.47 -0.92
C TRP D 264 -25.03 29.47 -1.56
N GLN D 265 -25.59 28.32 -1.95
CA GLN D 265 -24.83 27.24 -2.57
C GLN D 265 -24.04 27.71 -3.77
N ARG D 266 -24.61 28.57 -4.60
CA ARG D 266 -23.83 29.22 -5.65
C ARG D 266 -22.50 29.77 -5.09
N THR D 267 -22.56 30.54 -4.02
CA THR D 267 -21.38 31.17 -3.44
C THR D 267 -20.46 30.12 -2.85
N TRP D 268 -21.05 29.18 -2.16
CA TRP D 268 -20.32 28.13 -1.51
C TRP D 268 -19.49 27.41 -2.52
N SER D 269 -20.14 26.92 -3.56
CA SER D 269 -19.45 26.11 -4.56
C SER D 269 -18.33 26.88 -5.27
N ARG D 270 -18.56 28.17 -5.50
CA ARG D 270 -17.59 28.98 -6.22
C ARG D 270 -16.39 29.27 -5.36
N GLN D 271 -16.62 29.52 -4.08
CA GLN D 271 -15.52 29.70 -3.15
C GLN D 271 -14.54 28.55 -3.24
N ARG D 272 -15.00 27.37 -3.68
CA ARG D 272 -14.21 26.15 -3.55
C ARG D 272 -13.64 25.59 -4.84
N ASP D 273 -13.96 26.20 -5.96
CA ASP D 273 -13.64 25.61 -7.24
C ASP D 273 -12.13 25.63 -7.57
N ALA D 274 -11.46 26.68 -7.14
CA ALA D 274 -10.00 26.77 -7.26
C ALA D 274 -9.28 25.67 -6.47
N ALA D 275 -9.72 25.46 -5.24
CA ALA D 275 -9.10 24.48 -4.38
C ALA D 275 -9.26 23.09 -4.96
N TYR D 276 -10.35 22.88 -5.70
CA TYR D 276 -10.59 21.60 -6.34
C TYR D 276 -9.61 21.32 -7.47
N LEU D 277 -9.26 22.38 -8.19
CA LEU D 277 -8.29 22.32 -9.26
C LEU D 277 -6.90 22.04 -8.68
N GLU D 278 -6.54 22.72 -7.59
CA GLU D 278 -5.30 22.43 -6.86
C GLU D 278 -5.30 21.00 -6.33
N GLN D 279 -6.43 20.54 -5.81
CA GLN D 279 -6.51 19.18 -5.34
C GLN D 279 -6.16 18.20 -6.45
N LEU D 280 -6.69 18.43 -7.64
CA LEU D 280 -6.51 17.52 -8.79
C LEU D 280 -5.11 17.61 -9.43
N ARG D 281 -4.50 18.78 -9.38
CA ARG D 281 -3.11 18.92 -9.79
C ARG D 281 -2.23 18.11 -8.87
N THR D 282 -2.39 18.39 -7.56
CA THR D 282 -1.56 17.81 -6.54
C THR D 282 -1.75 16.32 -6.49
N ALA D 283 -2.83 15.82 -7.06
CA ALA D 283 -3.07 14.39 -7.07
C ALA D 283 -2.60 13.74 -8.38
N GLY D 284 -2.03 14.53 -9.28
CA GLY D 284 -1.31 13.98 -10.41
C GLY D 284 -2.02 14.01 -11.76
N MSE D 285 -3.15 14.68 -11.83
CA MSE D 285 -3.87 14.77 -13.08
C MSE D 285 -3.08 15.67 -13.99
O MSE D 285 -2.52 16.68 -13.56
CB MSE D 285 -5.26 15.34 -12.87
CG MSE D 285 -6.27 14.29 -12.57
SE MSE D 285 -8.10 14.88 -13.05
CE MSE D 285 -8.42 13.65 -14.56
H MSE D 285 -3.53 15.11 -11.17
HA MSE D 285 -3.95 13.88 -13.48
HB2 MSE D 285 -5.24 15.96 -12.12
HB3 MSE D 285 -5.54 15.81 -13.67
HG2 MSE D 285 -6.06 13.50 -13.09
HG3 MSE D 285 -6.25 14.09 -11.63
HE1 MSE D 285 -9.30 13.81 -14.91
HE2 MSE D 285 -7.76 13.80 -15.24
HE3 MSE D 285 -8.36 12.74 -14.23
N GLN D 286 -3.02 15.31 -15.26
CA GLN D 286 -2.32 16.16 -16.19
C GLN D 286 -3.31 17.18 -16.78
N VAL D 287 -3.07 18.45 -16.49
CA VAL D 287 -4.04 19.49 -16.74
C VAL D 287 -3.61 20.37 -17.88
N ILE D 288 -4.49 20.48 -18.87
CA ILE D 288 -4.41 21.48 -19.91
C ILE D 288 -5.33 22.63 -19.54
N GLU D 289 -4.72 23.73 -19.13
CA GLU D 289 -5.46 24.79 -18.45
C GLU D 289 -6.10 25.79 -19.37
N ARG D 290 -5.63 25.86 -20.61
CA ARG D 290 -6.13 26.82 -21.58
C ARG D 290 -6.20 26.06 -22.88
N PRO D 291 -7.26 25.29 -23.07
CA PRO D 291 -7.32 24.54 -24.32
C PRO D 291 -7.75 25.55 -25.43
N ASP D 292 -7.81 25.12 -26.68
CA ASP D 292 -8.14 26.08 -27.70
C ASP D 292 -9.61 26.19 -27.84
N ILE D 293 -10.17 27.09 -27.07
CA ILE D 293 -11.60 27.33 -27.04
C ILE D 293 -12.09 27.83 -28.39
N ALA D 294 -11.39 28.82 -28.98
CA ALA D 294 -11.81 29.38 -30.25
C ALA D 294 -12.24 28.24 -31.14
N THR D 295 -11.36 27.26 -31.32
CA THR D 295 -11.65 26.11 -32.15
C THR D 295 -12.83 25.27 -31.68
N PHE D 296 -12.97 25.14 -30.37
CA PHE D 296 -14.12 24.45 -29.80
C PHE D 296 -15.38 25.27 -30.12
N ARG D 297 -15.29 26.58 -30.01
CA ARG D 297 -16.44 27.42 -30.33
C ARG D 297 -16.82 27.24 -31.79
N GLN D 298 -15.83 27.12 -32.65
CA GLN D 298 -16.10 26.92 -34.06
C GLN D 298 -16.73 25.59 -34.35
N ARG D 299 -16.17 24.50 -33.84
CA ARG D 299 -16.63 23.19 -34.27
C ARG D 299 -18.03 22.86 -33.75
N VAL D 300 -18.52 23.60 -32.75
CA VAL D 300 -19.84 23.29 -32.17
C VAL D 300 -20.96 23.99 -32.90
N GLN D 301 -20.60 24.80 -33.89
CA GLN D 301 -21.59 25.62 -34.60
C GLN D 301 -22.63 24.78 -35.36
N PRO D 302 -22.21 23.69 -36.01
CA PRO D 302 -23.26 22.87 -36.66
C PRO D 302 -24.41 22.43 -35.72
N LEU D 303 -24.18 22.44 -34.41
CA LEU D 303 -25.19 21.99 -33.45
C LEU D 303 -26.45 22.87 -33.55
N SER D 304 -26.23 24.14 -33.87
CA SER D 304 -27.30 25.13 -33.87
C SER D 304 -28.43 24.69 -34.80
N GLY D 305 -28.02 23.95 -35.85
CA GLY D 305 -28.92 23.49 -36.90
C GLY D 305 -29.40 22.07 -36.73
N SER D 306 -29.05 21.43 -35.61
CA SER D 306 -29.46 20.04 -35.40
C SER D 306 -30.98 19.85 -35.28
N ALA D 307 -31.38 18.59 -35.37
CA ALA D 307 -32.77 18.16 -35.28
C ALA D 307 -33.39 18.63 -33.98
N LEU D 308 -32.64 18.43 -32.91
CA LEU D 308 -33.10 18.81 -31.58
C LEU D 308 -33.43 20.29 -31.53
N PHE D 309 -32.53 21.10 -32.09
CA PHE D 309 -32.66 22.56 -32.02
C PHE D 309 -33.53 23.11 -33.12
N GLU D 310 -34.02 22.21 -33.97
CA GLU D 310 -34.86 22.61 -35.04
C GLU D 310 -36.30 22.82 -34.61
N HIS D 311 -36.75 22.16 -33.54
CA HIS D 311 -38.10 22.47 -33.05
C HIS D 311 -38.11 23.97 -32.80
N LYS D 312 -39.27 24.59 -33.04
CA LYS D 312 -39.45 26.04 -32.89
C LYS D 312 -39.23 26.53 -31.46
N GLY D 313 -39.81 25.80 -30.51
CA GLY D 313 -39.70 26.13 -29.09
C GLY D 313 -38.26 26.13 -28.63
N VAL D 314 -37.49 25.11 -29.03
CA VAL D 314 -36.10 24.98 -28.62
C VAL D 314 -35.27 26.14 -29.19
N ARG D 315 -35.36 26.38 -30.49
CA ARG D 315 -34.66 27.49 -31.09
C ARG D 315 -35.06 28.83 -30.47
N LYS D 316 -36.35 29.11 -30.30
CA LYS D 316 -36.77 30.36 -29.66
C LYS D 316 -36.18 30.50 -28.26
N ALA D 317 -36.21 29.41 -27.50
CA ALA D 317 -35.64 29.40 -26.15
C ALA D 317 -34.15 29.78 -26.20
N LEU D 318 -33.41 29.14 -27.12
CA LEU D 318 -31.96 29.41 -27.30
C LEU D 318 -31.68 30.86 -27.66
N GLU D 319 -32.43 31.37 -28.63
CA GLU D 319 -32.32 32.76 -29.02
C GLU D 319 -32.59 33.74 -27.88
N ASP D 320 -33.63 33.48 -27.10
CA ASP D 320 -33.97 34.40 -26.01
C ASP D 320 -32.92 34.38 -24.94
N LEU D 321 -32.32 33.20 -24.72
CA LEU D 321 -31.22 33.10 -23.76
C LEU D 321 -30.05 33.95 -24.23
N MSE D 322 -29.63 33.77 -25.48
CA MSE D 322 -28.51 34.54 -26.01
C MSE D 322 -28.80 36.04 -26.04
O MSE D 322 -28.01 36.83 -25.56
CB MSE D 322 -28.19 34.06 -27.41
CG MSE D 322 -27.49 32.73 -27.41
SE MSE D 322 -27.11 32.08 -29.20
CE MSE D 322 -26.30 30.37 -28.71
H MSE D 322 -29.98 33.22 -26.04
HA MSE D 322 -27.73 34.38 -25.46
HB2 MSE D 322 -29.02 33.96 -27.91
HB3 MSE D 322 -27.60 34.69 -27.85
HG2 MSE D 322 -26.65 32.80 -26.94
HG3 MSE D 322 -28.06 32.07 -26.97
HE1 MSE D 322 -26.04 29.92 -29.50
HE2 MSE D 322 -25.53 30.54 -28.16
HE3 MSE D 322 -26.94 29.86 -28.22
N ALA D 323 -29.94 36.44 -26.58
CA ALA D 323 -30.38 37.83 -26.50
C ALA D 323 -30.23 38.39 -25.10
N ALA D 324 -30.51 37.56 -24.10
CA ALA D 324 -30.41 37.97 -22.69
C ALA D 324 -28.97 38.18 -22.24
N THR D 325 -28.04 37.41 -22.79
CA THR D 325 -26.65 37.55 -22.38
C THR D 325 -26.01 38.85 -22.91
N ARG D 326 -26.63 39.44 -23.94
CA ARG D 326 -26.14 40.70 -24.52
C ARG D 326 -27.06 41.84 -24.11
O1 PAF E . 31.92 9.96 2.94
C1 PAF E . 32.47 8.84 2.76
O2 PAF E . 33.67 8.56 2.99
C2 PAF E . 31.56 7.71 2.24
O3 PAF E . 32.34 6.52 2.33
C3 PAF E . 31.10 7.97 0.78
C4 PAF E . 32.32 8.35 -0.05
C5 PAF E . 30.03 9.07 0.79
C6 PAF E . 30.53 6.72 0.12
O4 PAF E . 29.38 6.26 0.81
O1 PAF F . 13.68 -33.78 -12.47
C1 PAF F . 14.55 -32.85 -12.48
O2 PAF F . 15.61 -32.84 -13.15
C2 PAF F . 14.21 -31.61 -11.62
O3 PAF F . 14.97 -30.52 -12.06
C3 PAF F . 14.48 -31.85 -10.12
C4 PAF F . 15.87 -32.50 -9.97
C5 PAF F . 13.41 -32.73 -9.46
C6 PAF F . 14.55 -30.52 -9.35
O4 PAF F . 13.30 -29.90 -9.20
O1 PAF G . -17.44 7.35 27.84
C1 PAF G . -16.25 7.08 27.90
O2 PAF G . -15.36 7.85 28.30
C2 PAF G . -15.82 5.66 27.40
O3 PAF G . -16.86 5.04 26.64
C3 PAF G . -15.41 4.75 28.58
C4 PAF G . -16.48 4.75 29.72
C5 PAF G . -14.10 5.24 29.13
C6 PAF G . -15.26 3.29 28.17
O4 PAF G . -14.13 3.15 27.36
O1 PAF H . -24.44 13.12 -14.33
C1 PAF H . -23.71 14.14 -14.42
O2 PAF H . -22.74 14.27 -15.19
C2 PAF H . -24.09 15.33 -13.49
O3 PAF H . -23.39 16.50 -13.86
C3 PAF H . -23.77 14.97 -12.02
C4 PAF H . -22.43 14.28 -11.95
C5 PAF H . -24.83 14.03 -11.46
C6 PAF H . -23.74 16.20 -11.12
O4 PAF H . -25.04 16.75 -11.07
#